data_1RNB
# 
_entry.id   1RNB 
# 
_audit_conform.dict_name       mmcif_pdbx.dic 
_audit_conform.dict_version    5.386 
_audit_conform.dict_location   http://mmcif.pdb.org/dictionaries/ascii/mmcif_pdbx.dic 
# 
loop_
_database_2.database_id 
_database_2.database_code 
_database_2.pdbx_database_accession 
_database_2.pdbx_DOI 
PDB   1RNB         pdb_00001rnb 10.2210/pdb1rnb/pdb 
RCSB  PD0242       ?            ?                   
WWPDB D_1000176132 ?            ?                   
# 
loop_
_pdbx_audit_revision_history.ordinal 
_pdbx_audit_revision_history.data_content_type 
_pdbx_audit_revision_history.major_revision 
_pdbx_audit_revision_history.minor_revision 
_pdbx_audit_revision_history.revision_date 
1 'Structure model' 1 0 1992-07-15 
2 'Structure model' 1 1 2008-05-22 
3 'Structure model' 1 2 2011-07-13 
4 'Structure model' 1 3 2024-02-14 
# 
_pdbx_audit_revision_details.ordinal             1 
_pdbx_audit_revision_details.revision_ordinal    1 
_pdbx_audit_revision_details.data_content_type   'Structure model' 
_pdbx_audit_revision_details.provider            repository 
_pdbx_audit_revision_details.type                'Initial release' 
_pdbx_audit_revision_details.description         ? 
_pdbx_audit_revision_details.details             ? 
# 
loop_
_pdbx_audit_revision_group.ordinal 
_pdbx_audit_revision_group.revision_ordinal 
_pdbx_audit_revision_group.data_content_type 
_pdbx_audit_revision_group.group 
1 2 'Structure model' 'Version format compliance' 
2 3 'Structure model' 'Version format compliance' 
3 4 'Structure model' 'Data collection'           
4 4 'Structure model' 'Database references'       
5 4 'Structure model' 'Derived calculations'      
6 4 'Structure model' Other                       
# 
loop_
_pdbx_audit_revision_category.ordinal 
_pdbx_audit_revision_category.revision_ordinal 
_pdbx_audit_revision_category.data_content_type 
_pdbx_audit_revision_category.category 
1 4 'Structure model' chem_comp_atom       
2 4 'Structure model' chem_comp_bond       
3 4 'Structure model' database_2           
4 4 'Structure model' pdbx_database_status 
5 4 'Structure model' struct_ref_seq_dif   
6 4 'Structure model' struct_site          
# 
loop_
_pdbx_audit_revision_item.ordinal 
_pdbx_audit_revision_item.revision_ordinal 
_pdbx_audit_revision_item.data_content_type 
_pdbx_audit_revision_item.item 
1 4 'Structure model' '_database_2.pdbx_DOI'                
2 4 'Structure model' '_database_2.pdbx_database_accession' 
3 4 'Structure model' '_pdbx_database_status.process_site'  
4 4 'Structure model' '_struct_ref_seq_dif.details'         
5 4 'Structure model' '_struct_site.pdbx_auth_asym_id'      
6 4 'Structure model' '_struct_site.pdbx_auth_comp_id'      
7 4 'Structure model' '_struct_site.pdbx_auth_seq_id'       
# 
_pdbx_database_status.status_code                     REL 
_pdbx_database_status.entry_id                        1RNB 
_pdbx_database_status.recvd_initial_deposition_date   1991-03-19 
_pdbx_database_status.deposit_site                    ? 
_pdbx_database_status.process_site                    NDB 
_pdbx_database_status.SG_entry                        . 
_pdbx_database_status.pdb_format_compatible           Y 
_pdbx_database_status.status_code_mr                  ? 
_pdbx_database_status.status_code_sf                  ? 
_pdbx_database_status.status_code_cs                  ? 
_pdbx_database_status.status_code_nmr_data            ? 
_pdbx_database_status.methods_development_category    ? 
# 
loop_
_audit_author.name 
_audit_author.pdbx_ordinal 
'Janin, J.'  1 
'Baudet, S.' 2 
# 
loop_
_citation.id 
_citation.title 
_citation.journal_abbrev 
_citation.journal_volume 
_citation.page_first 
_citation.page_last 
_citation.year 
_citation.journal_id_ASTM 
_citation.country 
_citation.journal_id_ISSN 
_citation.journal_id_CSD 
_citation.book_publisher 
_citation.pdbx_database_id_PubMed 
_citation.pdbx_database_id_DOI 
primary 'Crystal structure of a barnase-d(GpC) complex at 1.9 A resolution.' J.Mol.Biol. 219 123 132 1991 JMOBAK UK 0022-2836 0070 
? 2023257 '10.1016/0022-2836(91)90862-Z' 
1       'Molecular Structures of a New Family of Ribonucleases'              Nature      297 162 ?   1982 NATUAS UK 0028-0836 0006 
? ?       ?                              
# 
loop_
_citation_author.citation_id 
_citation_author.name 
_citation_author.ordinal 
_citation_author.identifier_ORCID 
primary 'Baudet, S.'    1 ? 
primary 'Janin, J.'     2 ? 
1       'Mauguen, Y.'   3 ? 
1       'Hartley, R.W.' 4 ? 
1       'Dodson, E.J.'  5 ? 
1       'Dodson, G.G.'  6 ? 
1       'Bricogne, G.'  7 ? 
1       'Chothia, C.'   8 ? 
1       'Jack, A.'      9 ? 
# 
loop_
_entity.id 
_entity.type 
_entity.src_method 
_entity.pdbx_description 
_entity.formula_weight 
_entity.pdbx_number_of_molecules 
_entity.pdbx_ec 
_entity.pdbx_mutation 
_entity.pdbx_fragment 
_entity.details 
1 polymer     syn 
;DNA (5'-D(*GP*C)-3')
;
573.430   1  3.1.27.- ? ? ? 
2 polymer     man BARNASE                12398.721 1  ?        ? ? ? 
3 non-polymer syn 'SULFATE ION'          96.063    1  ?        ? ? ? 
4 water       nat water                  18.015    96 ?        ? ? ? 
# 
loop_
_entity_poly.entity_id 
_entity_poly.type 
_entity_poly.nstd_linkage 
_entity_poly.nstd_monomer 
_entity_poly.pdbx_seq_one_letter_code 
_entity_poly.pdbx_seq_one_letter_code_can 
_entity_poly.pdbx_strand_id 
_entity_poly.pdbx_target_identifier 
1 polydeoxyribonucleotide no no '(DG)(DC)' GC C ? 
2 'polypeptide(L)'        no no 
;AQVINTFDGVADYLQTYHKLPNDYITKSEAQALGWVASKGNLADVAPGKSIGGDIFSNREGKLPGKSGRTWREADINYTS
GFRNSDRILYSSDWLIYKTTDHYQTFTKIR
;
;AQVINTFDGVADYLQTYHKLPNDYITKSEAQALGWVASKGNLADVAPGKSIGGDIFSNREGKLPGKSGRTWREADINYTS
GFRNSDRILYSSDWLIYKTTDHYQTFTKIR
;
A ? 
# 
loop_
_pdbx_entity_nonpoly.entity_id 
_pdbx_entity_nonpoly.name 
_pdbx_entity_nonpoly.comp_id 
3 'SULFATE ION' SO4 
4 water         HOH 
# 
loop_
_entity_poly_seq.entity_id 
_entity_poly_seq.num 
_entity_poly_seq.mon_id 
_entity_poly_seq.hetero 
1 1   DG  n 
1 2   DC  n 
2 1   ALA n 
2 2   GLN n 
2 3   VAL n 
2 4   ILE n 
2 5   ASN n 
2 6   THR n 
2 7   PHE n 
2 8   ASP n 
2 9   GLY n 
2 10  VAL n 
2 11  ALA n 
2 12  ASP n 
2 13  TYR n 
2 14  LEU n 
2 15  GLN n 
2 16  THR n 
2 17  TYR n 
2 18  HIS n 
2 19  LYS n 
2 20  LEU n 
2 21  PRO n 
2 22  ASN n 
2 23  ASP n 
2 24  TYR n 
2 25  ILE n 
2 26  THR n 
2 27  LYS n 
2 28  SER n 
2 29  GLU n 
2 30  ALA n 
2 31  GLN n 
2 32  ALA n 
2 33  LEU n 
2 34  GLY n 
2 35  TRP n 
2 36  VAL n 
2 37  ALA n 
2 38  SER n 
2 39  LYS n 
2 40  GLY n 
2 41  ASN n 
2 42  LEU n 
2 43  ALA n 
2 44  ASP n 
2 45  VAL n 
2 46  ALA n 
2 47  PRO n 
2 48  GLY n 
2 49  LYS n 
2 50  SER n 
2 51  ILE n 
2 52  GLY n 
2 53  GLY n 
2 54  ASP n 
2 55  ILE n 
2 56  PHE n 
2 57  SER n 
2 58  ASN n 
2 59  ARG n 
2 60  GLU n 
2 61  GLY n 
2 62  LYS n 
2 63  LEU n 
2 64  PRO n 
2 65  GLY n 
2 66  LYS n 
2 67  SER n 
2 68  GLY n 
2 69  ARG n 
2 70  THR n 
2 71  TRP n 
2 72  ARG n 
2 73  GLU n 
2 74  ALA n 
2 75  ASP n 
2 76  ILE n 
2 77  ASN n 
2 78  TYR n 
2 79  THR n 
2 80  SER n 
2 81  GLY n 
2 82  PHE n 
2 83  ARG n 
2 84  ASN n 
2 85  SER n 
2 86  ASP n 
2 87  ARG n 
2 88  ILE n 
2 89  LEU n 
2 90  TYR n 
2 91  SER n 
2 92  SER n 
2 93  ASP n 
2 94  TRP n 
2 95  LEU n 
2 96  ILE n 
2 97  TYR n 
2 98  LYS n 
2 99  THR n 
2 100 THR n 
2 101 ASP n 
2 102 HIS n 
2 103 TYR n 
2 104 GLN n 
2 105 THR n 
2 106 PHE n 
2 107 THR n 
2 108 LYS n 
2 109 ILE n 
2 110 ARG n 
# 
_entity_src_gen.entity_id                          2 
_entity_src_gen.pdbx_src_id                        1 
_entity_src_gen.pdbx_alt_source_flag               sample 
_entity_src_gen.pdbx_seq_type                      ? 
_entity_src_gen.pdbx_beg_seq_num                   ? 
_entity_src_gen.pdbx_end_seq_num                   ? 
_entity_src_gen.gene_src_common_name               ? 
_entity_src_gen.gene_src_genus                     Bacillus 
_entity_src_gen.pdbx_gene_src_gene                 ? 
_entity_src_gen.gene_src_species                   ? 
_entity_src_gen.gene_src_strain                    ? 
_entity_src_gen.gene_src_tissue                    ? 
_entity_src_gen.gene_src_tissue_fraction           ? 
_entity_src_gen.gene_src_details                   ? 
_entity_src_gen.pdbx_gene_src_fragment             ? 
_entity_src_gen.pdbx_gene_src_scientific_name      'Bacillus amyloliquefaciens' 
_entity_src_gen.pdbx_gene_src_ncbi_taxonomy_id     1390 
_entity_src_gen.pdbx_gene_src_variant              ? 
_entity_src_gen.pdbx_gene_src_cell_line            ? 
_entity_src_gen.pdbx_gene_src_atcc                 ? 
_entity_src_gen.pdbx_gene_src_organ                ? 
_entity_src_gen.pdbx_gene_src_organelle            ? 
_entity_src_gen.pdbx_gene_src_cell                 ? 
_entity_src_gen.pdbx_gene_src_cellular_location    ? 
_entity_src_gen.host_org_common_name               ? 
_entity_src_gen.pdbx_host_org_scientific_name      ? 
_entity_src_gen.pdbx_host_org_ncbi_taxonomy_id     ? 
_entity_src_gen.host_org_genus                     ? 
_entity_src_gen.pdbx_host_org_gene                 ? 
_entity_src_gen.pdbx_host_org_organ                ? 
_entity_src_gen.host_org_species                   ? 
_entity_src_gen.pdbx_host_org_tissue               ? 
_entity_src_gen.pdbx_host_org_tissue_fraction      ? 
_entity_src_gen.pdbx_host_org_strain               ? 
_entity_src_gen.pdbx_host_org_variant              ? 
_entity_src_gen.pdbx_host_org_cell_line            ? 
_entity_src_gen.pdbx_host_org_atcc                 ? 
_entity_src_gen.pdbx_host_org_culture_collection   ? 
_entity_src_gen.pdbx_host_org_cell                 ? 
_entity_src_gen.pdbx_host_org_organelle            ? 
_entity_src_gen.pdbx_host_org_cellular_location    ? 
_entity_src_gen.pdbx_host_org_vector_type          ? 
_entity_src_gen.pdbx_host_org_vector               ? 
_entity_src_gen.host_org_details                   ? 
_entity_src_gen.expression_system_id               ? 
_entity_src_gen.plasmid_name                       ? 
_entity_src_gen.plasmid_details                    ? 
_entity_src_gen.pdbx_description                   ? 
# 
loop_
_chem_comp.id 
_chem_comp.type 
_chem_comp.mon_nstd_flag 
_chem_comp.name 
_chem_comp.pdbx_synonyms 
_chem_comp.formula 
_chem_comp.formula_weight 
ALA 'L-peptide linking' y ALANINE                              ? 'C3 H7 N O2'      89.093  
ARG 'L-peptide linking' y ARGININE                             ? 'C6 H15 N4 O2 1'  175.209 
ASN 'L-peptide linking' y ASPARAGINE                           ? 'C4 H8 N2 O3'     132.118 
ASP 'L-peptide linking' y 'ASPARTIC ACID'                      ? 'C4 H7 N O4'      133.103 
DC  'DNA linking'       y "2'-DEOXYCYTIDINE-5'-MONOPHOSPHATE"  ? 'C9 H14 N3 O7 P'  307.197 
DG  'DNA linking'       y "2'-DEOXYGUANOSINE-5'-MONOPHOSPHATE" ? 'C10 H14 N5 O7 P' 347.221 
GLN 'L-peptide linking' y GLUTAMINE                            ? 'C5 H10 N2 O3'    146.144 
GLU 'L-peptide linking' y 'GLUTAMIC ACID'                      ? 'C5 H9 N O4'      147.129 
GLY 'peptide linking'   y GLYCINE                              ? 'C2 H5 N O2'      75.067  
HIS 'L-peptide linking' y HISTIDINE                            ? 'C6 H10 N3 O2 1'  156.162 
HOH non-polymer         . WATER                                ? 'H2 O'            18.015  
ILE 'L-peptide linking' y ISOLEUCINE                           ? 'C6 H13 N O2'     131.173 
LEU 'L-peptide linking' y LEUCINE                              ? 'C6 H13 N O2'     131.173 
LYS 'L-peptide linking' y LYSINE                               ? 'C6 H15 N2 O2 1'  147.195 
PHE 'L-peptide linking' y PHENYLALANINE                        ? 'C9 H11 N O2'     165.189 
PRO 'L-peptide linking' y PROLINE                              ? 'C5 H9 N O2'      115.130 
SER 'L-peptide linking' y SERINE                               ? 'C3 H7 N O3'      105.093 
SO4 non-polymer         . 'SULFATE ION'                        ? 'O4 S -2'         96.063  
THR 'L-peptide linking' y THREONINE                            ? 'C4 H9 N O3'      119.119 
TRP 'L-peptide linking' y TRYPTOPHAN                           ? 'C11 H12 N2 O2'   204.225 
TYR 'L-peptide linking' y TYROSINE                             ? 'C9 H11 N O3'     181.189 
VAL 'L-peptide linking' y VALINE                               ? 'C5 H11 N O2'     117.146 
# 
loop_
_pdbx_poly_seq_scheme.asym_id 
_pdbx_poly_seq_scheme.entity_id 
_pdbx_poly_seq_scheme.seq_id 
_pdbx_poly_seq_scheme.mon_id 
_pdbx_poly_seq_scheme.ndb_seq_num 
_pdbx_poly_seq_scheme.pdb_seq_num 
_pdbx_poly_seq_scheme.auth_seq_num 
_pdbx_poly_seq_scheme.pdb_mon_id 
_pdbx_poly_seq_scheme.auth_mon_id 
_pdbx_poly_seq_scheme.pdb_strand_id 
_pdbx_poly_seq_scheme.pdb_ins_code 
_pdbx_poly_seq_scheme.hetero 
A 1 1   DG  1   111 111 DG  G   C . n 
A 1 2   DC  2   112 112 DC  C   C . n 
B 2 1   ALA 1   1   ?   ?   ?   A . n 
B 2 2   GLN 2   2   2   GLN GLN A . n 
B 2 3   VAL 3   3   3   VAL VAL A . n 
B 2 4   ILE 4   4   4   ILE ILE A . n 
B 2 5   ASN 5   5   5   ASN ASN A . n 
B 2 6   THR 6   6   6   THR THR A . n 
B 2 7   PHE 7   7   7   PHE PHE A . n 
B 2 8   ASP 8   8   8   ASP ASP A . n 
B 2 9   GLY 9   9   9   GLY GLY A . n 
B 2 10  VAL 10  10  10  VAL VAL A . n 
B 2 11  ALA 11  11  11  ALA ALA A . n 
B 2 12  ASP 12  12  12  ASP ASP A . n 
B 2 13  TYR 13  13  13  TYR TYR A . n 
B 2 14  LEU 14  14  14  LEU LEU A . n 
B 2 15  GLN 15  15  15  GLN GLN A . n 
B 2 16  THR 16  16  16  THR THR A . n 
B 2 17  TYR 17  17  17  TYR TYR A . n 
B 2 18  HIS 18  18  18  HIS HIS A . n 
B 2 19  LYS 19  19  19  LYS LYS A . n 
B 2 20  LEU 20  20  20  LEU LEU A . n 
B 2 21  PRO 21  21  21  PRO PRO A . n 
B 2 22  ASN 22  22  22  ASN ASN A . n 
B 2 23  ASP 23  23  23  ASP ASP A . n 
B 2 24  TYR 24  24  24  TYR TYR A . n 
B 2 25  ILE 25  25  25  ILE ILE A . n 
B 2 26  THR 26  26  26  THR THR A . n 
B 2 27  LYS 27  27  27  LYS LYS A . n 
B 2 28  SER 28  28  28  SER SER A . n 
B 2 29  GLU 29  29  29  GLU GLU A . n 
B 2 30  ALA 30  30  30  ALA ALA A . n 
B 2 31  GLN 31  31  31  GLN GLN A . n 
B 2 32  ALA 32  32  32  ALA ALA A . n 
B 2 33  LEU 33  33  33  LEU LEU A . n 
B 2 34  GLY 34  34  34  GLY GLY A . n 
B 2 35  TRP 35  35  35  TRP TRP A . n 
B 2 36  VAL 36  36  36  VAL VAL A . n 
B 2 37  ALA 37  37  37  ALA ALA A . n 
B 2 38  SER 38  38  38  SER SER A . n 
B 2 39  LYS 39  39  39  LYS LYS A . n 
B 2 40  GLY 40  40  40  GLY GLY A . n 
B 2 41  ASN 41  41  41  ASN ASN A . n 
B 2 42  LEU 42  42  42  LEU LEU A . n 
B 2 43  ALA 43  43  43  ALA ALA A . n 
B 2 44  ASP 44  44  44  ASP ASP A . n 
B 2 45  VAL 45  45  45  VAL VAL A . n 
B 2 46  ALA 46  46  46  ALA ALA A . n 
B 2 47  PRO 47  47  47  PRO PRO A . n 
B 2 48  GLY 48  48  48  GLY GLY A . n 
B 2 49  LYS 49  49  49  LYS LYS A . n 
B 2 50  SER 50  50  50  SER SER A . n 
B 2 51  ILE 51  51  51  ILE ILE A . n 
B 2 52  GLY 52  52  52  GLY GLY A . n 
B 2 53  GLY 53  53  53  GLY GLY A . n 
B 2 54  ASP 54  54  54  ASP ASP A . n 
B 2 55  ILE 55  55  55  ILE ILE A . n 
B 2 56  PHE 56  56  56  PHE PHE A . n 
B 2 57  SER 57  57  57  SER SER A . n 
B 2 58  ASN 58  58  58  ASN ASN A . n 
B 2 59  ARG 59  59  59  ARG ARG A . n 
B 2 60  GLU 60  60  60  GLU GLU A . n 
B 2 61  GLY 61  61  61  GLY GLY A . n 
B 2 62  LYS 62  62  62  LYS LYS A . n 
B 2 63  LEU 63  63  63  LEU LEU A . n 
B 2 64  PRO 64  64  64  PRO PRO A . n 
B 2 65  GLY 65  65  65  GLY GLY A . n 
B 2 66  LYS 66  66  66  LYS LYS A . n 
B 2 67  SER 67  67  67  SER SER A . n 
B 2 68  GLY 68  68  68  GLY GLY A . n 
B 2 69  ARG 69  69  69  ARG ARG A . n 
B 2 70  THR 70  70  70  THR THR A . n 
B 2 71  TRP 71  71  71  TRP TRP A . n 
B 2 72  ARG 72  72  72  ARG ARG A . n 
B 2 73  GLU 73  73  73  GLU GLU A . n 
B 2 74  ALA 74  74  74  ALA ALA A . n 
B 2 75  ASP 75  75  75  ASP ASP A . n 
B 2 76  ILE 76  76  76  ILE ILE A . n 
B 2 77  ASN 77  77  77  ASN ASN A . n 
B 2 78  TYR 78  78  78  TYR TYR A . n 
B 2 79  THR 79  79  79  THR THR A . n 
B 2 80  SER 80  80  80  SER SER A . n 
B 2 81  GLY 81  81  81  GLY GLY A . n 
B 2 82  PHE 82  82  82  PHE PHE A . n 
B 2 83  ARG 83  83  83  ARG ARG A . n 
B 2 84  ASN 84  84  84  ASN ASN A . n 
B 2 85  SER 85  85  85  SER SER A . n 
B 2 86  ASP 86  86  86  ASP ASP A . n 
B 2 87  ARG 87  87  87  ARG ARG A . n 
B 2 88  ILE 88  88  88  ILE ILE A . n 
B 2 89  LEU 89  89  89  LEU LEU A . n 
B 2 90  TYR 90  90  90  TYR TYR A . n 
B 2 91  SER 91  91  91  SER SER A . n 
B 2 92  SER 92  92  92  SER SER A . n 
B 2 93  ASP 93  93  93  ASP ASP A . n 
B 2 94  TRP 94  94  94  TRP TRP A . n 
B 2 95  LEU 95  95  95  LEU LEU A . n 
B 2 96  ILE 96  96  96  ILE ILE A . n 
B 2 97  TYR 97  97  97  TYR TYR A . n 
B 2 98  LYS 98  98  98  LYS LYS A . n 
B 2 99  THR 99  99  99  THR THR A . n 
B 2 100 THR 100 100 100 THR THR A . n 
B 2 101 ASP 101 101 101 ASP ASP A . n 
B 2 102 HIS 102 102 102 HIS HIS A . n 
B 2 103 TYR 103 103 103 TYR TYR A . n 
B 2 104 GLN 104 104 104 GLN GLN A . n 
B 2 105 THR 105 105 105 THR THR A . n 
B 2 106 PHE 106 106 106 PHE PHE A . n 
B 2 107 THR 107 107 107 THR THR A . n 
B 2 108 LYS 108 108 108 LYS LYS A . n 
B 2 109 ILE 109 109 109 ILE ILE A . n 
B 2 110 ARG 110 110 110 ARG ARG A . n 
# 
loop_
_pdbx_nonpoly_scheme.asym_id 
_pdbx_nonpoly_scheme.entity_id 
_pdbx_nonpoly_scheme.mon_id 
_pdbx_nonpoly_scheme.ndb_seq_num 
_pdbx_nonpoly_scheme.pdb_seq_num 
_pdbx_nonpoly_scheme.auth_seq_num 
_pdbx_nonpoly_scheme.pdb_mon_id 
_pdbx_nonpoly_scheme.auth_mon_id 
_pdbx_nonpoly_scheme.pdb_strand_id 
_pdbx_nonpoly_scheme.pdb_ins_code 
C 3 SO4 1  150 150 SO4 SO4 C . 
D 4 HOH 1  205 205 HOH HOH C . 
D 4 HOH 2  235 235 HOH HOH C . 
D 4 HOH 3  240 240 HOH HOH C . 
D 4 HOH 4  243 243 HOH HOH C . 
D 4 HOH 5  254 254 HOH HOH C . 
D 4 HOH 6  257 257 HOH HOH C . 
D 4 HOH 7  275 275 HOH HOH C . 
D 4 HOH 8  322 322 HOH HOH C . 
E 4 HOH 1  200 200 HOH HOH A . 
E 4 HOH 2  201 201 HOH HOH A . 
E 4 HOH 3  202 202 HOH HOH A . 
E 4 HOH 4  203 203 HOH HOH A . 
E 4 HOH 5  204 204 HOH HOH A . 
E 4 HOH 6  206 206 HOH HOH A . 
E 4 HOH 7  207 207 HOH HOH A . 
E 4 HOH 8  208 208 HOH HOH A . 
E 4 HOH 9  209 209 HOH HOH A . 
E 4 HOH 10 210 210 HOH HOH A . 
E 4 HOH 11 211 211 HOH HOH A . 
E 4 HOH 12 212 212 HOH HOH A . 
E 4 HOH 13 213 213 HOH HOH A . 
E 4 HOH 14 214 214 HOH HOH A . 
E 4 HOH 15 215 215 HOH HOH A . 
E 4 HOH 16 216 216 HOH HOH A . 
E 4 HOH 17 218 218 HOH HOH A . 
E 4 HOH 18 219 219 HOH HOH A . 
E 4 HOH 19 220 220 HOH HOH A . 
E 4 HOH 20 221 221 HOH HOH A . 
E 4 HOH 21 222 222 HOH HOH A . 
E 4 HOH 22 223 223 HOH HOH A . 
E 4 HOH 23 225 225 HOH HOH A . 
E 4 HOH 24 226 226 HOH HOH A . 
E 4 HOH 25 227 227 HOH HOH A . 
E 4 HOH 26 228 228 HOH HOH A . 
E 4 HOH 27 229 229 HOH HOH A . 
E 4 HOH 28 230 230 HOH HOH A . 
E 4 HOH 29 231 231 HOH HOH A . 
E 4 HOH 30 232 232 HOH HOH A . 
E 4 HOH 31 233 233 HOH HOH A . 
E 4 HOH 32 236 236 HOH HOH A . 
E 4 HOH 33 237 237 HOH HOH A . 
E 4 HOH 34 238 238 HOH HOH A . 
E 4 HOH 35 239 239 HOH HOH A . 
E 4 HOH 36 241 241 HOH HOH A . 
E 4 HOH 37 242 242 HOH HOH A . 
E 4 HOH 38 245 245 HOH HOH A . 
E 4 HOH 39 246 246 HOH HOH A . 
E 4 HOH 40 247 247 HOH HOH A . 
E 4 HOH 41 248 248 HOH HOH A . 
E 4 HOH 42 249 249 HOH HOH A . 
E 4 HOH 43 250 250 HOH HOH A . 
E 4 HOH 44 251 251 HOH HOH A . 
E 4 HOH 45 252 252 HOH HOH A . 
E 4 HOH 46 253 253 HOH HOH A . 
E 4 HOH 47 255 255 HOH HOH A . 
E 4 HOH 48 256 256 HOH HOH A . 
E 4 HOH 49 258 258 HOH HOH A . 
E 4 HOH 50 259 259 HOH HOH A . 
E 4 HOH 51 260 260 HOH HOH A . 
E 4 HOH 52 261 261 HOH HOH A . 
E 4 HOH 53 262 262 HOH HOH A . 
E 4 HOH 54 263 263 HOH HOH A . 
E 4 HOH 55 264 264 HOH HOH A . 
E 4 HOH 56 265 265 HOH HOH A . 
E 4 HOH 57 266 266 HOH HOH A . 
E 4 HOH 58 267 267 HOH HOH A . 
E 4 HOH 59 268 268 HOH HOH A . 
E 4 HOH 60 269 269 HOH HOH A . 
E 4 HOH 61 270 270 HOH HOH A . 
E 4 HOH 62 271 271 HOH HOH A . 
E 4 HOH 63 273 273 HOH HOH A . 
E 4 HOH 64 301 301 HOH HOH A . 
E 4 HOH 65 302 302 HOH HOH A . 
E 4 HOH 66 303 303 HOH HOH A . 
E 4 HOH 67 304 304 HOH HOH A . 
E 4 HOH 68 305 305 HOH HOH A . 
E 4 HOH 69 306 306 HOH HOH A . 
E 4 HOH 70 307 307 HOH HOH A . 
E 4 HOH 71 308 308 HOH HOH A . 
E 4 HOH 72 309 309 HOH HOH A . 
E 4 HOH 73 310 310 HOH HOH A . 
E 4 HOH 74 312 312 HOH HOH A . 
E 4 HOH 75 313 313 HOH HOH A . 
E 4 HOH 76 314 314 HOH HOH A . 
E 4 HOH 77 315 315 HOH HOH A . 
E 4 HOH 78 317 317 HOH HOH A . 
E 4 HOH 79 318 318 HOH HOH A . 
E 4 HOH 80 319 319 HOH HOH A . 
E 4 HOH 81 320 320 HOH HOH A . 
E 4 HOH 82 324 324 HOH HOH A . 
E 4 HOH 83 325 325 HOH HOH A . 
E 4 HOH 84 328 328 HOH HOH A . 
E 4 HOH 85 329 329 HOH HOH A . 
E 4 HOH 86 330 330 HOH HOH A . 
E 4 HOH 87 331 331 HOH HOH A . 
E 4 HOH 88 332 332 HOH HOH A . 
# 
loop_
_pdbx_unobs_or_zero_occ_atoms.id 
_pdbx_unobs_or_zero_occ_atoms.PDB_model_num 
_pdbx_unobs_or_zero_occ_atoms.polymer_flag 
_pdbx_unobs_or_zero_occ_atoms.occupancy_flag 
_pdbx_unobs_or_zero_occ_atoms.auth_asym_id 
_pdbx_unobs_or_zero_occ_atoms.auth_comp_id 
_pdbx_unobs_or_zero_occ_atoms.auth_seq_id 
_pdbx_unobs_or_zero_occ_atoms.PDB_ins_code 
_pdbx_unobs_or_zero_occ_atoms.auth_atom_id 
_pdbx_unobs_or_zero_occ_atoms.label_alt_id 
_pdbx_unobs_or_zero_occ_atoms.label_asym_id 
_pdbx_unobs_or_zero_occ_atoms.label_comp_id 
_pdbx_unobs_or_zero_occ_atoms.label_seq_id 
_pdbx_unobs_or_zero_occ_atoms.label_atom_id 
1 1 Y 1 A GLN 2 ? CG  ? B GLN 2 CG  
2 1 Y 1 A GLN 2 ? CD  ? B GLN 2 CD  
3 1 Y 1 A GLN 2 ? OE1 ? B GLN 2 OE1 
4 1 Y 1 A GLN 2 ? NE2 ? B GLN 2 NE2 
# 
_software.name             PROLSQ 
_software.classification   refinement 
_software.version          . 
_software.citation_id      ? 
_software.pdbx_ordinal     1 
# 
_cell.entry_id           1RNB 
_cell.length_a           57.970 
_cell.length_b           57.970 
_cell.length_c           85.370 
_cell.angle_alpha        90.00 
_cell.angle_beta         90.00 
_cell.angle_gamma        120.00 
_cell.Z_PDB              6 
_cell.pdbx_unique_axis   ? 
# 
_symmetry.entry_id                         1RNB 
_symmetry.space_group_name_H-M             'P 31 2 1' 
_symmetry.pdbx_full_space_group_name_H-M   ? 
_symmetry.cell_setting                     ? 
_symmetry.Int_Tables_number                152 
# 
_exptl.entry_id          1RNB 
_exptl.method            'X-RAY DIFFRACTION' 
_exptl.crystals_number   ? 
# 
_exptl_crystal.id                    1 
_exptl_crystal.density_meas          ? 
_exptl_crystal.density_Matthews      3.18 
_exptl_crystal.density_percent_sol   61.36 
_exptl_crystal.description           ? 
# 
_diffrn.id                     1 
_diffrn.ambient_temp           ? 
_diffrn.ambient_temp_details   ? 
_diffrn.crystal_id             1 
# 
_diffrn_radiation.diffrn_id                        1 
_diffrn_radiation.wavelength_id                    1 
_diffrn_radiation.pdbx_monochromatic_or_laue_m_l   ? 
_diffrn_radiation.monochromator                    ? 
_diffrn_radiation.pdbx_diffrn_protocol             ? 
_diffrn_radiation.pdbx_scattering_type             x-ray 
# 
_diffrn_radiation_wavelength.id           1 
_diffrn_radiation_wavelength.wavelength   . 
_diffrn_radiation_wavelength.wt           1.0 
# 
_refine.entry_id                                 1RNB 
_refine.ls_number_reflns_obs                     ? 
_refine.ls_number_reflns_all                     ? 
_refine.pdbx_ls_sigma_I                          ? 
_refine.pdbx_ls_sigma_F                          ? 
_refine.pdbx_data_cutoff_high_absF               ? 
_refine.pdbx_data_cutoff_low_absF                ? 
_refine.pdbx_data_cutoff_high_rms_absF           ? 
_refine.ls_d_res_low                             ? 
_refine.ls_d_res_high                            1.9 
_refine.ls_percent_reflns_obs                    ? 
_refine.ls_R_factor_obs                          ? 
_refine.ls_R_factor_all                          ? 
_refine.ls_R_factor_R_work                       0.2140000 
_refine.ls_R_factor_R_free                       ? 
_refine.ls_R_factor_R_free_error                 ? 
_refine.ls_R_factor_R_free_error_details         ? 
_refine.ls_percent_reflns_R_free                 ? 
_refine.ls_number_reflns_R_free                  ? 
_refine.ls_number_parameters                     ? 
_refine.ls_number_restraints                     ? 
_refine.occupancy_min                            ? 
_refine.occupancy_max                            ? 
_refine.B_iso_mean                               ? 
_refine.aniso_B[1][1]                            ? 
_refine.aniso_B[2][2]                            ? 
_refine.aniso_B[3][3]                            ? 
_refine.aniso_B[1][2]                            ? 
_refine.aniso_B[1][3]                            ? 
_refine.aniso_B[2][3]                            ? 
_refine.solvent_model_details                    ? 
_refine.solvent_model_param_ksol                 ? 
_refine.solvent_model_param_bsol                 ? 
_refine.pdbx_ls_cross_valid_method               ? 
_refine.details                                  
;THE DINUCLEOTIDE IS BOUND IN NON-PRODUCTIVE MODE AND IS
INVOLVED IN CRYSTAL CONTACTS.

THE SIDE CHAINS OF RESIDUES 2, 59, 60, AND 62 HAVE NO DENSITY.
;
_refine.pdbx_starting_model                      ? 
_refine.pdbx_method_to_determine_struct          ? 
_refine.pdbx_isotropic_thermal_model             ? 
_refine.pdbx_stereochemistry_target_values       ? 
_refine.pdbx_stereochem_target_val_spec_case     ? 
_refine.pdbx_R_Free_selection_details            ? 
_refine.pdbx_overall_ESU_R                       ? 
_refine.pdbx_overall_ESU_R_Free                  ? 
_refine.overall_SU_ML                            ? 
_refine.overall_SU_B                             ? 
_refine.pdbx_refine_id                           'X-RAY DIFFRACTION' 
_refine.pdbx_diffrn_id                           1 
_refine.pdbx_TLS_residual_ADP_flag               ? 
_refine.correlation_coeff_Fo_to_Fc               ? 
_refine.correlation_coeff_Fo_to_Fc_free          ? 
_refine.pdbx_solvent_vdw_probe_radii             ? 
_refine.pdbx_solvent_ion_probe_radii             ? 
_refine.pdbx_solvent_shrinkage_radii             ? 
_refine.pdbx_overall_phase_error                 ? 
_refine.overall_SU_R_Cruickshank_DPI             ? 
_refine.pdbx_overall_SU_R_free_Cruickshank_DPI   ? 
_refine.pdbx_overall_SU_R_Blow_DPI               ? 
_refine.pdbx_overall_SU_R_free_Blow_DPI          ? 
# 
_refine_hist.pdbx_refine_id                   'X-RAY DIFFRACTION' 
_refine_hist.cycle_id                         LAST 
_refine_hist.pdbx_number_atoms_protein        869 
_refine_hist.pdbx_number_atoms_nucleic_acid   38 
_refine_hist.pdbx_number_atoms_ligand         5 
_refine_hist.number_atoms_solvent             96 
_refine_hist.number_atoms_total               1008 
_refine_hist.d_res_high                       1.9 
_refine_hist.d_res_low                        . 
# 
loop_
_refine_ls_restr.type 
_refine_ls_restr.dev_ideal 
_refine_ls_restr.dev_ideal_target 
_refine_ls_restr.weight 
_refine_ls_restr.number 
_refine_ls_restr.pdbx_refine_id 
_refine_ls_restr.pdbx_restraint_function 
o_bond_d  0.019 ? ? ? 'X-RAY DIFFRACTION' ? 
o_angle_d 0.059 ? ? ? 'X-RAY DIFFRACTION' ? 
# 
_struct.entry_id                  1RNB 
_struct.title                     'CRYSTAL STRUCTURE OF A BARNASE-D(*GP*C) COMPLEX AT 1.9 ANGSTROMS RESOLUTION' 
_struct.pdbx_model_details        ? 
_struct.pdbx_CASP_flag            ? 
_struct.pdbx_model_type_details   ? 
# 
_struct_keywords.entry_id        1RNB 
_struct_keywords.pdbx_keywords   ENDONUCLEASE 
_struct_keywords.text            ENDONUCLEASE 
# 
loop_
_struct_asym.id 
_struct_asym.pdbx_blank_PDB_chainid_flag 
_struct_asym.pdbx_modified 
_struct_asym.entity_id 
_struct_asym.details 
A N N 1 ? 
B N N 2 ? 
C N N 3 ? 
D N N 4 ? 
E N N 4 ? 
# 
loop_
_struct_ref.id 
_struct_ref.db_name 
_struct_ref.db_code 
_struct_ref.entity_id 
_struct_ref.pdbx_db_accession 
_struct_ref.pdbx_align_begin 
_struct_ref.pdbx_seq_one_letter_code 
_struct_ref.pdbx_db_isoform 
1 UNP RNBR_BACAM 2 P00648 1 
;MMKMEGIALKKRLSWISVCLLVLVSAAGMLFSTAAKTETSSHKAHTEAQVINTFDGVADYLQTYHKLPDNYITKSEAQAL
GWVASKGNLADVAPGKSIGGDIFSNREGKLPGKSGRTWREADINYTSGFRNSDRILYSSDWLIYKTTDHYQTFTKIR
;
? 
2 PDB 1RNB       1 1RNB   ? ? ? 
# 
loop_
_struct_ref_seq.align_id 
_struct_ref_seq.ref_id 
_struct_ref_seq.pdbx_PDB_id_code 
_struct_ref_seq.pdbx_strand_id 
_struct_ref_seq.seq_align_beg 
_struct_ref_seq.pdbx_seq_align_beg_ins_code 
_struct_ref_seq.seq_align_end 
_struct_ref_seq.pdbx_seq_align_end_ins_code 
_struct_ref_seq.pdbx_db_accession 
_struct_ref_seq.db_align_beg 
_struct_ref_seq.pdbx_db_align_beg_ins_code 
_struct_ref_seq.db_align_end 
_struct_ref_seq.pdbx_db_align_end_ins_code 
_struct_ref_seq.pdbx_auth_seq_align_beg 
_struct_ref_seq.pdbx_auth_seq_align_end 
1 1 1RNB A 1 ? 110 ? P00648 48  ? 157 ? 1   110 
2 2 1RNB C 1 ? 2   ? 1RNB   111 ? 112 ? 111 112 
# 
loop_
_struct_ref_seq_dif.align_id 
_struct_ref_seq_dif.pdbx_pdb_id_code 
_struct_ref_seq_dif.mon_id 
_struct_ref_seq_dif.pdbx_pdb_strand_id 
_struct_ref_seq_dif.seq_num 
_struct_ref_seq_dif.pdbx_pdb_ins_code 
_struct_ref_seq_dif.pdbx_seq_db_name 
_struct_ref_seq_dif.pdbx_seq_db_accession_code 
_struct_ref_seq_dif.db_mon_id 
_struct_ref_seq_dif.pdbx_seq_db_seq_num 
_struct_ref_seq_dif.details 
_struct_ref_seq_dif.pdbx_auth_seq_num 
_struct_ref_seq_dif.pdbx_ordinal 
1 1RNB ASN A 22 ? UNP P00648 ASP 69 conflict 22 1 
1 1RNB ASP A 23 ? UNP P00648 ASN 70 conflict 23 2 
# 
_pdbx_struct_assembly.id                   1 
_pdbx_struct_assembly.details              author_defined_assembly 
_pdbx_struct_assembly.method_details       ? 
_pdbx_struct_assembly.oligomeric_details   dimeric 
_pdbx_struct_assembly.oligomeric_count     2 
# 
_pdbx_struct_assembly_gen.assembly_id       1 
_pdbx_struct_assembly_gen.oper_expression   1 
_pdbx_struct_assembly_gen.asym_id_list      A,B,C,D,E 
# 
_pdbx_struct_oper_list.id                   1 
_pdbx_struct_oper_list.type                 'identity operation' 
_pdbx_struct_oper_list.name                 1_555 
_pdbx_struct_oper_list.symmetry_operation   x,y,z 
_pdbx_struct_oper_list.matrix[1][1]         1.0000000000 
_pdbx_struct_oper_list.matrix[1][2]         0.0000000000 
_pdbx_struct_oper_list.matrix[1][3]         0.0000000000 
_pdbx_struct_oper_list.vector[1]            0.0000000000 
_pdbx_struct_oper_list.matrix[2][1]         0.0000000000 
_pdbx_struct_oper_list.matrix[2][2]         1.0000000000 
_pdbx_struct_oper_list.matrix[2][3]         0.0000000000 
_pdbx_struct_oper_list.vector[2]            0.0000000000 
_pdbx_struct_oper_list.matrix[3][1]         0.0000000000 
_pdbx_struct_oper_list.matrix[3][2]         0.0000000000 
_pdbx_struct_oper_list.matrix[3][3]         1.0000000000 
_pdbx_struct_oper_list.vector[3]            0.0000000000 
# 
_struct_biol.id   1 
# 
loop_
_struct_conf.conf_type_id 
_struct_conf.id 
_struct_conf.pdbx_PDB_helix_id 
_struct_conf.beg_label_comp_id 
_struct_conf.beg_label_asym_id 
_struct_conf.beg_label_seq_id 
_struct_conf.pdbx_beg_PDB_ins_code 
_struct_conf.end_label_comp_id 
_struct_conf.end_label_asym_id 
_struct_conf.end_label_seq_id 
_struct_conf.pdbx_end_PDB_ins_code 
_struct_conf.beg_auth_comp_id 
_struct_conf.beg_auth_asym_id 
_struct_conf.beg_auth_seq_id 
_struct_conf.end_auth_comp_id 
_struct_conf.end_auth_asym_id 
_struct_conf.end_auth_seq_id 
_struct_conf.pdbx_PDB_helix_class 
_struct_conf.details 
_struct_conf.pdbx_PDB_helix_length 
HELX_P HELX_P1 1 THR B 6  ? HIS B 18 ? THR A 6  HIS A 18 1 ? 13 
HELX_P HELX_P2 2 THR B 26 ? LEU B 33 ? THR A 26 LEU A 33 1 ? 8  
HELX_P HELX_P3 3 VAL B 36 ? GLY B 40 ? VAL A 36 GLY A 40 5 ? 5  
HELX_P HELX_P4 4 ASN B 41 ? ALA B 46 ? ASN A 41 ALA A 46 1 ? 6  
# 
_struct_conf_type.id          HELX_P 
_struct_conf_type.criteria    ? 
_struct_conf_type.reference   ? 
# 
_struct_sheet.id               A 
_struct_sheet.type             ? 
_struct_sheet.number_strands   6 
_struct_sheet.details          ? 
# 
loop_
_struct_sheet_order.sheet_id 
_struct_sheet_order.range_id_1 
_struct_sheet_order.range_id_2 
_struct_sheet_order.offset 
_struct_sheet_order.sense 
A 1 2 ? parallel      
A 2 3 ? anti-parallel 
A 3 4 ? anti-parallel 
A 4 5 ? anti-parallel 
A 5 6 ? anti-parallel 
# 
loop_
_struct_sheet_range.sheet_id 
_struct_sheet_range.id 
_struct_sheet_range.beg_label_comp_id 
_struct_sheet_range.beg_label_asym_id 
_struct_sheet_range.beg_label_seq_id 
_struct_sheet_range.pdbx_beg_PDB_ins_code 
_struct_sheet_range.end_label_comp_id 
_struct_sheet_range.end_label_asym_id 
_struct_sheet_range.end_label_seq_id 
_struct_sheet_range.pdbx_end_PDB_ins_code 
_struct_sheet_range.beg_auth_comp_id 
_struct_sheet_range.beg_auth_asym_id 
_struct_sheet_range.beg_auth_seq_id 
_struct_sheet_range.end_auth_comp_id 
_struct_sheet_range.end_auth_asym_id 
_struct_sheet_range.end_auth_seq_id 
A 1 TYR B 24  ? ILE B 25  ? TYR A 24  ILE A 25  
A 2 SER B 50  ? PHE B 56  ? SER A 50  PHE A 56  
A 3 TRP B 71  ? ASP B 75  ? TRP A 71  ASP A 75  
A 4 ARG B 87  ? SER B 91  ? ARG A 87  SER A 91  
A 5 ILE B 96  ? THR B 99  ? ILE A 96  THR A 99  
A 6 THR B 107 ? ARG B 110 ? THR A 107 ARG A 110 
# 
loop_
_pdbx_struct_sheet_hbond.sheet_id 
_pdbx_struct_sheet_hbond.range_id_1 
_pdbx_struct_sheet_hbond.range_id_2 
_pdbx_struct_sheet_hbond.range_1_label_atom_id 
_pdbx_struct_sheet_hbond.range_1_label_comp_id 
_pdbx_struct_sheet_hbond.range_1_label_asym_id 
_pdbx_struct_sheet_hbond.range_1_label_seq_id 
_pdbx_struct_sheet_hbond.range_1_PDB_ins_code 
_pdbx_struct_sheet_hbond.range_1_auth_atom_id 
_pdbx_struct_sheet_hbond.range_1_auth_comp_id 
_pdbx_struct_sheet_hbond.range_1_auth_asym_id 
_pdbx_struct_sheet_hbond.range_1_auth_seq_id 
_pdbx_struct_sheet_hbond.range_2_label_atom_id 
_pdbx_struct_sheet_hbond.range_2_label_comp_id 
_pdbx_struct_sheet_hbond.range_2_label_asym_id 
_pdbx_struct_sheet_hbond.range_2_label_seq_id 
_pdbx_struct_sheet_hbond.range_2_PDB_ins_code 
_pdbx_struct_sheet_hbond.range_2_auth_atom_id 
_pdbx_struct_sheet_hbond.range_2_auth_comp_id 
_pdbx_struct_sheet_hbond.range_2_auth_asym_id 
_pdbx_struct_sheet_hbond.range_2_auth_seq_id 
A 1 2 N ILE B 25 ? N ILE A 25 O SER B 50  ? O SER A 50  
A 2 3 N PHE B 56 ? N PHE A 56 O TRP B 71  ? O TRP A 71  
A 3 4 O ALA B 74 ? O ALA A 74 N ILE B 88  ? N ILE A 88  
A 4 5 O LEU B 89 ? O LEU A 89 N TYR B 97  ? N TYR A 97  
A 5 6 N LYS B 98 ? N LYS A 98 O THR B 107 ? O THR A 107 
# 
_struct_site.id                   AC1 
_struct_site.pdbx_evidence_code   Software 
_struct_site.pdbx_auth_asym_id    C 
_struct_site.pdbx_auth_comp_id    SO4 
_struct_site.pdbx_auth_seq_id     150 
_struct_site.pdbx_auth_ins_code   ? 
_struct_site.pdbx_num_residues    5 
_struct_site.details              'BINDING SITE FOR RESIDUE SO4 C 150' 
# 
loop_
_struct_site_gen.id 
_struct_site_gen.site_id 
_struct_site_gen.pdbx_num_res 
_struct_site_gen.label_comp_id 
_struct_site_gen.label_asym_id 
_struct_site_gen.label_seq_id 
_struct_site_gen.pdbx_auth_ins_code 
_struct_site_gen.auth_comp_id 
_struct_site_gen.auth_asym_id 
_struct_site_gen.auth_seq_id 
_struct_site_gen.label_atom_id 
_struct_site_gen.label_alt_id 
_struct_site_gen.symmetry 
_struct_site_gen.details 
1 AC1 5 HOH E . ? HOH A 273 . ? 5_666 ? 
2 AC1 5 DG  A 1 ? DG  C 111 . ? 1_555 ? 
3 AC1 5 HOH D . ? HOH C 257 . ? 1_555 ? 
4 AC1 5 HOH D . ? HOH C 275 . ? 1_555 ? 
5 AC1 5 HOH D . ? HOH C 322 . ? 1_555 ? 
# 
loop_
_pdbx_validate_close_contact.id 
_pdbx_validate_close_contact.PDB_model_num 
_pdbx_validate_close_contact.auth_atom_id_1 
_pdbx_validate_close_contact.auth_asym_id_1 
_pdbx_validate_close_contact.auth_comp_id_1 
_pdbx_validate_close_contact.auth_seq_id_1 
_pdbx_validate_close_contact.PDB_ins_code_1 
_pdbx_validate_close_contact.label_alt_id_1 
_pdbx_validate_close_contact.auth_atom_id_2 
_pdbx_validate_close_contact.auth_asym_id_2 
_pdbx_validate_close_contact.auth_comp_id_2 
_pdbx_validate_close_contact.auth_seq_id_2 
_pdbx_validate_close_contact.PDB_ins_code_2 
_pdbx_validate_close_contact.label_alt_id_2 
_pdbx_validate_close_contact.dist 
1 1 OD1 A ASP 8   ? ? O   A HOH 329 ? ? 2.01 
2 1 NE  A ARG 72  ? ? O   A HOH 212 ? ? 2.12 
3 1 O   A SER 57  ? ? NH2 A ARG 59  ? ? 2.13 
4 1 O4  C SO4 150 ? ? O   C HOH 257 ? ? 2.14 
5 1 O   A ILE 55  ? ? O   A HOH 305 ? ? 2.15 
6 1 N   A ILE 96  ? ? O   A ARG 110 ? ? 2.18 
# 
loop_
_pdbx_validate_symm_contact.id 
_pdbx_validate_symm_contact.PDB_model_num 
_pdbx_validate_symm_contact.auth_atom_id_1 
_pdbx_validate_symm_contact.auth_asym_id_1 
_pdbx_validate_symm_contact.auth_comp_id_1 
_pdbx_validate_symm_contact.auth_seq_id_1 
_pdbx_validate_symm_contact.PDB_ins_code_1 
_pdbx_validate_symm_contact.label_alt_id_1 
_pdbx_validate_symm_contact.site_symmetry_1 
_pdbx_validate_symm_contact.auth_atom_id_2 
_pdbx_validate_symm_contact.auth_asym_id_2 
_pdbx_validate_symm_contact.auth_comp_id_2 
_pdbx_validate_symm_contact.auth_seq_id_2 
_pdbx_validate_symm_contact.PDB_ins_code_2 
_pdbx_validate_symm_contact.label_alt_id_2 
_pdbx_validate_symm_contact.site_symmetry_2 
_pdbx_validate_symm_contact.dist 
1 1 O  C HOH 240 ? ? 1_555 O A HOH 263 ? ? 5_666 2.07 
2 1 O4 C SO4 150 ? ? 1_555 O A HOH 273 ? ? 5_666 2.18 
# 
loop_
_pdbx_validate_rmsd_bond.id 
_pdbx_validate_rmsd_bond.PDB_model_num 
_pdbx_validate_rmsd_bond.auth_atom_id_1 
_pdbx_validate_rmsd_bond.auth_asym_id_1 
_pdbx_validate_rmsd_bond.auth_comp_id_1 
_pdbx_validate_rmsd_bond.auth_seq_id_1 
_pdbx_validate_rmsd_bond.PDB_ins_code_1 
_pdbx_validate_rmsd_bond.label_alt_id_1 
_pdbx_validate_rmsd_bond.auth_atom_id_2 
_pdbx_validate_rmsd_bond.auth_asym_id_2 
_pdbx_validate_rmsd_bond.auth_comp_id_2 
_pdbx_validate_rmsd_bond.auth_seq_id_2 
_pdbx_validate_rmsd_bond.PDB_ins_code_2 
_pdbx_validate_rmsd_bond.label_alt_id_2 
_pdbx_validate_rmsd_bond.bond_value 
_pdbx_validate_rmsd_bond.bond_target_value 
_pdbx_validate_rmsd_bond.bond_deviation 
_pdbx_validate_rmsd_bond.bond_standard_deviation 
_pdbx_validate_rmsd_bond.linker_flag 
1 1 C4 C DG 111 ? ? C5    C DG 111 ? ? 1.334 1.379 -0.045 0.007 N 
2 1 P  C DC 112 ? ? "O5'" C DC 112 ? ? 1.680 1.593 0.087  0.010 N 
# 
loop_
_pdbx_validate_rmsd_angle.id 
_pdbx_validate_rmsd_angle.PDB_model_num 
_pdbx_validate_rmsd_angle.auth_atom_id_1 
_pdbx_validate_rmsd_angle.auth_asym_id_1 
_pdbx_validate_rmsd_angle.auth_comp_id_1 
_pdbx_validate_rmsd_angle.auth_seq_id_1 
_pdbx_validate_rmsd_angle.PDB_ins_code_1 
_pdbx_validate_rmsd_angle.label_alt_id_1 
_pdbx_validate_rmsd_angle.auth_atom_id_2 
_pdbx_validate_rmsd_angle.auth_asym_id_2 
_pdbx_validate_rmsd_angle.auth_comp_id_2 
_pdbx_validate_rmsd_angle.auth_seq_id_2 
_pdbx_validate_rmsd_angle.PDB_ins_code_2 
_pdbx_validate_rmsd_angle.label_alt_id_2 
_pdbx_validate_rmsd_angle.auth_atom_id_3 
_pdbx_validate_rmsd_angle.auth_asym_id_3 
_pdbx_validate_rmsd_angle.auth_comp_id_3 
_pdbx_validate_rmsd_angle.auth_seq_id_3 
_pdbx_validate_rmsd_angle.PDB_ins_code_3 
_pdbx_validate_rmsd_angle.label_alt_id_3 
_pdbx_validate_rmsd_angle.angle_value 
_pdbx_validate_rmsd_angle.angle_target_value 
_pdbx_validate_rmsd_angle.angle_deviation 
_pdbx_validate_rmsd_angle.angle_standard_deviation 
_pdbx_validate_rmsd_angle.linker_flag 
1  1 "O4'" C DG  111 ? ? "C4'" C DG  111 ? ? "C3'" C DG  111 ? ? 99.92  104.50 -4.58  0.40 N 
2  1 "C1'" C DG  111 ? ? "O4'" C DG  111 ? ? "C4'" C DG  111 ? ? 115.92 110.30 5.62   0.70 N 
3  1 C2    C DG  111 ? ? N3    C DG  111 ? ? C4    C DG  111 ? ? 115.11 111.90 3.21   0.50 N 
4  1 "O3'" C DG  111 ? ? P     C DC  112 ? ? OP2   C DC  112 ? ? 123.85 110.50 13.35  1.10 Y 
5  1 "C5'" C DC  112 ? ? "C4'" C DC  112 ? ? "O4'" C DC  112 ? ? 120.39 109.80 10.59  1.10 N 
6  1 N1    C DC  112 ? ? C2    C DC  112 ? ? N3    C DC  112 ? ? 125.06 119.20 5.86   0.70 N 
7  1 C2    C DC  112 ? ? N3    C DC  112 ? ? C4    C DC  112 ? ? 114.89 119.90 -5.01  0.50 N 
8  1 C5    C DC  112 ? ? C6    C DC  112 ? ? N1    C DC  112 ? ? 116.66 121.00 -4.34  0.50 N 
9  1 N1    C DC  112 ? ? C2    C DC  112 ? ? O2    C DC  112 ? ? 114.20 118.90 -4.70  0.60 N 
10 1 CA    A ASP 12  ? ? CB    A ASP 12  ? ? CG    A ASP 12  ? ? 91.04  113.40 -22.36 2.20 N 
11 1 CB    A ASP 12  ? ? CG    A ASP 12  ? ? OD1   A ASP 12  ? ? 107.96 118.30 -10.34 0.90 N 
12 1 CB    A TYR 17  ? ? CG    A TYR 17  ? ? CD1   A TYR 17  ? ? 117.39 121.00 -3.61  0.60 N 
13 1 N     A SER 28  ? ? CA    A SER 28  ? ? CB    A SER 28  ? ? 98.71  110.50 -11.79 1.50 N 
14 1 CB    A ALA 46  ? ? CA    A ALA 46  ? ? C     A ALA 46  ? ? 119.53 110.10 9.43   1.50 N 
15 1 CB    A ASP 54  ? ? CG    A ASP 54  ? ? OD2   A ASP 54  ? ? 112.60 118.30 -5.70  0.90 N 
16 1 CB    A ARG 59  ? ? CA    A ARG 59  ? ? C     A ARG 59  ? ? 129.44 110.40 19.04  2.00 N 
17 1 NE    A ARG 59  ? ? CZ    A ARG 59  ? ? NH1   A ARG 59  ? ? 116.91 120.30 -3.39  0.50 N 
18 1 NE    A ARG 69  ? ? CZ    A ARG 69  ? ? NH1   A ARG 69  ? ? 126.54 120.30 6.24   0.50 N 
19 1 NE    A ARG 72  ? ? CZ    A ARG 72  ? ? NH2   A ARG 72  ? ? 112.94 120.30 -7.36  0.50 N 
20 1 OE1   A GLU 73  ? ? CD    A GLU 73  ? ? OE2   A GLU 73  ? ? 114.32 123.30 -8.98  1.20 N 
21 1 CG    A GLU 73  ? ? CD    A GLU 73  ? ? OE2   A GLU 73  ? ? 130.44 118.30 12.14  2.00 N 
22 1 CB    A ASP 75  ? ? CG    A ASP 75  ? ? OD1   A ASP 75  ? ? 111.42 118.30 -6.88  0.90 N 
23 1 CB    A TYR 78  ? ? CG    A TYR 78  ? ? CD1   A TYR 78  ? ? 116.46 121.00 -4.54  0.60 N 
24 1 NE    A ARG 83  ? ? CZ    A ARG 83  ? ? NH1   A ARG 83  ? ? 116.95 120.30 -3.35  0.50 N 
25 1 CB    A ASP 86  ? ? CG    A ASP 86  ? ? OD1   A ASP 86  ? ? 132.34 118.30 14.04  0.90 N 
26 1 CB    A ASP 86  ? ? CG    A ASP 86  ? ? OD2   A ASP 86  ? ? 111.73 118.30 -6.57  0.90 N 
27 1 C     A SER 91  ? ? N     A SER 92  ? ? CA    A SER 92  ? ? 137.00 121.70 15.30  2.50 Y 
28 1 CB    A ASP 93  ? ? CG    A ASP 93  ? ? OD1   A ASP 93  ? ? 125.88 118.30 7.58   0.90 N 
29 1 CB    A LEU 95  ? ? CG    A LEU 95  ? ? CD2   A LEU 95  ? ? 98.88  111.00 -12.12 1.70 N 
30 1 CB    A TYR 103 ? ? CG    A TYR 103 ? ? CD1   A TYR 103 ? ? 125.57 121.00 4.57   0.60 N 
31 1 CB    A GLN 104 ? ? CG    A GLN 104 ? ? CD    A GLN 104 ? ? 140.20 111.60 28.60  2.60 N 
32 1 CA    A THR 107 ? ? CB    A THR 107 ? ? CG2   A THR 107 ? ? 122.61 112.40 10.21  1.40 N 
33 1 CA    A ILE 109 ? ? CB    A ILE 109 ? ? CG1   A ILE 109 ? ? 128.35 111.00 17.35  1.90 N 
34 1 CD    A ARG 110 ? ? NE    A ARG 110 ? ? CZ    A ARG 110 ? ? 113.73 123.60 -9.87  1.40 N 
35 1 NE    A ARG 110 ? ? CZ    A ARG 110 ? ? NH1   A ARG 110 ? ? 116.69 120.30 -3.61  0.50 N 
# 
_pdbx_validate_torsion.id              1 
_pdbx_validate_torsion.PDB_model_num   1 
_pdbx_validate_torsion.auth_comp_id    ASN 
_pdbx_validate_torsion.auth_asym_id    A 
_pdbx_validate_torsion.auth_seq_id     5 
_pdbx_validate_torsion.PDB_ins_code    ? 
_pdbx_validate_torsion.label_alt_id    ? 
_pdbx_validate_torsion.phi             -144.02 
_pdbx_validate_torsion.psi             21.95 
# 
_pdbx_validate_chiral.id              1 
_pdbx_validate_chiral.PDB_model_num   1 
_pdbx_validate_chiral.auth_atom_id    CB 
_pdbx_validate_chiral.label_alt_id    ? 
_pdbx_validate_chiral.auth_asym_id    A 
_pdbx_validate_chiral.auth_comp_id    ILE 
_pdbx_validate_chiral.auth_seq_id     109 
_pdbx_validate_chiral.PDB_ins_code    ? 
_pdbx_validate_chiral.details         PLANAR 
_pdbx_validate_chiral.omega           . 
# 
_pdbx_unobs_or_zero_occ_residues.id               1 
_pdbx_unobs_or_zero_occ_residues.PDB_model_num    1 
_pdbx_unobs_or_zero_occ_residues.polymer_flag     Y 
_pdbx_unobs_or_zero_occ_residues.occupancy_flag   1 
_pdbx_unobs_or_zero_occ_residues.auth_asym_id     A 
_pdbx_unobs_or_zero_occ_residues.auth_comp_id     ALA 
_pdbx_unobs_or_zero_occ_residues.auth_seq_id      1 
_pdbx_unobs_or_zero_occ_residues.PDB_ins_code     ? 
_pdbx_unobs_or_zero_occ_residues.label_asym_id    B 
_pdbx_unobs_or_zero_occ_residues.label_comp_id    ALA 
_pdbx_unobs_or_zero_occ_residues.label_seq_id     1 
# 
loop_
_chem_comp_atom.comp_id 
_chem_comp_atom.atom_id 
_chem_comp_atom.type_symbol 
_chem_comp_atom.pdbx_aromatic_flag 
_chem_comp_atom.pdbx_stereo_config 
_chem_comp_atom.pdbx_ordinal 
ALA N      N N N 1   
ALA CA     C N S 2   
ALA C      C N N 3   
ALA O      O N N 4   
ALA CB     C N N 5   
ALA OXT    O N N 6   
ALA H      H N N 7   
ALA H2     H N N 8   
ALA HA     H N N 9   
ALA HB1    H N N 10  
ALA HB2    H N N 11  
ALA HB3    H N N 12  
ALA HXT    H N N 13  
ARG N      N N N 14  
ARG CA     C N S 15  
ARG C      C N N 16  
ARG O      O N N 17  
ARG CB     C N N 18  
ARG CG     C N N 19  
ARG CD     C N N 20  
ARG NE     N N N 21  
ARG CZ     C N N 22  
ARG NH1    N N N 23  
ARG NH2    N N N 24  
ARG OXT    O N N 25  
ARG H      H N N 26  
ARG H2     H N N 27  
ARG HA     H N N 28  
ARG HB2    H N N 29  
ARG HB3    H N N 30  
ARG HG2    H N N 31  
ARG HG3    H N N 32  
ARG HD2    H N N 33  
ARG HD3    H N N 34  
ARG HE     H N N 35  
ARG HH11   H N N 36  
ARG HH12   H N N 37  
ARG HH21   H N N 38  
ARG HH22   H N N 39  
ARG HXT    H N N 40  
ASN N      N N N 41  
ASN CA     C N S 42  
ASN C      C N N 43  
ASN O      O N N 44  
ASN CB     C N N 45  
ASN CG     C N N 46  
ASN OD1    O N N 47  
ASN ND2    N N N 48  
ASN OXT    O N N 49  
ASN H      H N N 50  
ASN H2     H N N 51  
ASN HA     H N N 52  
ASN HB2    H N N 53  
ASN HB3    H N N 54  
ASN HD21   H N N 55  
ASN HD22   H N N 56  
ASN HXT    H N N 57  
ASP N      N N N 58  
ASP CA     C N S 59  
ASP C      C N N 60  
ASP O      O N N 61  
ASP CB     C N N 62  
ASP CG     C N N 63  
ASP OD1    O N N 64  
ASP OD2    O N N 65  
ASP OXT    O N N 66  
ASP H      H N N 67  
ASP H2     H N N 68  
ASP HA     H N N 69  
ASP HB2    H N N 70  
ASP HB3    H N N 71  
ASP HD2    H N N 72  
ASP HXT    H N N 73  
DC  OP3    O N N 74  
DC  P      P N N 75  
DC  OP1    O N N 76  
DC  OP2    O N N 77  
DC  "O5'"  O N N 78  
DC  "C5'"  C N N 79  
DC  "C4'"  C N R 80  
DC  "O4'"  O N N 81  
DC  "C3'"  C N S 82  
DC  "O3'"  O N N 83  
DC  "C2'"  C N N 84  
DC  "C1'"  C N R 85  
DC  N1     N N N 86  
DC  C2     C N N 87  
DC  O2     O N N 88  
DC  N3     N N N 89  
DC  C4     C N N 90  
DC  N4     N N N 91  
DC  C5     C N N 92  
DC  C6     C N N 93  
DC  HOP3   H N N 94  
DC  HOP2   H N N 95  
DC  "H5'"  H N N 96  
DC  "H5''" H N N 97  
DC  "H4'"  H N N 98  
DC  "H3'"  H N N 99  
DC  "HO3'" H N N 100 
DC  "H2'"  H N N 101 
DC  "H2''" H N N 102 
DC  "H1'"  H N N 103 
DC  H41    H N N 104 
DC  H42    H N N 105 
DC  H5     H N N 106 
DC  H6     H N N 107 
DG  OP3    O N N 108 
DG  P      P N N 109 
DG  OP1    O N N 110 
DG  OP2    O N N 111 
DG  "O5'"  O N N 112 
DG  "C5'"  C N N 113 
DG  "C4'"  C N R 114 
DG  "O4'"  O N N 115 
DG  "C3'"  C N S 116 
DG  "O3'"  O N N 117 
DG  "C2'"  C N N 118 
DG  "C1'"  C N R 119 
DG  N9     N Y N 120 
DG  C8     C Y N 121 
DG  N7     N Y N 122 
DG  C5     C Y N 123 
DG  C6     C N N 124 
DG  O6     O N N 125 
DG  N1     N N N 126 
DG  C2     C N N 127 
DG  N2     N N N 128 
DG  N3     N N N 129 
DG  C4     C Y N 130 
DG  HOP3   H N N 131 
DG  HOP2   H N N 132 
DG  "H5'"  H N N 133 
DG  "H5''" H N N 134 
DG  "H4'"  H N N 135 
DG  "H3'"  H N N 136 
DG  "HO3'" H N N 137 
DG  "H2'"  H N N 138 
DG  "H2''" H N N 139 
DG  "H1'"  H N N 140 
DG  H8     H N N 141 
DG  H1     H N N 142 
DG  H21    H N N 143 
DG  H22    H N N 144 
GLN N      N N N 145 
GLN CA     C N S 146 
GLN C      C N N 147 
GLN O      O N N 148 
GLN CB     C N N 149 
GLN CG     C N N 150 
GLN CD     C N N 151 
GLN OE1    O N N 152 
GLN NE2    N N N 153 
GLN OXT    O N N 154 
GLN H      H N N 155 
GLN H2     H N N 156 
GLN HA     H N N 157 
GLN HB2    H N N 158 
GLN HB3    H N N 159 
GLN HG2    H N N 160 
GLN HG3    H N N 161 
GLN HE21   H N N 162 
GLN HE22   H N N 163 
GLN HXT    H N N 164 
GLU N      N N N 165 
GLU CA     C N S 166 
GLU C      C N N 167 
GLU O      O N N 168 
GLU CB     C N N 169 
GLU CG     C N N 170 
GLU CD     C N N 171 
GLU OE1    O N N 172 
GLU OE2    O N N 173 
GLU OXT    O N N 174 
GLU H      H N N 175 
GLU H2     H N N 176 
GLU HA     H N N 177 
GLU HB2    H N N 178 
GLU HB3    H N N 179 
GLU HG2    H N N 180 
GLU HG3    H N N 181 
GLU HE2    H N N 182 
GLU HXT    H N N 183 
GLY N      N N N 184 
GLY CA     C N N 185 
GLY C      C N N 186 
GLY O      O N N 187 
GLY OXT    O N N 188 
GLY H      H N N 189 
GLY H2     H N N 190 
GLY HA2    H N N 191 
GLY HA3    H N N 192 
GLY HXT    H N N 193 
HIS N      N N N 194 
HIS CA     C N S 195 
HIS C      C N N 196 
HIS O      O N N 197 
HIS CB     C N N 198 
HIS CG     C Y N 199 
HIS ND1    N Y N 200 
HIS CD2    C Y N 201 
HIS CE1    C Y N 202 
HIS NE2    N Y N 203 
HIS OXT    O N N 204 
HIS H      H N N 205 
HIS H2     H N N 206 
HIS HA     H N N 207 
HIS HB2    H N N 208 
HIS HB3    H N N 209 
HIS HD1    H N N 210 
HIS HD2    H N N 211 
HIS HE1    H N N 212 
HIS HE2    H N N 213 
HIS HXT    H N N 214 
HOH O      O N N 215 
HOH H1     H N N 216 
HOH H2     H N N 217 
ILE N      N N N 218 
ILE CA     C N S 219 
ILE C      C N N 220 
ILE O      O N N 221 
ILE CB     C N S 222 
ILE CG1    C N N 223 
ILE CG2    C N N 224 
ILE CD1    C N N 225 
ILE OXT    O N N 226 
ILE H      H N N 227 
ILE H2     H N N 228 
ILE HA     H N N 229 
ILE HB     H N N 230 
ILE HG12   H N N 231 
ILE HG13   H N N 232 
ILE HG21   H N N 233 
ILE HG22   H N N 234 
ILE HG23   H N N 235 
ILE HD11   H N N 236 
ILE HD12   H N N 237 
ILE HD13   H N N 238 
ILE HXT    H N N 239 
LEU N      N N N 240 
LEU CA     C N S 241 
LEU C      C N N 242 
LEU O      O N N 243 
LEU CB     C N N 244 
LEU CG     C N N 245 
LEU CD1    C N N 246 
LEU CD2    C N N 247 
LEU OXT    O N N 248 
LEU H      H N N 249 
LEU H2     H N N 250 
LEU HA     H N N 251 
LEU HB2    H N N 252 
LEU HB3    H N N 253 
LEU HG     H N N 254 
LEU HD11   H N N 255 
LEU HD12   H N N 256 
LEU HD13   H N N 257 
LEU HD21   H N N 258 
LEU HD22   H N N 259 
LEU HD23   H N N 260 
LEU HXT    H N N 261 
LYS N      N N N 262 
LYS CA     C N S 263 
LYS C      C N N 264 
LYS O      O N N 265 
LYS CB     C N N 266 
LYS CG     C N N 267 
LYS CD     C N N 268 
LYS CE     C N N 269 
LYS NZ     N N N 270 
LYS OXT    O N N 271 
LYS H      H N N 272 
LYS H2     H N N 273 
LYS HA     H N N 274 
LYS HB2    H N N 275 
LYS HB3    H N N 276 
LYS HG2    H N N 277 
LYS HG3    H N N 278 
LYS HD2    H N N 279 
LYS HD3    H N N 280 
LYS HE2    H N N 281 
LYS HE3    H N N 282 
LYS HZ1    H N N 283 
LYS HZ2    H N N 284 
LYS HZ3    H N N 285 
LYS HXT    H N N 286 
PHE N      N N N 287 
PHE CA     C N S 288 
PHE C      C N N 289 
PHE O      O N N 290 
PHE CB     C N N 291 
PHE CG     C Y N 292 
PHE CD1    C Y N 293 
PHE CD2    C Y N 294 
PHE CE1    C Y N 295 
PHE CE2    C Y N 296 
PHE CZ     C Y N 297 
PHE OXT    O N N 298 
PHE H      H N N 299 
PHE H2     H N N 300 
PHE HA     H N N 301 
PHE HB2    H N N 302 
PHE HB3    H N N 303 
PHE HD1    H N N 304 
PHE HD2    H N N 305 
PHE HE1    H N N 306 
PHE HE2    H N N 307 
PHE HZ     H N N 308 
PHE HXT    H N N 309 
PRO N      N N N 310 
PRO CA     C N S 311 
PRO C      C N N 312 
PRO O      O N N 313 
PRO CB     C N N 314 
PRO CG     C N N 315 
PRO CD     C N N 316 
PRO OXT    O N N 317 
PRO H      H N N 318 
PRO HA     H N N 319 
PRO HB2    H N N 320 
PRO HB3    H N N 321 
PRO HG2    H N N 322 
PRO HG3    H N N 323 
PRO HD2    H N N 324 
PRO HD3    H N N 325 
PRO HXT    H N N 326 
SER N      N N N 327 
SER CA     C N S 328 
SER C      C N N 329 
SER O      O N N 330 
SER CB     C N N 331 
SER OG     O N N 332 
SER OXT    O N N 333 
SER H      H N N 334 
SER H2     H N N 335 
SER HA     H N N 336 
SER HB2    H N N 337 
SER HB3    H N N 338 
SER HG     H N N 339 
SER HXT    H N N 340 
SO4 S      S N N 341 
SO4 O1     O N N 342 
SO4 O2     O N N 343 
SO4 O3     O N N 344 
SO4 O4     O N N 345 
THR N      N N N 346 
THR CA     C N S 347 
THR C      C N N 348 
THR O      O N N 349 
THR CB     C N R 350 
THR OG1    O N N 351 
THR CG2    C N N 352 
THR OXT    O N N 353 
THR H      H N N 354 
THR H2     H N N 355 
THR HA     H N N 356 
THR HB     H N N 357 
THR HG1    H N N 358 
THR HG21   H N N 359 
THR HG22   H N N 360 
THR HG23   H N N 361 
THR HXT    H N N 362 
TRP N      N N N 363 
TRP CA     C N S 364 
TRP C      C N N 365 
TRP O      O N N 366 
TRP CB     C N N 367 
TRP CG     C Y N 368 
TRP CD1    C Y N 369 
TRP CD2    C Y N 370 
TRP NE1    N Y N 371 
TRP CE2    C Y N 372 
TRP CE3    C Y N 373 
TRP CZ2    C Y N 374 
TRP CZ3    C Y N 375 
TRP CH2    C Y N 376 
TRP OXT    O N N 377 
TRP H      H N N 378 
TRP H2     H N N 379 
TRP HA     H N N 380 
TRP HB2    H N N 381 
TRP HB3    H N N 382 
TRP HD1    H N N 383 
TRP HE1    H N N 384 
TRP HE3    H N N 385 
TRP HZ2    H N N 386 
TRP HZ3    H N N 387 
TRP HH2    H N N 388 
TRP HXT    H N N 389 
TYR N      N N N 390 
TYR CA     C N S 391 
TYR C      C N N 392 
TYR O      O N N 393 
TYR CB     C N N 394 
TYR CG     C Y N 395 
TYR CD1    C Y N 396 
TYR CD2    C Y N 397 
TYR CE1    C Y N 398 
TYR CE2    C Y N 399 
TYR CZ     C Y N 400 
TYR OH     O N N 401 
TYR OXT    O N N 402 
TYR H      H N N 403 
TYR H2     H N N 404 
TYR HA     H N N 405 
TYR HB2    H N N 406 
TYR HB3    H N N 407 
TYR HD1    H N N 408 
TYR HD2    H N N 409 
TYR HE1    H N N 410 
TYR HE2    H N N 411 
TYR HH     H N N 412 
TYR HXT    H N N 413 
VAL N      N N N 414 
VAL CA     C N S 415 
VAL C      C N N 416 
VAL O      O N N 417 
VAL CB     C N N 418 
VAL CG1    C N N 419 
VAL CG2    C N N 420 
VAL OXT    O N N 421 
VAL H      H N N 422 
VAL H2     H N N 423 
VAL HA     H N N 424 
VAL HB     H N N 425 
VAL HG11   H N N 426 
VAL HG12   H N N 427 
VAL HG13   H N N 428 
VAL HG21   H N N 429 
VAL HG22   H N N 430 
VAL HG23   H N N 431 
VAL HXT    H N N 432 
# 
loop_
_chem_comp_bond.comp_id 
_chem_comp_bond.atom_id_1 
_chem_comp_bond.atom_id_2 
_chem_comp_bond.value_order 
_chem_comp_bond.pdbx_aromatic_flag 
_chem_comp_bond.pdbx_stereo_config 
_chem_comp_bond.pdbx_ordinal 
ALA N     CA     sing N N 1   
ALA N     H      sing N N 2   
ALA N     H2     sing N N 3   
ALA CA    C      sing N N 4   
ALA CA    CB     sing N N 5   
ALA CA    HA     sing N N 6   
ALA C     O      doub N N 7   
ALA C     OXT    sing N N 8   
ALA CB    HB1    sing N N 9   
ALA CB    HB2    sing N N 10  
ALA CB    HB3    sing N N 11  
ALA OXT   HXT    sing N N 12  
ARG N     CA     sing N N 13  
ARG N     H      sing N N 14  
ARG N     H2     sing N N 15  
ARG CA    C      sing N N 16  
ARG CA    CB     sing N N 17  
ARG CA    HA     sing N N 18  
ARG C     O      doub N N 19  
ARG C     OXT    sing N N 20  
ARG CB    CG     sing N N 21  
ARG CB    HB2    sing N N 22  
ARG CB    HB3    sing N N 23  
ARG CG    CD     sing N N 24  
ARG CG    HG2    sing N N 25  
ARG CG    HG3    sing N N 26  
ARG CD    NE     sing N N 27  
ARG CD    HD2    sing N N 28  
ARG CD    HD3    sing N N 29  
ARG NE    CZ     sing N N 30  
ARG NE    HE     sing N N 31  
ARG CZ    NH1    sing N N 32  
ARG CZ    NH2    doub N N 33  
ARG NH1   HH11   sing N N 34  
ARG NH1   HH12   sing N N 35  
ARG NH2   HH21   sing N N 36  
ARG NH2   HH22   sing N N 37  
ARG OXT   HXT    sing N N 38  
ASN N     CA     sing N N 39  
ASN N     H      sing N N 40  
ASN N     H2     sing N N 41  
ASN CA    C      sing N N 42  
ASN CA    CB     sing N N 43  
ASN CA    HA     sing N N 44  
ASN C     O      doub N N 45  
ASN C     OXT    sing N N 46  
ASN CB    CG     sing N N 47  
ASN CB    HB2    sing N N 48  
ASN CB    HB3    sing N N 49  
ASN CG    OD1    doub N N 50  
ASN CG    ND2    sing N N 51  
ASN ND2   HD21   sing N N 52  
ASN ND2   HD22   sing N N 53  
ASN OXT   HXT    sing N N 54  
ASP N     CA     sing N N 55  
ASP N     H      sing N N 56  
ASP N     H2     sing N N 57  
ASP CA    C      sing N N 58  
ASP CA    CB     sing N N 59  
ASP CA    HA     sing N N 60  
ASP C     O      doub N N 61  
ASP C     OXT    sing N N 62  
ASP CB    CG     sing N N 63  
ASP CB    HB2    sing N N 64  
ASP CB    HB3    sing N N 65  
ASP CG    OD1    doub N N 66  
ASP CG    OD2    sing N N 67  
ASP OD2   HD2    sing N N 68  
ASP OXT   HXT    sing N N 69  
DC  OP3   P      sing N N 70  
DC  OP3   HOP3   sing N N 71  
DC  P     OP1    doub N N 72  
DC  P     OP2    sing N N 73  
DC  P     "O5'"  sing N N 74  
DC  OP2   HOP2   sing N N 75  
DC  "O5'" "C5'"  sing N N 76  
DC  "C5'" "C4'"  sing N N 77  
DC  "C5'" "H5'"  sing N N 78  
DC  "C5'" "H5''" sing N N 79  
DC  "C4'" "O4'"  sing N N 80  
DC  "C4'" "C3'"  sing N N 81  
DC  "C4'" "H4'"  sing N N 82  
DC  "O4'" "C1'"  sing N N 83  
DC  "C3'" "O3'"  sing N N 84  
DC  "C3'" "C2'"  sing N N 85  
DC  "C3'" "H3'"  sing N N 86  
DC  "O3'" "HO3'" sing N N 87  
DC  "C2'" "C1'"  sing N N 88  
DC  "C2'" "H2'"  sing N N 89  
DC  "C2'" "H2''" sing N N 90  
DC  "C1'" N1     sing N N 91  
DC  "C1'" "H1'"  sing N N 92  
DC  N1    C2     sing N N 93  
DC  N1    C6     sing N N 94  
DC  C2    O2     doub N N 95  
DC  C2    N3     sing N N 96  
DC  N3    C4     doub N N 97  
DC  C4    N4     sing N N 98  
DC  C4    C5     sing N N 99  
DC  N4    H41    sing N N 100 
DC  N4    H42    sing N N 101 
DC  C5    C6     doub N N 102 
DC  C5    H5     sing N N 103 
DC  C6    H6     sing N N 104 
DG  OP3   P      sing N N 105 
DG  OP3   HOP3   sing N N 106 
DG  P     OP1    doub N N 107 
DG  P     OP2    sing N N 108 
DG  P     "O5'"  sing N N 109 
DG  OP2   HOP2   sing N N 110 
DG  "O5'" "C5'"  sing N N 111 
DG  "C5'" "C4'"  sing N N 112 
DG  "C5'" "H5'"  sing N N 113 
DG  "C5'" "H5''" sing N N 114 
DG  "C4'" "O4'"  sing N N 115 
DG  "C4'" "C3'"  sing N N 116 
DG  "C4'" "H4'"  sing N N 117 
DG  "O4'" "C1'"  sing N N 118 
DG  "C3'" "O3'"  sing N N 119 
DG  "C3'" "C2'"  sing N N 120 
DG  "C3'" "H3'"  sing N N 121 
DG  "O3'" "HO3'" sing N N 122 
DG  "C2'" "C1'"  sing N N 123 
DG  "C2'" "H2'"  sing N N 124 
DG  "C2'" "H2''" sing N N 125 
DG  "C1'" N9     sing N N 126 
DG  "C1'" "H1'"  sing N N 127 
DG  N9    C8     sing Y N 128 
DG  N9    C4     sing Y N 129 
DG  C8    N7     doub Y N 130 
DG  C8    H8     sing N N 131 
DG  N7    C5     sing Y N 132 
DG  C5    C6     sing N N 133 
DG  C5    C4     doub Y N 134 
DG  C6    O6     doub N N 135 
DG  C6    N1     sing N N 136 
DG  N1    C2     sing N N 137 
DG  N1    H1     sing N N 138 
DG  C2    N2     sing N N 139 
DG  C2    N3     doub N N 140 
DG  N2    H21    sing N N 141 
DG  N2    H22    sing N N 142 
DG  N3    C4     sing N N 143 
GLN N     CA     sing N N 144 
GLN N     H      sing N N 145 
GLN N     H2     sing N N 146 
GLN CA    C      sing N N 147 
GLN CA    CB     sing N N 148 
GLN CA    HA     sing N N 149 
GLN C     O      doub N N 150 
GLN C     OXT    sing N N 151 
GLN CB    CG     sing N N 152 
GLN CB    HB2    sing N N 153 
GLN CB    HB3    sing N N 154 
GLN CG    CD     sing N N 155 
GLN CG    HG2    sing N N 156 
GLN CG    HG3    sing N N 157 
GLN CD    OE1    doub N N 158 
GLN CD    NE2    sing N N 159 
GLN NE2   HE21   sing N N 160 
GLN NE2   HE22   sing N N 161 
GLN OXT   HXT    sing N N 162 
GLU N     CA     sing N N 163 
GLU N     H      sing N N 164 
GLU N     H2     sing N N 165 
GLU CA    C      sing N N 166 
GLU CA    CB     sing N N 167 
GLU CA    HA     sing N N 168 
GLU C     O      doub N N 169 
GLU C     OXT    sing N N 170 
GLU CB    CG     sing N N 171 
GLU CB    HB2    sing N N 172 
GLU CB    HB3    sing N N 173 
GLU CG    CD     sing N N 174 
GLU CG    HG2    sing N N 175 
GLU CG    HG3    sing N N 176 
GLU CD    OE1    doub N N 177 
GLU CD    OE2    sing N N 178 
GLU OE2   HE2    sing N N 179 
GLU OXT   HXT    sing N N 180 
GLY N     CA     sing N N 181 
GLY N     H      sing N N 182 
GLY N     H2     sing N N 183 
GLY CA    C      sing N N 184 
GLY CA    HA2    sing N N 185 
GLY CA    HA3    sing N N 186 
GLY C     O      doub N N 187 
GLY C     OXT    sing N N 188 
GLY OXT   HXT    sing N N 189 
HIS N     CA     sing N N 190 
HIS N     H      sing N N 191 
HIS N     H2     sing N N 192 
HIS CA    C      sing N N 193 
HIS CA    CB     sing N N 194 
HIS CA    HA     sing N N 195 
HIS C     O      doub N N 196 
HIS C     OXT    sing N N 197 
HIS CB    CG     sing N N 198 
HIS CB    HB2    sing N N 199 
HIS CB    HB3    sing N N 200 
HIS CG    ND1    sing Y N 201 
HIS CG    CD2    doub Y N 202 
HIS ND1   CE1    doub Y N 203 
HIS ND1   HD1    sing N N 204 
HIS CD2   NE2    sing Y N 205 
HIS CD2   HD2    sing N N 206 
HIS CE1   NE2    sing Y N 207 
HIS CE1   HE1    sing N N 208 
HIS NE2   HE2    sing N N 209 
HIS OXT   HXT    sing N N 210 
HOH O     H1     sing N N 211 
HOH O     H2     sing N N 212 
ILE N     CA     sing N N 213 
ILE N     H      sing N N 214 
ILE N     H2     sing N N 215 
ILE CA    C      sing N N 216 
ILE CA    CB     sing N N 217 
ILE CA    HA     sing N N 218 
ILE C     O      doub N N 219 
ILE C     OXT    sing N N 220 
ILE CB    CG1    sing N N 221 
ILE CB    CG2    sing N N 222 
ILE CB    HB     sing N N 223 
ILE CG1   CD1    sing N N 224 
ILE CG1   HG12   sing N N 225 
ILE CG1   HG13   sing N N 226 
ILE CG2   HG21   sing N N 227 
ILE CG2   HG22   sing N N 228 
ILE CG2   HG23   sing N N 229 
ILE CD1   HD11   sing N N 230 
ILE CD1   HD12   sing N N 231 
ILE CD1   HD13   sing N N 232 
ILE OXT   HXT    sing N N 233 
LEU N     CA     sing N N 234 
LEU N     H      sing N N 235 
LEU N     H2     sing N N 236 
LEU CA    C      sing N N 237 
LEU CA    CB     sing N N 238 
LEU CA    HA     sing N N 239 
LEU C     O      doub N N 240 
LEU C     OXT    sing N N 241 
LEU CB    CG     sing N N 242 
LEU CB    HB2    sing N N 243 
LEU CB    HB3    sing N N 244 
LEU CG    CD1    sing N N 245 
LEU CG    CD2    sing N N 246 
LEU CG    HG     sing N N 247 
LEU CD1   HD11   sing N N 248 
LEU CD1   HD12   sing N N 249 
LEU CD1   HD13   sing N N 250 
LEU CD2   HD21   sing N N 251 
LEU CD2   HD22   sing N N 252 
LEU CD2   HD23   sing N N 253 
LEU OXT   HXT    sing N N 254 
LYS N     CA     sing N N 255 
LYS N     H      sing N N 256 
LYS N     H2     sing N N 257 
LYS CA    C      sing N N 258 
LYS CA    CB     sing N N 259 
LYS CA    HA     sing N N 260 
LYS C     O      doub N N 261 
LYS C     OXT    sing N N 262 
LYS CB    CG     sing N N 263 
LYS CB    HB2    sing N N 264 
LYS CB    HB3    sing N N 265 
LYS CG    CD     sing N N 266 
LYS CG    HG2    sing N N 267 
LYS CG    HG3    sing N N 268 
LYS CD    CE     sing N N 269 
LYS CD    HD2    sing N N 270 
LYS CD    HD3    sing N N 271 
LYS CE    NZ     sing N N 272 
LYS CE    HE2    sing N N 273 
LYS CE    HE3    sing N N 274 
LYS NZ    HZ1    sing N N 275 
LYS NZ    HZ2    sing N N 276 
LYS NZ    HZ3    sing N N 277 
LYS OXT   HXT    sing N N 278 
PHE N     CA     sing N N 279 
PHE N     H      sing N N 280 
PHE N     H2     sing N N 281 
PHE CA    C      sing N N 282 
PHE CA    CB     sing N N 283 
PHE CA    HA     sing N N 284 
PHE C     O      doub N N 285 
PHE C     OXT    sing N N 286 
PHE CB    CG     sing N N 287 
PHE CB    HB2    sing N N 288 
PHE CB    HB3    sing N N 289 
PHE CG    CD1    doub Y N 290 
PHE CG    CD2    sing Y N 291 
PHE CD1   CE1    sing Y N 292 
PHE CD1   HD1    sing N N 293 
PHE CD2   CE2    doub Y N 294 
PHE CD2   HD2    sing N N 295 
PHE CE1   CZ     doub Y N 296 
PHE CE1   HE1    sing N N 297 
PHE CE2   CZ     sing Y N 298 
PHE CE2   HE2    sing N N 299 
PHE CZ    HZ     sing N N 300 
PHE OXT   HXT    sing N N 301 
PRO N     CA     sing N N 302 
PRO N     CD     sing N N 303 
PRO N     H      sing N N 304 
PRO CA    C      sing N N 305 
PRO CA    CB     sing N N 306 
PRO CA    HA     sing N N 307 
PRO C     O      doub N N 308 
PRO C     OXT    sing N N 309 
PRO CB    CG     sing N N 310 
PRO CB    HB2    sing N N 311 
PRO CB    HB3    sing N N 312 
PRO CG    CD     sing N N 313 
PRO CG    HG2    sing N N 314 
PRO CG    HG3    sing N N 315 
PRO CD    HD2    sing N N 316 
PRO CD    HD3    sing N N 317 
PRO OXT   HXT    sing N N 318 
SER N     CA     sing N N 319 
SER N     H      sing N N 320 
SER N     H2     sing N N 321 
SER CA    C      sing N N 322 
SER CA    CB     sing N N 323 
SER CA    HA     sing N N 324 
SER C     O      doub N N 325 
SER C     OXT    sing N N 326 
SER CB    OG     sing N N 327 
SER CB    HB2    sing N N 328 
SER CB    HB3    sing N N 329 
SER OG    HG     sing N N 330 
SER OXT   HXT    sing N N 331 
SO4 S     O1     doub N N 332 
SO4 S     O2     doub N N 333 
SO4 S     O3     sing N N 334 
SO4 S     O4     sing N N 335 
THR N     CA     sing N N 336 
THR N     H      sing N N 337 
THR N     H2     sing N N 338 
THR CA    C      sing N N 339 
THR CA    CB     sing N N 340 
THR CA    HA     sing N N 341 
THR C     O      doub N N 342 
THR C     OXT    sing N N 343 
THR CB    OG1    sing N N 344 
THR CB    CG2    sing N N 345 
THR CB    HB     sing N N 346 
THR OG1   HG1    sing N N 347 
THR CG2   HG21   sing N N 348 
THR CG2   HG22   sing N N 349 
THR CG2   HG23   sing N N 350 
THR OXT   HXT    sing N N 351 
TRP N     CA     sing N N 352 
TRP N     H      sing N N 353 
TRP N     H2     sing N N 354 
TRP CA    C      sing N N 355 
TRP CA    CB     sing N N 356 
TRP CA    HA     sing N N 357 
TRP C     O      doub N N 358 
TRP C     OXT    sing N N 359 
TRP CB    CG     sing N N 360 
TRP CB    HB2    sing N N 361 
TRP CB    HB3    sing N N 362 
TRP CG    CD1    doub Y N 363 
TRP CG    CD2    sing Y N 364 
TRP CD1   NE1    sing Y N 365 
TRP CD1   HD1    sing N N 366 
TRP CD2   CE2    doub Y N 367 
TRP CD2   CE3    sing Y N 368 
TRP NE1   CE2    sing Y N 369 
TRP NE1   HE1    sing N N 370 
TRP CE2   CZ2    sing Y N 371 
TRP CE3   CZ3    doub Y N 372 
TRP CE3   HE3    sing N N 373 
TRP CZ2   CH2    doub Y N 374 
TRP CZ2   HZ2    sing N N 375 
TRP CZ3   CH2    sing Y N 376 
TRP CZ3   HZ3    sing N N 377 
TRP CH2   HH2    sing N N 378 
TRP OXT   HXT    sing N N 379 
TYR N     CA     sing N N 380 
TYR N     H      sing N N 381 
TYR N     H2     sing N N 382 
TYR CA    C      sing N N 383 
TYR CA    CB     sing N N 384 
TYR CA    HA     sing N N 385 
TYR C     O      doub N N 386 
TYR C     OXT    sing N N 387 
TYR CB    CG     sing N N 388 
TYR CB    HB2    sing N N 389 
TYR CB    HB3    sing N N 390 
TYR CG    CD1    doub Y N 391 
TYR CG    CD2    sing Y N 392 
TYR CD1   CE1    sing Y N 393 
TYR CD1   HD1    sing N N 394 
TYR CD2   CE2    doub Y N 395 
TYR CD2   HD2    sing N N 396 
TYR CE1   CZ     doub Y N 397 
TYR CE1   HE1    sing N N 398 
TYR CE2   CZ     sing Y N 399 
TYR CE2   HE2    sing N N 400 
TYR CZ    OH     sing N N 401 
TYR OH    HH     sing N N 402 
TYR OXT   HXT    sing N N 403 
VAL N     CA     sing N N 404 
VAL N     H      sing N N 405 
VAL N     H2     sing N N 406 
VAL CA    C      sing N N 407 
VAL CA    CB     sing N N 408 
VAL CA    HA     sing N N 409 
VAL C     O      doub N N 410 
VAL C     OXT    sing N N 411 
VAL CB    CG1    sing N N 412 
VAL CB    CG2    sing N N 413 
VAL CB    HB     sing N N 414 
VAL CG1   HG11   sing N N 415 
VAL CG1   HG12   sing N N 416 
VAL CG1   HG13   sing N N 417 
VAL CG2   HG21   sing N N 418 
VAL CG2   HG22   sing N N 419 
VAL CG2   HG23   sing N N 420 
VAL OXT   HXT    sing N N 421 
# 
_atom_sites.entry_id                    1RNB 
_atom_sites.fract_transf_matrix[1][1]   0.01718591 
_atom_sites.fract_transf_matrix[1][2]   0.01002525 
_atom_sites.fract_transf_matrix[1][3]   -0.00095029 
_atom_sites.fract_transf_matrix[2][1]   0.00075041 
_atom_sites.fract_transf_matrix[2][2]   0.01904997 
_atom_sites.fract_transf_matrix[2][3]   0.00577080 
_atom_sites.fract_transf_matrix[3][1]   0.00258950 
_atom_sites.fract_transf_matrix[3][2]   -0.00340540 
_atom_sites.fract_transf_matrix[3][3]   0.01090484 
_atom_sites.fract_transf_vector[1]      0.695323 
_atom_sites.fract_transf_vector[2]      0.350158 
_atom_sites.fract_transf_vector[3]      0.765752 
# 
_atom_sites_footnote.id     1 
_atom_sites_footnote.text   'THE SIDE CHAINS OF RESIDUES 2, 59, 60, AND 62 HAVE NO DENSITY.' 
# 
loop_
_atom_type.symbol 
C 
N 
O 
P 
S 
# 
loop_
_atom_site.group_PDB 
_atom_site.id 
_atom_site.type_symbol 
_atom_site.label_atom_id 
_atom_site.label_alt_id 
_atom_site.label_comp_id 
_atom_site.label_asym_id 
_atom_site.label_entity_id 
_atom_site.label_seq_id 
_atom_site.pdbx_PDB_ins_code 
_atom_site.Cartn_x 
_atom_site.Cartn_y 
_atom_site.Cartn_z 
_atom_site.occupancy 
_atom_site.B_iso_or_equiv 
_atom_site.pdbx_formal_charge 
_atom_site.auth_seq_id 
_atom_site.auth_comp_id 
_atom_site.auth_asym_id 
_atom_site.auth_atom_id 
_atom_site.pdbx_PDB_model_num 
ATOM   1    O "O5'" . DG  A 1 1   ? 5.581   1.109   7.997   1.00 21.99 ? 111 DG  C "O5'" 1 
ATOM   2    C "C5'" . DG  A 1 1   ? 6.743   0.481   8.470   1.00 21.00 ? 111 DG  C "C5'" 1 
ATOM   3    C "C4'" . DG  A 1 1   ? 7.887   0.762   7.525   1.00 21.32 ? 111 DG  C "C4'" 1 
ATOM   4    O "O4'" . DG  A 1 1   ? 7.936   2.132   7.207   1.00 21.02 ? 111 DG  C "O4'" 1 
ATOM   5    C "C3'" . DG  A 1 1   ? 9.256   0.608   8.267   1.00 22.32 ? 111 DG  C "C3'" 1 
ATOM   6    O "O3'" . DG  A 1 1   ? 10.183  0.047   7.321   1.00 22.68 ? 111 DG  C "O3'" 1 
ATOM   7    C "C2'" . DG  A 1 1   ? 9.589   2.013   8.758   1.00 21.47 ? 111 DG  C "C2'" 1 
ATOM   8    C "C1'" . DG  A 1 1   ? 9.130   2.783   7.503   1.00 21.65 ? 111 DG  C "C1'" 1 
ATOM   9    N N9    . DG  A 1 1   ? 8.809   4.202   7.850   1.00 22.39 ? 111 DG  C N9    1 
ATOM   10   C C8    . DG  A 1 1   ? 8.910   5.271   7.000   1.00 21.36 ? 111 DG  C C8    1 
ATOM   11   N N7    . DG  A 1 1   ? 8.623   6.396   7.607   1.00 22.20 ? 111 DG  C N7    1 
ATOM   12   C C5    . DG  A 1 1   ? 8.384   6.051   8.896   1.00 22.88 ? 111 DG  C C5    1 
ATOM   13   C C6    . DG  A 1 1   ? 8.021   6.857   10.008  1.00 23.85 ? 111 DG  C C6    1 
ATOM   14   O O6    . DG  A 1 1   ? 7.842   8.105   10.012  1.00 25.48 ? 111 DG  C O6    1 
ATOM   15   N N1    . DG  A 1 1   ? 7.835   6.150   11.189  1.00 23.74 ? 111 DG  C N1    1 
ATOM   16   C C2    . DG  A 1 1   ? 8.011   4.827   11.331  1.00 23.28 ? 111 DG  C C2    1 
ATOM   17   N N2    . DG  A 1 1   ? 7.783   4.287   12.565  1.00 22.64 ? 111 DG  C N2    1 
ATOM   18   N N3    . DG  A 1 1   ? 8.326   4.063   10.274  1.00 23.57 ? 111 DG  C N3    1 
ATOM   19   C C4    . DG  A 1 1   ? 8.496   4.738   9.104   1.00 22.90 ? 111 DG  C C4    1 
ATOM   20   P P     . DC  A 1 2   ? 10.414  -1.470  7.086   1.00 24.92 ? 112 DC  C P     1 
ATOM   21   O OP1   . DC  A 1 2   ? 11.283  -1.460  5.813   1.00 24.90 ? 112 DC  C OP1   1 
ATOM   22   O OP2   . DC  A 1 2   ? 9.350   -2.473  7.134   1.00 24.12 ? 112 DC  C OP2   1 
ATOM   23   O "O5'" . DC  A 1 2   ? 11.447  -1.962  8.316   1.00 25.74 ? 112 DC  C "O5'" 1 
ATOM   24   C "C5'" . DC  A 1 2   ? 12.605  -1.147  8.580   1.00 26.61 ? 112 DC  C "C5'" 1 
ATOM   25   C "C4'" . DC  A 1 2   ? 12.665  -0.878  10.054  1.00 27.17 ? 112 DC  C "C4'" 1 
ATOM   26   O "O4'" . DC  A 1 2   ? 11.915  0.157   10.614  1.00 26.80 ? 112 DC  C "O4'" 1 
ATOM   27   C "C3'" . DC  A 1 2   ? 12.561  -2.062  10.943  1.00 27.76 ? 112 DC  C "C3'" 1 
ATOM   28   O "O3'" . DC  A 1 2   ? 13.750  -2.843  11.077  1.00 28.84 ? 112 DC  C "O3'" 1 
ATOM   29   C "C2'" . DC  A 1 2   ? 12.011  -1.534  12.260  1.00 27.07 ? 112 DC  C "C2'" 1 
ATOM   30   C "C1'" . DC  A 1 2   ? 11.543  -0.141  11.980  1.00 25.78 ? 112 DC  C "C1'" 1 
ATOM   31   N N1    . DC  A 1 2   ? 10.090  -0.063  12.122  1.00 24.62 ? 112 DC  C N1    1 
ATOM   32   C C2    . DC  A 1 2   ? 9.637   1.043   12.725  1.00 25.15 ? 112 DC  C C2    1 
ATOM   33   O O2    . DC  A 1 2   ? 10.533  1.816   13.112  1.00 27.35 ? 112 DC  C O2    1 
ATOM   34   N N3    . DC  A 1 2   ? 8.358   1.340   12.911  1.00 24.24 ? 112 DC  C N3    1 
ATOM   35   C C4    . DC  A 1 2   ? 7.513   0.431   12.487  1.00 23.77 ? 112 DC  C C4    1 
ATOM   36   N N4    . DC  A 1 2   ? 6.207   0.733   12.684  1.00 22.60 ? 112 DC  C N4    1 
ATOM   37   C C5    . DC  A 1 2   ? 7.913   -0.737  11.847  1.00 23.79 ? 112 DC  C C5    1 
ATOM   38   C C6    . DC  A 1 2   ? 9.231   -0.987  11.662  1.00 24.05 ? 112 DC  C C6    1 
ATOM   39   N N     . GLN B 2 2   ? 4.375   -2.240  -16.493 1.00 48.52 ? 2   GLN A N     1 
ATOM   40   C CA    . GLN B 2 2   ? 4.765   -3.278  -15.516 1.00 47.92 ? 2   GLN A CA    1 
ATOM   41   C C     . GLN B 2 2   ? 4.889   -2.796  -14.071 1.00 46.56 ? 2   GLN A C     1 
ATOM   42   O O     . GLN B 2 2   ? 4.432   -3.601  -13.193 1.00 47.96 ? 2   GLN A O     1 
ATOM   43   C CB    . GLN B 2 2   ? 5.993   -4.077  -15.994 1.00 48.66 ? 2   GLN A CB    1 
ATOM   44   N N     . VAL B 2 3   ? 5.475   -1.636  -13.776 1.00 43.80 ? 3   VAL A N     1 
ATOM   45   C CA    . VAL B 2 3   ? 5.483   -1.249  -12.360 1.00 41.26 ? 3   VAL A CA    1 
ATOM   46   C C     . VAL B 2 3   ? 4.621   0.014   -12.227 1.00 39.50 ? 3   VAL A C     1 
ATOM   47   O O     . VAL B 2 3   ? 5.001   1.100   -12.701 1.00 39.84 ? 3   VAL A O     1 
ATOM   48   C CB    . VAL B 2 3   ? 6.843   -1.120  -11.663 1.00 41.27 ? 3   VAL A CB    1 
ATOM   49   C CG1   . VAL B 2 3   ? 6.842   -0.201  -10.416 1.00 40.70 ? 3   VAL A CG1   1 
ATOM   50   C CG2   . VAL B 2 3   ? 7.251   -2.475  -11.117 1.00 41.20 ? 3   VAL A CG2   1 
ATOM   51   N N     . ILE B 2 4   ? 3.489   -0.158  -11.565 1.00 37.06 ? 4   ILE A N     1 
ATOM   52   C CA    . ILE B 2 4   ? 2.572   0.978   -11.287 1.00 34.76 ? 4   ILE A CA    1 
ATOM   53   C C     . ILE B 2 4   ? 2.745   1.138   -9.754  1.00 33.72 ? 4   ILE A C     1 
ATOM   54   O O     . ILE B 2 4   ? 2.293   0.303   -8.995  1.00 33.15 ? 4   ILE A O     1 
ATOM   55   C CB    . ILE B 2 4   ? 1.129   0.658   -11.740 1.00 33.89 ? 4   ILE A CB    1 
ATOM   56   C CG1   . ILE B 2 4   ? 1.135   0.098   -13.182 1.00 34.22 ? 4   ILE A CG1   1 
ATOM   57   C CG2   . ILE B 2 4   ? 0.154   1.790   -11.461 1.00 33.23 ? 4   ILE A CG2   1 
ATOM   58   C CD1   . ILE B 2 4   ? -0.112  -0.755  -13.551 1.00 33.94 ? 4   ILE A CD1   1 
ATOM   59   N N     . ASN B 2 5   ? 3.408   2.188   -9.340  1.00 32.97 ? 5   ASN A N     1 
ATOM   60   C CA    . ASN B 2 5   ? 3.741   2.472   -7.965  1.00 31.83 ? 5   ASN A CA    1 
ATOM   61   C C     . ASN B 2 5   ? 3.700   3.927   -7.603  1.00 30.86 ? 5   ASN A C     1 
ATOM   62   O O     . ASN B 2 5   ? 4.303   4.272   -6.578  1.00 31.36 ? 5   ASN A O     1 
ATOM   63   C CB    . ASN B 2 5   ? 5.060   1.751   -7.658  1.00 32.40 ? 5   ASN A CB    1 
ATOM   64   C CG    . ASN B 2 5   ? 6.275   2.531   -8.132  1.00 32.93 ? 5   ASN A CG    1 
ATOM   65   O OD1   . ASN B 2 5   ? 6.252   3.386   -9.018  1.00 32.99 ? 5   ASN A OD1   1 
ATOM   66   N ND2   . ASN B 2 5   ? 7.443   2.330   -7.517  1.00 33.30 ? 5   ASN A ND2   1 
ATOM   67   N N     . THR B 2 6   ? 3.008   4.781   -8.300  1.00 30.51 ? 6   THR A N     1 
ATOM   68   C CA    . THR B 2 6   ? 2.837   6.204   -7.960  1.00 30.29 ? 6   THR A CA    1 
ATOM   69   C C     . THR B 2 6   ? 1.403   6.368   -7.411  1.00 30.10 ? 6   THR A C     1 
ATOM   70   O O     . THR B 2 6   ? 0.494   5.510   -7.639  1.00 30.22 ? 6   THR A O     1 
ATOM   71   C CB    . THR B 2 6   ? 3.113   7.168   -9.189  1.00 31.11 ? 6   THR A CB    1 
ATOM   72   O OG1   . THR B 2 6   ? 2.276   6.620   -10.301 1.00 31.73 ? 6   THR A OG1   1 
ATOM   73   C CG2   . THR B 2 6   ? 4.588   7.020   -9.632  1.00 31.35 ? 6   THR A CG2   1 
ATOM   74   N N     . PHE B 2 7   ? 1.134   7.455   -6.736  1.00 29.14 ? 7   PHE A N     1 
ATOM   75   C CA    . PHE B 2 7   ? -0.198  7.684   -6.238  1.00 30.57 ? 7   PHE A CA    1 
ATOM   76   C C     . PHE B 2 7   ? -1.194  7.827   -7.395  1.00 31.77 ? 7   PHE A C     1 
ATOM   77   O O     . PHE B 2 7   ? -2.324  7.343   -7.194  1.00 32.30 ? 7   PHE A O     1 
ATOM   78   C CB    . PHE B 2 7   ? -0.318  8.870   -5.296  1.00 30.52 ? 7   PHE A CB    1 
ATOM   79   C CG    . PHE B 2 7   ? 0.438   8.927   -4.017  1.00 30.44 ? 7   PHE A CG    1 
ATOM   80   C CD1   . PHE B 2 7   ? 0.008   8.149   -2.918  1.00 30.02 ? 7   PHE A CD1   1 
ATOM   81   C CD2   . PHE B 2 7   ? 1.581   9.722   -3.898  1.00 30.55 ? 7   PHE A CD2   1 
ATOM   82   C CE1   . PHE B 2 7   ? 0.743   8.204   -1.731  1.00 28.99 ? 7   PHE A CE1   1 
ATOM   83   C CE2   . PHE B 2 7   ? 2.296   9.791   -2.698  1.00 29.75 ? 7   PHE A CE2   1 
ATOM   84   C CZ    . PHE B 2 7   ? 1.870   9.023   -1.635  1.00 28.98 ? 7   PHE A CZ    1 
ATOM   85   N N     . ASP B 2 8   ? -0.899  8.468   -8.520  1.00 33.10 ? 8   ASP A N     1 
ATOM   86   C CA    . ASP B 2 8   ? -1.999  8.564   -9.512  1.00 34.38 ? 8   ASP A CA    1 
ATOM   87   C C     . ASP B 2 8   ? -2.193  7.233   -10.228 1.00 32.33 ? 8   ASP A C     1 
ATOM   88   O O     . ASP B 2 8   ? -3.340  6.803   -10.520 1.00 32.02 ? 8   ASP A O     1 
ATOM   89   C CB    . ASP B 2 8   ? -1.829  9.788   -10.391 1.00 38.81 ? 8   ASP A CB    1 
ATOM   90   C CG    . ASP B 2 8   ? -1.819  11.146  -9.704  1.00 42.90 ? 8   ASP A CG    1 
ATOM   91   O OD1   . ASP B 2 8   ? -2.491  11.380  -8.637  1.00 44.64 ? 8   ASP A OD1   1 
ATOM   92   O OD2   . ASP B 2 8   ? -1.103  12.100  -10.184 1.00 45.14 ? 8   ASP A OD2   1 
ATOM   93   N N     . GLY B 2 9   ? -1.116  6.519   -10.493 1.00 29.93 ? 9   GLY A N     1 
ATOM   94   C CA    . GLY B 2 9   ? -1.166  5.245   -11.241 1.00 27.95 ? 9   GLY A CA    1 
ATOM   95   C C     . GLY B 2 9   ? -1.910  4.127   -10.543 1.00 26.67 ? 9   GLY A C     1 
ATOM   96   O O     . GLY B 2 9   ? -2.694  3.367   -11.102 1.00 25.09 ? 9   GLY A O     1 
ATOM   97   N N     . VAL B 2 10  ? -1.623  4.127   -9.236  1.00 25.81 ? 10  VAL A N     1 
ATOM   98   C CA    . VAL B 2 10  ? -2.203  3.106   -8.340  1.00 23.99 ? 10  VAL A CA    1 
ATOM   99   C C     . VAL B 2 10  ? -3.650  3.470   -8.067  1.00 24.26 ? 10  VAL A C     1 
ATOM   100  O O     . VAL B 2 10  ? -4.459  2.549   -8.152  1.00 23.93 ? 10  VAL A O     1 
ATOM   101  C CB    . VAL B 2 10  ? -1.239  2.839   -7.159  1.00 22.60 ? 10  VAL A CB    1 
ATOM   102  C CG1   . VAL B 2 10  ? -2.033  1.925   -6.195  1.00 22.94 ? 10  VAL A CG1   1 
ATOM   103  C CG2   . VAL B 2 10  ? 0.059   2.188   -7.600  1.00 21.02 ? 10  VAL A CG2   1 
ATOM   104  N N     . ALA B 2 11  ? -3.953  4.712   -7.771  1.00 25.56 ? 11  ALA A N     1 
ATOM   105  C CA    . ALA B 2 11  ? -5.270  5.275   -7.473  1.00 26.24 ? 11  ALA A CA    1 
ATOM   106  C C     . ALA B 2 11  ? -6.177  4.788   -8.608  1.00 27.92 ? 11  ALA A C     1 
ATOM   107  O O     . ALA B 2 11  ? -7.283  4.219   -8.551  1.00 27.89 ? 11  ALA A O     1 
ATOM   108  C CB    . ALA B 2 11  ? -5.176  6.778   -7.293  1.00 25.01 ? 11  ALA A CB    1 
ATOM   109  N N     . ASP B 2 12  ? -5.579  5.067   -9.769  1.00 29.93 ? 12  ASP A N     1 
ATOM   110  C CA    . ASP B 2 12  ? -6.062  4.739   -11.098 1.00 30.41 ? 12  ASP A CA    1 
ATOM   111  C C     . ASP B 2 12  ? -6.597  3.351   -11.318 1.00 28.13 ? 12  ASP A C     1 
ATOM   112  O O     . ASP B 2 12  ? -7.707  2.959   -11.624 1.00 28.32 ? 12  ASP A O     1 
ATOM   113  C CB    . ASP B 2 12  ? -4.720  4.680   -11.947 1.00 35.25 ? 12  ASP A CB    1 
ATOM   114  C CG    . ASP B 2 12  ? -5.431  5.310   -13.168 1.00 39.39 ? 12  ASP A CG    1 
ATOM   115  O OD1   . ASP B 2 12  ? -5.768  6.486   -12.858 1.00 41.47 ? 12  ASP A OD1   1 
ATOM   116  O OD2   . ASP B 2 12  ? -5.680  4.561   -14.144 1.00 41.83 ? 12  ASP A OD2   1 
ATOM   117  N N     . TYR B 2 13  ? -5.614  2.488   -11.195 1.00 26.24 ? 13  TYR A N     1 
ATOM   118  C CA    . TYR B 2 13  ? -5.693  1.045   -11.294 1.00 26.00 ? 13  TYR A CA    1 
ATOM   119  C C     . TYR B 2 13  ? -6.757  0.508   -10.336 1.00 27.09 ? 13  TYR A C     1 
ATOM   120  O O     . TYR B 2 13  ? -7.633  -0.313  -10.768 1.00 27.56 ? 13  TYR A O     1 
ATOM   121  C CB    . TYR B 2 13  ? -4.279  0.440   -11.116 1.00 24.61 ? 13  TYR A CB    1 
ATOM   122  C CG    . TYR B 2 13  ? -4.146  -0.954  -11.671 1.00 23.65 ? 13  TYR A CG    1 
ATOM   123  C CD1   . TYR B 2 13  ? -4.680  -2.014  -10.960 1.00 23.33 ? 13  TYR A CD1   1 
ATOM   124  C CD2   . TYR B 2 13  ? -3.539  -1.204  -12.894 1.00 23.13 ? 13  TYR A CD2   1 
ATOM   125  C CE1   . TYR B 2 13  ? -4.618  -3.315  -11.462 1.00 23.89 ? 13  TYR A CE1   1 
ATOM   126  C CE2   . TYR B 2 13  ? -3.476  -2.492  -13.380 1.00 23.29 ? 13  TYR A CE2   1 
ATOM   127  C CZ    . TYR B 2 13  ? -4.010  -3.533  -12.675 1.00 23.38 ? 13  TYR A CZ    1 
ATOM   128  O OH    . TYR B 2 13  ? -4.005  -4.831  -13.099 1.00 25.02 ? 13  TYR A OH    1 
ATOM   129  N N     . LEU B 2 14  ? -6.706  0.978   -9.085  1.00 27.09 ? 14  LEU A N     1 
ATOM   130  C CA    . LEU B 2 14  ? -7.620  0.533   -8.030  1.00 27.28 ? 14  LEU A CA    1 
ATOM   131  C C     . LEU B 2 14  ? -9.053  0.847   -8.429  1.00 27.67 ? 14  LEU A C     1 
ATOM   132  O O     . LEU B 2 14  ? -9.883  -0.065  -8.365  1.00 28.17 ? 14  LEU A O     1 
ATOM   133  C CB    . LEU B 2 14  ? -7.345  1.217   -6.659  1.00 26.57 ? 14  LEU A CB    1 
ATOM   134  C CG    . LEU B 2 14  ? -6.197  0.717   -5.789  1.00 26.05 ? 14  LEU A CG    1 
ATOM   135  C CD1   . LEU B 2 14  ? -5.768  1.642   -4.694  1.00 24.71 ? 14  LEU A CD1   1 
ATOM   136  C CD2   . LEU B 2 14  ? -6.498  -0.715  -5.397  1.00 25.25 ? 14  LEU A CD2   1 
ATOM   137  N N     . GLN B 2 15  ? -9.210  2.108   -8.767  1.00 29.44 ? 15  GLN A N     1 
ATOM   138  C CA    . GLN B 2 15  ? -10.562 2.609   -9.176  1.00 31.45 ? 15  GLN A CA    1 
ATOM   139  C C     . GLN B 2 15  ? -11.144 1.824   -10.348 1.00 31.55 ? 15  GLN A C     1 
ATOM   140  O O     . GLN B 2 15  ? -12.295 1.330   -10.390 1.00 31.43 ? 15  GLN A O     1 
ATOM   141  C CB    . GLN B 2 15  ? -10.310 4.072   -9.371  1.00 33.83 ? 15  GLN A CB    1 
ATOM   142  C CG    . GLN B 2 15  ? -11.464 4.800   -9.978  1.00 38.26 ? 15  GLN A CG    1 
ATOM   143  C CD    . GLN B 2 15  ? -11.345 6.290   -9.724  1.00 41.67 ? 15  GLN A CD    1 
ATOM   144  O OE1   . GLN B 2 15  ? -12.060 7.108   -10.337 1.00 44.14 ? 15  GLN A OE1   1 
ATOM   145  N NE2   . GLN B 2 15  ? -10.449 6.747   -8.814  1.00 43.21 ? 15  GLN A NE2   1 
ATOM   146  N N     . THR B 2 16  ? -10.322 1.549   -11.372 1.00 30.44 ? 16  THR A N     1 
ATOM   147  C CA    . THR B 2 16  ? -10.726 0.796   -12.525 1.00 29.74 ? 16  THR A CA    1 
ATOM   148  C C     . THR B 2 16  ? -10.799 -0.708  -12.341 1.00 28.69 ? 16  THR A C     1 
ATOM   149  O O     . THR B 2 16  ? -11.804 -1.235  -12.860 1.00 28.73 ? 16  THR A O     1 
ATOM   150  C CB    . THR B 2 16  ? -9.811  1.029   -13.804 1.00 30.13 ? 16  THR A CB    1 
ATOM   151  O OG1   . THR B 2 16  ? -9.603  2.440   -14.038 1.00 30.59 ? 16  THR A OG1   1 
ATOM   152  C CG2   . THR B 2 16  ? -10.278 0.175   -14.990 1.00 29.72 ? 16  THR A CG2   1 
ATOM   153  N N     . TYR B 2 17  ? -9.829  -1.354  -11.765 1.00 27.62 ? 17  TYR A N     1 
ATOM   154  C CA    . TYR B 2 17  ? -9.776  -2.811  -11.614 1.00 27.03 ? 17  TYR A CA    1 
ATOM   155  C C     . TYR B 2 17  ? -10.181 -3.397  -10.260 1.00 26.81 ? 17  TYR A C     1 
ATOM   156  O O     . TYR B 2 17  ? -10.311 -4.638  -10.145 1.00 26.09 ? 17  TYR A O     1 
ATOM   157  C CB    . TYR B 2 17  ? -8.348  -3.320  -12.036 1.00 27.21 ? 17  TYR A CB    1 
ATOM   158  C CG    . TYR B 2 17  ? -8.089  -2.869  -13.461 1.00 27.83 ? 17  TYR A CG    1 
ATOM   159  C CD1   . TYR B 2 17  ? -8.713  -3.606  -14.505 1.00 28.39 ? 17  TYR A CD1   1 
ATOM   160  C CD2   . TYR B 2 17  ? -7.336  -1.755  -13.775 1.00 27.08 ? 17  TYR A CD2   1 
ATOM   161  C CE1   . TYR B 2 17  ? -8.515  -3.181  -15.832 1.00 29.03 ? 17  TYR A CE1   1 
ATOM   162  C CE2   . TYR B 2 17  ? -7.144  -1.315  -15.065 1.00 27.62 ? 17  TYR A CE2   1 
ATOM   163  C CZ    . TYR B 2 17  ? -7.756  -2.031  -16.108 1.00 29.16 ? 17  TYR A CZ    1 
ATOM   164  O OH    . TYR B 2 17  ? -7.609  -1.595  -17.401 1.00 28.14 ? 17  TYR A OH    1 
ATOM   165  N N     . HIS B 2 18  ? -10.353 -2.522  -9.273  1.00 27.31 ? 18  HIS A N     1 
ATOM   166  C CA    . HIS B 2 18  ? -10.737 -2.942  -7.912  1.00 27.88 ? 18  HIS A CA    1 
ATOM   167  C C     . HIS B 2 18  ? -9.797  -4.005  -7.345  1.00 28.80 ? 18  HIS A C     1 
ATOM   168  O O     . HIS B 2 18  ? -10.276 -4.986  -6.769  1.00 29.13 ? 18  HIS A O     1 
ATOM   169  C CB    . HIS B 2 18  ? -12.137 -3.588  -7.875  1.00 26.58 ? 18  HIS A CB    1 
ATOM   170  C CG    . HIS B 2 18  ? -13.116 -2.489  -8.118  1.00 26.94 ? 18  HIS A CG    1 
ATOM   171  N ND1   . HIS B 2 18  ? -12.747 -1.198  -8.303  1.00 27.68 ? 18  HIS A ND1   1 
ATOM   172  C CD2   . HIS B 2 18  ? -14.458 -2.440  -8.196  1.00 27.17 ? 18  HIS A CD2   1 
ATOM   173  C CE1   . HIS B 2 18  ? -13.764 -0.386  -8.503  1.00 27.11 ? 18  HIS A CE1   1 
ATOM   174  N NE2   . HIS B 2 18  ? -14.811 -1.151  -8.437  1.00 27.43 ? 18  HIS A NE2   1 
ATOM   175  N N     . LYS B 2 19  ? -8.515  -3.862  -7.572  1.00 29.68 ? 19  LYS A N     1 
ATOM   176  C CA    . LYS B 2 19  ? -7.431  -4.730  -7.120  1.00 29.86 ? 19  LYS A CA    1 
ATOM   177  C C     . LYS B 2 19  ? -6.131  -3.977  -7.318  1.00 28.25 ? 19  LYS A C     1 
ATOM   178  O O     . LYS B 2 19  ? -6.120  -2.979  -8.107  1.00 28.05 ? 19  LYS A O     1 
ATOM   179  C CB    . LYS B 2 19  ? -7.507  -6.031  -7.901  1.00 33.18 ? 19  LYS A CB    1 
ATOM   180  C CG    . LYS B 2 19  ? -7.049  -6.004  -9.354  1.00 36.98 ? 19  LYS A CG    1 
ATOM   181  C CD    . LYS B 2 19  ? -7.474  -7.294  -10.064 1.00 40.43 ? 19  LYS A CD    1 
ATOM   182  C CE    . LYS B 2 19  ? -7.913  -7.179  -11.529 1.00 43.17 ? 19  LYS A CE    1 
ATOM   183  N NZ    . LYS B 2 19  ? -9.378  -6.910  -11.880 1.00 44.03 ? 19  LYS A NZ    1 
ATOM   184  N N     . LEU B 2 20  ? -5.043  -4.369  -6.681  1.00 26.59 ? 20  LEU A N     1 
ATOM   185  C CA    . LEU B 2 20  ? -3.748  -3.707  -6.896  1.00 25.47 ? 20  LEU A CA    1 
ATOM   186  C C     . LEU B 2 20  ? -3.037  -4.255  -8.145  1.00 25.02 ? 20  LEU A C     1 
ATOM   187  O O     . LEU B 2 20  ? -3.239  -5.416  -8.437  1.00 25.86 ? 20  LEU A O     1 
ATOM   188  C CB    . LEU B 2 20  ? -2.886  -3.961  -5.678  1.00 25.17 ? 20  LEU A CB    1 
ATOM   189  C CG    . LEU B 2 20  ? -3.215  -3.195  -4.379  1.00 26.23 ? 20  LEU A CG    1 
ATOM   190  C CD1   . LEU B 2 20  ? -2.350  -3.763  -3.246  1.00 26.03 ? 20  LEU A CD1   1 
ATOM   191  C CD2   . LEU B 2 20  ? -2.822  -1.740  -4.632  1.00 25.80 ? 20  LEU A CD2   1 
ATOM   192  N N     . PRO B 2 21  ? -2.208  -3.502  -8.838  1.00 24.49 ? 21  PRO A N     1 
ATOM   193  C CA    . PRO B 2 21  ? -1.447  -3.987  -9.967  1.00 24.16 ? 21  PRO A CA    1 
ATOM   194  C C     . PRO B 2 21  ? -0.603  -5.158  -9.480  1.00 26.02 ? 21  PRO A C     1 
ATOM   195  O O     . PRO B 2 21  ? -0.332  -5.281  -8.249  1.00 26.18 ? 21  PRO A O     1 
ATOM   196  C CB    . PRO B 2 21  ? -0.508  -2.855  -10.284 1.00 22.97 ? 21  PRO A CB    1 
ATOM   197  C CG    . PRO B 2 21  ? -1.073  -1.641  -9.697  1.00 23.07 ? 21  PRO A CG    1 
ATOM   198  C CD    . PRO B 2 21  ? -1.934  -2.065  -8.537  1.00 23.77 ? 21  PRO A CD    1 
ATOM   199  N N     . ASN B 2 22  ? -0.154  -5.945  -10.420 1.00 27.63 ? 22  ASN A N     1 
ATOM   200  C CA    . ASN B 2 22  ? 0.657   -7.157  -10.347 1.00 30.50 ? 22  ASN A CA    1 
ATOM   201  C C     . ASN B 2 22  ? 2.027   -7.099  -9.645  1.00 29.95 ? 22  ASN A C     1 
ATOM   202  O O     . ASN B 2 22  ? 2.554   -8.196  -9.370  1.00 29.91 ? 22  ASN A O     1 
ATOM   203  C CB    . ASN B 2 22  ? 0.839   -7.747  -11.789 1.00 33.57 ? 22  ASN A CB    1 
ATOM   204  C CG    . ASN B 2 22  ? -0.242  -8.764  -12.133 1.00 36.35 ? 22  ASN A CG    1 
ATOM   205  O OD1   . ASN B 2 22  ? -1.401  -8.700  -11.606 1.00 37.65 ? 22  ASN A OD1   1 
ATOM   206  N ND2   . ASN B 2 22  ? 0.064   -9.761  -12.995 1.00 37.76 ? 22  ASN A ND2   1 
ATOM   207  N N     . ASP B 2 23  ? 2.562   -5.922  -9.398  1.00 29.94 ? 23  ASP A N     1 
ATOM   208  C CA    . ASP B 2 23  ? 3.861   -5.769  -8.722  1.00 31.01 ? 23  ASP A CA    1 
ATOM   209  C C     . ASP B 2 23  ? 3.720   -5.582  -7.179  1.00 30.55 ? 23  ASP A C     1 
ATOM   210  O O     . ASP B 2 23  ? 4.679   -5.080  -6.538  1.00 31.00 ? 23  ASP A O     1 
ATOM   211  C CB    . ASP B 2 23  ? 4.670   -4.621  -9.330  1.00 31.90 ? 23  ASP A CB    1 
ATOM   212  C CG    . ASP B 2 23  ? 3.864   -3.345  -9.334  1.00 34.02 ? 23  ASP A CG    1 
ATOM   213  O OD1   . ASP B 2 23  ? 2.926   -3.201  -10.160 1.00 35.73 ? 23  ASP A OD1   1 
ATOM   214  O OD2   . ASP B 2 23  ? 4.072   -2.390  -8.543  1.00 34.62 ? 23  ASP A OD2   1 
ATOM   215  N N     . TYR B 2 24  ? 2.575   -5.886  -6.610  1.00 28.99 ? 24  TYR A N     1 
ATOM   216  C CA    . TYR B 2 24  ? 2.340   -5.767  -5.174  1.00 28.38 ? 24  TYR A CA    1 
ATOM   217  C C     . TYR B 2 24  ? 2.274   -7.144  -4.509  1.00 28.64 ? 24  TYR A C     1 
ATOM   218  O O     . TYR B 2 24  ? 1.647   -8.024  -5.160  1.00 29.42 ? 24  TYR A O     1 
ATOM   219  C CB    . TYR B 2 24  ? 1.042   -5.024  -4.734  1.00 26.33 ? 24  TYR A CB    1 
ATOM   220  C CG    . TYR B 2 24  ? 1.311   -3.540  -4.844  1.00 25.58 ? 24  TYR A CG    1 
ATOM   221  C CD1   . TYR B 2 24  ? 1.904   -2.858  -3.743  1.00 24.53 ? 24  TYR A CD1   1 
ATOM   222  C CD2   . TYR B 2 24  ? 1.012   -2.865  -6.042  1.00 24.57 ? 24  TYR A CD2   1 
ATOM   223  C CE1   . TYR B 2 24  ? 2.199   -1.514  -3.880  1.00 24.44 ? 24  TYR A CE1   1 
ATOM   224  C CE2   . TYR B 2 24  ? 1.284   -1.511  -6.168  1.00 23.98 ? 24  TYR A CE2   1 
ATOM   225  C CZ    . TYR B 2 24  ? 1.883   -0.839  -5.091  1.00 24.88 ? 24  TYR A CZ    1 
ATOM   226  O OH    . TYR B 2 24  ? 2.191   0.504   -5.164  1.00 24.64 ? 24  TYR A OH    1 
ATOM   227  N N     . ILE B 2 25  ? 2.861   -7.274  -3.331  1.00 27.16 ? 25  ILE A N     1 
ATOM   228  C CA    . ILE B 2 25  ? 2.750   -8.586  -2.641  1.00 26.42 ? 25  ILE A CA    1 
ATOM   229  C C     . ILE B 2 25  ? 2.517   -8.211  -1.173  1.00 25.13 ? 25  ILE A C     1 
ATOM   230  O O     . ILE B 2 25  ? 2.966   -7.110  -0.864  1.00 23.92 ? 25  ILE A O     1 
ATOM   231  C CB    . ILE B 2 25  ? 4.012   -9.453  -2.885  1.00 27.17 ? 25  ILE A CB    1 
ATOM   232  C CG1   . ILE B 2 25  ? 5.295   -8.709  -2.415  1.00 27.11 ? 25  ILE A CG1   1 
ATOM   233  C CG2   . ILE B 2 25  ? 4.184   -9.979  -4.335  1.00 26.93 ? 25  ILE A CG2   1 
ATOM   234  C CD1   . ILE B 2 25  ? 6.513   -9.685  -2.270  1.00 27.57 ? 25  ILE A CD1   1 
ATOM   235  N N     . THR B 2 26  ? 1.913   -9.058  -0.374  1.00 25.84 ? 26  THR A N     1 
ATOM   236  C CA    . THR B 2 26  ? 1.662   -8.758  1.061   1.00 25.97 ? 26  THR A CA    1 
ATOM   237  C C     . THR B 2 26  ? 2.928   -8.984  1.877   1.00 27.07 ? 26  THR A C     1 
ATOM   238  O O     . THR B 2 26  ? 3.897   -9.641  1.397   1.00 26.48 ? 26  THR A O     1 
ATOM   239  C CB    . THR B 2 26  ? 0.523   -9.658  1.604   1.00 25.76 ? 26  THR A CB    1 
ATOM   240  O OG1   . THR B 2 26  ? 0.961   -11.045 1.520   1.00 26.07 ? 26  THR A OG1   1 
ATOM   241  C CG2   . THR B 2 26  ? -0.826  -9.575  0.903   1.00 25.96 ? 26  THR A CG2   1 
ATOM   242  N N     . LYS B 2 27  ? 2.968   -8.464  3.104   1.00 28.33 ? 27  LYS A N     1 
ATOM   243  C CA    . LYS B 2 27  ? 4.173   -8.665  3.981   1.00 28.82 ? 27  LYS A CA    1 
ATOM   244  C C     . LYS B 2 27  ? 4.542   -10.143 4.087   1.00 28.82 ? 27  LYS A C     1 
ATOM   245  O O     . LYS B 2 27  ? 5.707   -10.560 4.023   1.00 28.31 ? 27  LYS A O     1 
ATOM   246  C CB    . LYS B 2 27  ? 3.868   -8.111  5.362   1.00 29.46 ? 27  LYS A CB    1 
ATOM   247  C CG    . LYS B 2 27  ? 3.562   -6.608  5.188   1.00 31.05 ? 27  LYS A CG    1 
ATOM   248  C CD    . LYS B 2 27  ? 3.773   -5.857  6.493   1.00 32.89 ? 27  LYS A CD    1 
ATOM   249  C CE    . LYS B 2 27  ? 2.406   -5.418  6.985   1.00 34.90 ? 27  LYS A CE    1 
ATOM   250  N NZ    . LYS B 2 27  ? 1.795   -4.580  5.861   1.00 36.90 ? 27  LYS A NZ    1 
ATOM   251  N N     . SER B 2 28  ? 3.500   -10.923 4.180   1.00 29.33 ? 28  SER A N     1 
ATOM   252  C CA    . SER B 2 28  ? 3.518   -12.362 4.285   1.00 31.76 ? 28  SER A CA    1 
ATOM   253  C C     . SER B 2 28  ? 4.183   -13.155 3.173   1.00 32.17 ? 28  SER A C     1 
ATOM   254  O O     . SER B 2 28  ? 5.040   -14.039 3.311   1.00 31.49 ? 28  SER A O     1 
ATOM   255  C CB    . SER B 2 28  ? 2.008   -12.608 4.371   1.00 33.33 ? 28  SER A CB    1 
ATOM   256  O OG    . SER B 2 28  ? 1.935   -13.559 5.415   1.00 35.22 ? 28  SER A OG    1 
ATOM   257  N N     . GLU B 2 29  ? 3.778   -12.833 1.976   1.00 33.45 ? 29  GLU A N     1 
ATOM   258  C CA    . GLU B 2 29  ? 4.326   -13.381 0.725   1.00 34.62 ? 29  GLU A CA    1 
ATOM   259  C C     . GLU B 2 29  ? 5.781   -12.921 0.697   1.00 33.74 ? 29  GLU A C     1 
ATOM   260  O O     . GLU B 2 29  ? 6.640   -13.771 0.416   1.00 34.05 ? 29  GLU A O     1 
ATOM   261  C CB    . GLU B 2 29  ? 3.676   -12.799 -0.547  1.00 36.03 ? 29  GLU A CB    1 
ATOM   262  C CG    . GLU B 2 29  ? 2.293   -13.390 -0.776  1.00 38.97 ? 29  GLU A CG    1 
ATOM   263  C CD    . GLU B 2 29  ? 1.402   -12.731 -1.767  1.00 41.10 ? 29  GLU A CD    1 
ATOM   264  O OE1   . GLU B 2 29  ? 1.092   -11.554 -1.518  1.00 41.64 ? 29  GLU A OE1   1 
ATOM   265  O OE2   . GLU B 2 29  ? 1.012   -13.309 -2.778  1.00 43.38 ? 29  GLU A OE2   1 
ATOM   266  N N     . ALA B 2 30  ? 5.992   -11.644 0.960   1.00 33.15 ? 30  ALA A N     1 
ATOM   267  C CA    . ALA B 2 30  ? 7.351   -11.088 0.974   1.00 33.53 ? 30  ALA A CA    1 
ATOM   268  C C     . ALA B 2 30  ? 8.234   -11.872 1.958   1.00 33.99 ? 30  ALA A C     1 
ATOM   269  O O     . ALA B 2 30  ? 9.379   -12.255 1.588   1.00 33.48 ? 30  ALA A O     1 
ATOM   270  C CB    . ALA B 2 30  ? 7.367   -9.577  1.196   1.00 33.07 ? 30  ALA A CB    1 
ATOM   271  N N     . GLN B 2 31  ? 7.730   -12.098 3.177   1.00 34.96 ? 31  GLN A N     1 
ATOM   272  C CA    . GLN B 2 31  ? 8.549   -12.855 4.156   1.00 36.30 ? 31  GLN A CA    1 
ATOM   273  C C     . GLN B 2 31  ? 8.842   -14.258 3.577   1.00 37.00 ? 31  GLN A C     1 
ATOM   274  O O     . GLN B 2 31  ? 9.995   -14.758 3.709   1.00 36.97 ? 31  GLN A O     1 
ATOM   275  C CB    . GLN B 2 31  ? 8.008   -12.948 5.561   1.00 36.91 ? 31  GLN A CB    1 
ATOM   276  C CG    . GLN B 2 31  ? 8.186   -11.592 6.245   1.00 39.63 ? 31  GLN A CG    1 
ATOM   277  C CD    . GLN B 2 31  ? 7.459   -11.615 7.599   1.00 41.30 ? 31  GLN A CD    1 
ATOM   278  O OE1   . GLN B 2 31  ? 6.242   -11.871 7.706   1.00 41.49 ? 31  GLN A OE1   1 
ATOM   279  N NE2   . GLN B 2 31  ? 8.290   -11.367 8.631   1.00 41.66 ? 31  GLN A NE2   1 
ATOM   280  N N     . ALA B 2 32  ? 7.805   -14.814 2.956   1.00 37.04 ? 32  ALA A N     1 
ATOM   281  C CA    . ALA B 2 32  ? 7.924   -16.142 2.334   1.00 37.77 ? 32  ALA A CA    1 
ATOM   282  C C     . ALA B 2 32  ? 9.076   -16.156 1.326   1.00 38.10 ? 32  ALA A C     1 
ATOM   283  O O     . ALA B 2 32  ? 9.735   -17.225 1.278   1.00 38.84 ? 32  ALA A O     1 
ATOM   284  C CB    . ALA B 2 32  ? 6.641   -16.665 1.728   1.00 37.57 ? 32  ALA A CB    1 
ATOM   285  N N     . LEU B 2 33  ? 9.305   -15.060 0.626   1.00 37.50 ? 33  LEU A N     1 
ATOM   286  C CA    . LEU B 2 33  ? 10.381  -14.905 -0.352  1.00 36.66 ? 33  LEU A CA    1 
ATOM   287  C C     . LEU B 2 33  ? 11.756  -14.581 0.232   1.00 36.51 ? 33  LEU A C     1 
ATOM   288  O O     . LEU B 2 33  ? 12.759  -14.440 -0.542  1.00 37.20 ? 33  LEU A O     1 
ATOM   289  C CB    . LEU B 2 33  ? 9.865   -13.773 -1.253  1.00 36.65 ? 33  LEU A CB    1 
ATOM   290  C CG    . LEU B 2 33  ? 9.121   -14.093 -2.506  1.00 37.79 ? 33  LEU A CG    1 
ATOM   291  C CD1   . LEU B 2 33  ? 8.648   -15.502 -2.733  1.00 38.10 ? 33  LEU A CD1   1 
ATOM   292  C CD2   . LEU B 2 33  ? 8.163   -13.053 -3.029  1.00 37.17 ? 33  LEU A CD2   1 
ATOM   293  N N     . GLY B 2 34  ? 11.864  -14.348 1.556   1.00 35.14 ? 34  GLY A N     1 
ATOM   294  C CA    . GLY B 2 34  ? 13.155  -14.023 2.159   1.00 32.98 ? 34  GLY A CA    1 
ATOM   295  C C     . GLY B 2 34  ? 13.355  -12.602 2.632   1.00 32.18 ? 34  GLY A C     1 
ATOM   296  O O     . GLY B 2 34  ? 14.437  -12.171 3.091   1.00 32.28 ? 34  GLY A O     1 
ATOM   297  N N     . TRP B 2 35  ? 12.315  -11.768 2.510   1.00 30.12 ? 35  TRP A N     1 
ATOM   298  C CA    . TRP B 2 35  ? 12.539  -10.379 2.984   1.00 28.50 ? 35  TRP A CA    1 
ATOM   299  C C     . TRP B 2 35  ? 12.737  -10.439 4.520   1.00 29.30 ? 35  TRP A C     1 
ATOM   300  O O     . TRP B 2 35  ? 11.997  -11.072 5.319   1.00 30.27 ? 35  TRP A O     1 
ATOM   301  C CB    . TRP B 2 35  ? 11.316  -9.563  2.631   1.00 25.48 ? 35  TRP A CB    1 
ATOM   302  C CG    . TRP B 2 35  ? 11.178  -8.227  3.252   1.00 22.91 ? 35  TRP A CG    1 
ATOM   303  C CD1   . TRP B 2 35  ? 12.052  -7.197  3.130   1.00 22.10 ? 35  TRP A CD1   1 
ATOM   304  C CD2   . TRP B 2 35  ? 10.101  -7.744  4.053   1.00 22.07 ? 35  TRP A CD2   1 
ATOM   305  N NE1   . TRP B 2 35  ? 11.599  -6.079  3.803   1.00 22.31 ? 35  TRP A NE1   1 
ATOM   306  C CE2   . TRP B 2 35  ? 10.396  -6.395  4.367   1.00 22.48 ? 35  TRP A CE2   1 
ATOM   307  C CE3   . TRP B 2 35  ? 8.907   -8.334  4.483   1.00 22.16 ? 35  TRP A CE3   1 
ATOM   308  C CZ2   . TRP B 2 35  ? 9.571   -5.554  5.138   1.00 22.86 ? 35  TRP A CZ2   1 
ATOM   309  C CZ3   . TRP B 2 35  ? 8.040   -7.539  5.227   1.00 22.29 ? 35  TRP A CZ3   1 
ATOM   310  C CH2   . TRP B 2 35  ? 8.378   -6.203  5.557   1.00 23.20 ? 35  TRP A CH2   1 
ATOM   311  N N     . VAL B 2 36  ? 13.685  -9.689  4.990   1.00 29.05 ? 36  VAL A N     1 
ATOM   312  C CA    . VAL B 2 36  ? 14.043  -9.516  6.411   1.00 28.46 ? 36  VAL A CA    1 
ATOM   313  C C     . VAL B 2 36  ? 14.102  -7.994  6.596   1.00 27.85 ? 36  VAL A C     1 
ATOM   314  O O     . VAL B 2 36  ? 15.151  -7.407  6.235   1.00 28.65 ? 36  VAL A O     1 
ATOM   315  C CB    . VAL B 2 36  ? 15.369  -10.207 6.793   1.00 27.66 ? 36  VAL A CB    1 
ATOM   316  C CG1   . VAL B 2 36  ? 15.521  -10.062 8.323   1.00 27.50 ? 36  VAL A CG1   1 
ATOM   317  C CG2   . VAL B 2 36  ? 15.272  -11.671 6.437   1.00 27.17 ? 36  VAL A CG2   1 
ATOM   318  N N     . ALA B 2 37  ? 13.011  -7.478  7.111   1.00 27.39 ? 37  ALA A N     1 
ATOM   319  C CA    . ALA B 2 37  ? 12.879  -6.023  7.274   1.00 27.79 ? 37  ALA A CA    1 
ATOM   320  C C     . ALA B 2 37  ? 14.108  -5.284  7.723   1.00 28.47 ? 37  ALA A C     1 
ATOM   321  O O     . ALA B 2 37  ? 14.542  -4.201  7.188   1.00 29.07 ? 37  ALA A O     1 
ATOM   322  C CB    . ALA B 2 37  ? 11.610  -5.813  8.114   1.00 27.94 ? 37  ALA A CB    1 
ATOM   323  N N     . SER B 2 38  ? 14.751  -5.861  8.761   1.00 28.81 ? 38  SER A N     1 
ATOM   324  C CA    . SER B 2 38  ? 15.930  -5.161  9.288   1.00 29.38 ? 38  SER A CA    1 
ATOM   325  C C     . SER B 2 38  ? 17.042  -5.236  8.262   1.00 30.25 ? 38  SER A C     1 
ATOM   326  O O     . SER B 2 38  ? 17.954  -4.425  8.422   1.00 29.47 ? 38  SER A O     1 
ATOM   327  C CB    . SER B 2 38  ? 16.283  -5.622  10.670  1.00 29.41 ? 38  SER A CB    1 
ATOM   328  O OG    . SER B 2 38  ? 16.795  -6.931  10.635  1.00 29.42 ? 38  SER A OG    1 
ATOM   329  N N     . LYS B 2 39  ? 16.948  -6.124  7.270   1.00 32.07 ? 39  LYS A N     1 
ATOM   330  C CA    . LYS B 2 39  ? 18.088  -6.064  6.300   1.00 33.95 ? 39  LYS A CA    1 
ATOM   331  C C     . LYS B 2 39  ? 17.781  -5.074  5.170   1.00 32.84 ? 39  LYS A C     1 
ATOM   332  O O     . LYS B 2 39  ? 18.695  -4.593  4.466   1.00 33.95 ? 39  LYS A O     1 
ATOM   333  C CB    . LYS B 2 39  ? 18.620  -7.390  5.841   1.00 36.06 ? 39  LYS A CB    1 
ATOM   334  C CG    . LYS B 2 39  ? 17.911  -8.690  6.120   1.00 39.35 ? 39  LYS A CG    1 
ATOM   335  C CD    . LYS B 2 39  ? 18.392  -9.308  7.426   1.00 41.79 ? 39  LYS A CD    1 
ATOM   336  C CE    . LYS B 2 39  ? 19.625  -10.196 7.275   1.00 43.69 ? 39  LYS A CE    1 
ATOM   337  N NZ    . LYS B 2 39  ? 20.868  -9.333  7.419   1.00 45.52 ? 39  LYS A NZ    1 
ATOM   338  N N     . GLY B 2 40  ? 16.562  -4.684  4.978   1.00 30.96 ? 40  GLY A N     1 
ATOM   339  C CA    . GLY B 2 40  ? 16.236  -3.708  3.898   1.00 30.60 ? 40  GLY A CA    1 
ATOM   340  C C     . GLY B 2 40  ? 16.406  -4.423  2.557   1.00 29.60 ? 40  GLY A C     1 
ATOM   341  O O     . GLY B 2 40  ? 16.701  -3.712  1.619   1.00 29.62 ? 40  GLY A O     1 
ATOM   342  N N     . ASN B 2 41  ? 16.202  -5.710  2.508   1.00 29.11 ? 41  ASN A N     1 
ATOM   343  C CA    . ASN B 2 41  ? 16.443  -6.471  1.257   1.00 29.50 ? 41  ASN A CA    1 
ATOM   344  C C     . ASN B 2 41  ? 15.243  -6.894  0.435   1.00 29.20 ? 41  ASN A C     1 
ATOM   345  O O     . ASN B 2 41  ? 15.313  -7.947  -0.242  1.00 29.10 ? 41  ASN A O     1 
ATOM   346  C CB    . ASN B 2 41  ? 17.222  -7.714  1.804   1.00 29.42 ? 41  ASN A CB    1 
ATOM   347  C CG    . ASN B 2 41  ? 16.268  -8.620  2.567   1.00 29.69 ? 41  ASN A CG    1 
ATOM   348  O OD1   . ASN B 2 41  ? 15.186  -8.229  3.017   1.00 30.02 ? 41  ASN A OD1   1 
ATOM   349  N ND2   . ASN B 2 41  ? 16.486  -9.929  2.746   1.00 30.29 ? 41  ASN A ND2   1 
ATOM   350  N N     . LEU B 2 42  ? 14.136  -6.155  0.476   1.00 28.92 ? 42  LEU A N     1 
ATOM   351  C CA    . LEU B 2 42  ? 12.941  -6.601  -0.278  1.00 28.78 ? 42  LEU A CA    1 
ATOM   352  C C     . LEU B 2 42  ? 13.258  -6.725  -1.772  1.00 30.37 ? 42  LEU A C     1 
ATOM   353  O O     . LEU B 2 42  ? 12.905  -7.729  -2.394  1.00 31.46 ? 42  LEU A O     1 
ATOM   354  C CB    . LEU B 2 42  ? 11.840  -5.603  -0.049  1.00 27.05 ? 42  LEU A CB    1 
ATOM   355  C CG    . LEU B 2 42  ? 10.586  -5.889  -0.838  1.00 26.15 ? 42  LEU A CG    1 
ATOM   356  C CD1   . LEU B 2 42  ? 10.193  -7.277  -0.453  1.00 24.95 ? 42  LEU A CD1   1 
ATOM   357  C CD2   . LEU B 2 42  ? 9.598   -4.764  -0.613  1.00 26.43 ? 42  LEU A CD2   1 
ATOM   358  N N     . ALA B 2 43  ? 13.914  -5.678  -2.261  1.00 31.46 ? 43  ALA A N     1 
ATOM   359  C CA    . ALA B 2 43  ? 14.278  -5.635  -3.672  1.00 32.62 ? 43  ALA A CA    1 
ATOM   360  C C     . ALA B 2 43  ? 15.218  -6.778  -3.984  1.00 34.43 ? 43  ALA A C     1 
ATOM   361  O O     . ALA B 2 43  ? 15.156  -7.005  -5.205  1.00 36.14 ? 43  ALA A O     1 
ATOM   362  C CB    . ALA B 2 43  ? 14.908  -4.349  -4.139  1.00 32.04 ? 43  ALA A CB    1 
ATOM   363  N N     . ASP B 2 44  ? 15.953  -7.417  -3.134  1.00 35.74 ? 44  ASP A N     1 
ATOM   364  C CA    . ASP B 2 44  ? 16.864  -8.487  -3.530  1.00 37.31 ? 44  ASP A CA    1 
ATOM   365  C C     . ASP B 2 44  ? 16.125  -9.816  -3.616  1.00 36.78 ? 44  ASP A C     1 
ATOM   366  O O     . ASP B 2 44  ? 16.596  -10.665 -4.417  1.00 38.15 ? 44  ASP A O     1 
ATOM   367  C CB    . ASP B 2 44  ? 18.075  -8.755  -2.679  1.00 40.33 ? 44  ASP A CB    1 
ATOM   368  C CG    . ASP B 2 44  ? 19.037  -7.667  -2.323  1.00 43.34 ? 44  ASP A CG    1 
ATOM   369  O OD1   . ASP B 2 44  ? 18.869  -6.497  -2.714  1.00 44.06 ? 44  ASP A OD1   1 
ATOM   370  O OD2   . ASP B 2 44  ? 20.021  -8.005  -1.583  1.00 46.18 ? 44  ASP A OD2   1 
ATOM   371  N N     . VAL B 2 45  ? 15.088  -9.955  -2.848  1.00 34.88 ? 45  VAL A N     1 
ATOM   372  C CA    . VAL B 2 45  ? 14.351  -11.219 -2.891  1.00 33.59 ? 45  VAL A CA    1 
ATOM   373  C C     . VAL B 2 45  ? 13.121  -11.104 -3.802  1.00 33.06 ? 45  VAL A C     1 
ATOM   374  O O     . VAL B 2 45  ? 12.623  -12.191 -4.200  1.00 34.17 ? 45  VAL A O     1 
ATOM   375  C CB    . VAL B 2 45  ? 13.987  -11.646 -1.419  1.00 33.04 ? 45  VAL A CB    1 
ATOM   376  C CG1   . VAL B 2 45  ? 15.297  -11.653 -0.631  1.00 33.13 ? 45  VAL A CG1   1 
ATOM   377  C CG2   . VAL B 2 45  ? 13.082  -10.544 -0.841  1.00 31.72 ? 45  VAL A CG2   1 
ATOM   378  N N     . ALA B 2 46  ? 12.643  -9.908  -4.046  1.00 31.23 ? 46  ALA A N     1 
ATOM   379  C CA    . ALA B 2 46  ? 11.424  -9.754  -4.905  1.00 30.02 ? 46  ALA A CA    1 
ATOM   380  C C     . ALA B 2 46  ? 11.611  -8.473  -5.693  1.00 29.60 ? 46  ALA A C     1 
ATOM   381  O O     . ALA B 2 46  ? 11.107  -7.370  -5.467  1.00 29.33 ? 46  ALA A O     1 
ATOM   382  C CB    . ALA B 2 46  ? 10.259  -9.877  -3.941  1.00 29.04 ? 46  ALA A CB    1 
ATOM   383  N N     . PRO B 2 47  ? 12.473  -8.573  -6.721  1.00 30.04 ? 47  PRO A N     1 
ATOM   384  C CA    . PRO B 2 47  ? 12.811  -7.414  -7.572  1.00 29.63 ? 47  PRO A CA    1 
ATOM   385  C C     . PRO B 2 47  ? 11.567  -6.966  -8.323  1.00 28.97 ? 47  PRO A C     1 
ATOM   386  O O     . PRO B 2 47  ? 10.807  -7.789  -8.859  1.00 28.35 ? 47  PRO A O     1 
ATOM   387  C CB    . PRO B 2 47  ? 14.008  -7.910  -8.354  1.00 30.14 ? 47  PRO A CB    1 
ATOM   388  C CG    . PRO B 2 47  ? 14.060  -9.404  -8.240  1.00 30.04 ? 47  PRO A CG    1 
ATOM   389  C CD    . PRO B 2 47  ? 13.180  -9.814  -7.106  1.00 30.45 ? 47  PRO A CD    1 
ATOM   390  N N     . GLY B 2 48  ? 11.341  -5.669  -8.301  1.00 29.38 ? 48  GLY A N     1 
ATOM   391  C CA    . GLY B 2 48  ? 10.153  -5.104  -8.964  1.00 29.91 ? 48  GLY A CA    1 
ATOM   392  C C     . GLY B 2 48  ? 8.883   -5.063  -8.127  1.00 30.56 ? 48  GLY A C     1 
ATOM   393  O O     . GLY B 2 48  ? 7.883   -4.408  -8.549  1.00 30.95 ? 48  GLY A O     1 
ATOM   394  N N     . LYS B 2 49  ? 8.885   -5.715  -6.963  1.00 30.29 ? 49  LYS A N     1 
ATOM   395  C CA    . LYS B 2 49  ? 7.730   -5.719  -6.052  1.00 30.51 ? 49  LYS A CA    1 
ATOM   396  C C     . LYS B 2 49  ? 7.823   -4.713  -4.899  1.00 29.72 ? 49  LYS A C     1 
ATOM   397  O O     . LYS B 2 49  ? 8.847   -4.237  -4.346  1.00 29.85 ? 49  LYS A O     1 
ATOM   398  C CB    . LYS B 2 49  ? 7.520   -7.090  -5.426  1.00 32.15 ? 49  LYS A CB    1 
ATOM   399  C CG    . LYS B 2 49  ? 7.444   -8.184  -6.487  1.00 34.02 ? 49  LYS A CG    1 
ATOM   400  C CD    . LYS B 2 49  ? 6.249   -7.957  -7.433  1.00 35.56 ? 49  LYS A CD    1 
ATOM   401  C CE    . LYS B 2 49  ? 6.368   -8.934  -8.594  1.00 37.63 ? 49  LYS A CE    1 
ATOM   402  N NZ    . LYS B 2 49  ? 6.163   -10.370 -8.230  1.00 38.62 ? 49  LYS A NZ    1 
ATOM   403  N N     . SER B 2 50  ? 6.633   -4.353  -4.469  1.00 27.94 ? 50  SER A N     1 
ATOM   404  C CA    . SER B 2 50  ? 6.336   -3.450  -3.370  1.00 25.92 ? 50  SER A CA    1 
ATOM   405  C C     . SER B 2 50  ? 5.347   -4.194  -2.436  1.00 25.21 ? 50  SER A C     1 
ATOM   406  O O     . SER B 2 50  ? 4.560   -5.049  -2.907  1.00 24.47 ? 50  SER A O     1 
ATOM   407  C CB    . SER B 2 50  ? 5.549   -2.236  -3.804  1.00 25.91 ? 50  SER A CB    1 
ATOM   408  O OG    . SER B 2 50  ? 6.354   -1.459  -4.620  1.00 26.79 ? 50  SER A OG    1 
ATOM   409  N N     . ILE B 2 51  ? 5.439   -3.742  -1.191  1.00 24.19 ? 51  ILE A N     1 
ATOM   410  C CA    . ILE B 2 51  ? 4.518   -4.311  -0.198  1.00 23.29 ? 51  ILE A CA    1 
ATOM   411  C C     . ILE B 2 51  ? 3.134   -3.705  -0.396  1.00 22.48 ? 51  ILE A C     1 
ATOM   412  O O     . ILE B 2 51  ? 3.011   -2.497  -0.485  1.00 22.36 ? 51  ILE A O     1 
ATOM   413  C CB    . ILE B 2 51  ? 5.019   -3.945  1.258   1.00 22.74 ? 51  ILE A CB    1 
ATOM   414  C CG1   . ILE B 2 51  ? 6.390   -4.648  1.507   1.00 22.73 ? 51  ILE A CG1   1 
ATOM   415  C CG2   . ILE B 2 51  ? 3.949   -4.371  2.322   1.00 22.00 ? 51  ILE A CG2   1 
ATOM   416  C CD1   . ILE B 2 51  ? 6.276   -6.156  1.173   1.00 23.49 ? 51  ILE A CD1   1 
ATOM   417  N N     . GLY B 2 52  ? 2.045   -4.440  -0.380  1.00 22.56 ? 52  GLY A N     1 
ATOM   418  C CA    . GLY B 2 52  ? 0.713   -3.872  -0.479  1.00 22.28 ? 52  GLY A CA    1 
ATOM   419  C C     . GLY B 2 52  ? -0.359  -4.921  -0.333  1.00 22.38 ? 52  GLY A C     1 
ATOM   420  O O     . GLY B 2 52  ? -0.073  -6.085  -0.668  1.00 22.96 ? 52  GLY A O     1 
ATOM   421  N N     . GLY B 2 53  ? -1.552  -4.509  0.059   1.00 22.98 ? 53  GLY A N     1 
ATOM   422  C CA    . GLY B 2 53  ? -2.641  -5.472  0.144   1.00 24.79 ? 53  GLY A CA    1 
ATOM   423  C C     . GLY B 2 53  ? -3.073  -5.863  1.535   1.00 26.18 ? 53  GLY A C     1 
ATOM   424  O O     . GLY B 2 53  ? -4.124  -6.526  1.650   1.00 26.99 ? 53  GLY A O     1 
ATOM   425  N N     . ASP B 2 54  ? -2.316  -5.488  2.554   1.00 27.13 ? 54  ASP A N     1 
ATOM   426  C CA    . ASP B 2 54  ? -2.710  -5.817  3.960   1.00 27.03 ? 54  ASP A CA    1 
ATOM   427  C C     . ASP B 2 54  ? -3.778  -4.871  4.541   1.00 26.51 ? 54  ASP A C     1 
ATOM   428  O O     . ASP B 2 54  ? -3.897  -3.676  4.246   1.00 24.75 ? 54  ASP A O     1 
ATOM   429  C CB    . ASP B 2 54  ? -1.419  -5.784  4.835   1.00 26.54 ? 54  ASP A CB    1 
ATOM   430  C CG    . ASP B 2 54  ? -0.519  -6.932  4.411   1.00 27.42 ? 54  ASP A CG    1 
ATOM   431  O OD1   . ASP B 2 54  ? -0.922  -8.117  4.478   1.00 26.40 ? 54  ASP A OD1   1 
ATOM   432  O OD2   . ASP B 2 54  ? 0.608   -6.535  3.979   1.00 28.13 ? 54  ASP A OD2   1 
ATOM   433  N N     . ILE B 2 55  ? -4.538  -5.416  5.503   1.00 27.25 ? 55  ILE A N     1 
ATOM   434  C CA    . ILE B 2 55  ? -5.521  -4.645  6.247   1.00 28.22 ? 55  ILE A CA    1 
ATOM   435  C C     . ILE B 2 55  ? -4.780  -3.551  7.053   1.00 27.53 ? 55  ILE A C     1 
ATOM   436  O O     . ILE B 2 55  ? -3.675  -3.669  7.561   1.00 25.77 ? 55  ILE A O     1 
ATOM   437  C CB    . ILE B 2 55  ? -6.506  -5.534  7.106   1.00 29.18 ? 55  ILE A CB    1 
ATOM   438  C CG1   . ILE B 2 55  ? -7.786  -5.748  6.236   1.00 30.22 ? 55  ILE A CG1   1 
ATOM   439  C CG2   . ILE B 2 55  ? -6.998  -4.651  8.338   1.00 28.37 ? 55  ILE A CG2   1 
ATOM   440  C CD1   . ILE B 2 55  ? -7.598  -6.724  5.072   1.00 32.07 ? 55  ILE A CD1   1 
ATOM   441  N N     . PHE B 2 56  ? -5.347  -2.372  7.081   1.00 28.39 ? 56  PHE A N     1 
ATOM   442  C CA    . PHE B 2 56  ? -4.970  -1.137  7.783   1.00 30.44 ? 56  PHE A CA    1 
ATOM   443  C C     . PHE B 2 56  ? -6.148  -0.954  8.818   1.00 32.02 ? 56  PHE A C     1 
ATOM   444  O O     . PHE B 2 56  ? -7.342  -0.841  8.428   1.00 30.58 ? 56  PHE A O     1 
ATOM   445  C CB    . PHE B 2 56  ? -4.750  0.103   6.968   1.00 29.86 ? 56  PHE A CB    1 
ATOM   446  C CG    . PHE B 2 56  ? -4.547  1.393   7.681   1.00 30.31 ? 56  PHE A CG    1 
ATOM   447  C CD1   . PHE B 2 56  ? -3.302  1.665   8.269   1.00 29.91 ? 56  PHE A CD1   1 
ATOM   448  C CD2   . PHE B 2 56  ? -5.581  2.313   7.798   1.00 30.65 ? 56  PHE A CD2   1 
ATOM   449  C CE1   . PHE B 2 56  ? -3.082  2.842   8.953   1.00 30.00 ? 56  PHE A CE1   1 
ATOM   450  C CE2   . PHE B 2 56  ? -5.371  3.541   8.473   1.00 31.44 ? 56  PHE A CE2   1 
ATOM   451  C CZ    . PHE B 2 56  ? -4.104  3.803   9.033   1.00 30.66 ? 56  PHE A CZ    1 
ATOM   452  N N     . SER B 2 57  ? -5.770  -0.910  10.105  1.00 34.23 ? 57  SER A N     1 
ATOM   453  C CA    . SER B 2 57  ? -6.938  -0.840  11.045  1.00 37.08 ? 57  SER A CA    1 
ATOM   454  C C     . SER B 2 57  ? -7.656  0.457   11.279  1.00 36.92 ? 57  SER A C     1 
ATOM   455  O O     . SER B 2 57  ? -8.899  0.368   11.383  1.00 36.77 ? 57  SER A O     1 
ATOM   456  C CB    . SER B 2 57  ? -6.711  -1.698  12.294  1.00 38.06 ? 57  SER A CB    1 
ATOM   457  O OG    . SER B 2 57  ? -6.004  -1.086  13.336  1.00 39.77 ? 57  SER A OG    1 
ATOM   458  N N     . ASN B 2 58  ? -7.046  1.591   11.319  1.00 38.96 ? 58  ASN A N     1 
ATOM   459  C CA    . ASN B 2 58  ? -7.962  2.743   11.601  1.00 42.51 ? 58  ASN A CA    1 
ATOM   460  C C     . ASN B 2 58  ? -8.673  2.531   12.949  1.00 46.10 ? 58  ASN A C     1 
ATOM   461  O O     . ASN B 2 58  ? -9.946  2.709   12.884  1.00 47.63 ? 58  ASN A O     1 
ATOM   462  C CB    . ASN B 2 58  ? -9.093  2.720   10.549  1.00 40.20 ? 58  ASN A CB    1 
ATOM   463  C CG    . ASN B 2 58  ? -9.602  4.157   10.352  1.00 38.54 ? 58  ASN A CG    1 
ATOM   464  O OD1   . ASN B 2 58  ? -8.827  5.108   10.436  1.00 37.69 ? 58  ASN A OD1   1 
ATOM   465  N ND2   . ASN B 2 58  ? -10.881 4.314   10.075  1.00 37.80 ? 58  ASN A ND2   1 
ATOM   466  N N     . ARG B 2 59  ? -8.056  2.181   14.114  1.00 49.35 ? 59  ARG A N     1 
ATOM   467  C CA    . ARG B 2 59  ? -9.101  2.070   15.215  1.00 51.38 ? 59  ARG A CA    1 
ATOM   468  C C     . ARG B 2 59  ? -9.123  3.398   15.931  1.00 50.65 ? 59  ARG A C     1 
ATOM   469  O O     . ARG B 2 59  ? -9.944  3.710   16.783  1.00 50.43 ? 59  ARG A O     1 
ATOM   470  C CB    . ARG B 2 59  ? -9.153  0.693   15.776  1.00 54.31 ? 59  ARG A CB    1 
ATOM   471  C CG    . ARG B 2 59  ? -10.537 0.025   15.823  1.00 57.50 ? 59  ARG A CG    1 
ATOM   472  C CD    . ARG B 2 59  ? -11.490 0.392   14.731  1.00 60.31 ? 59  ARG A CD    1 
ATOM   473  N NE    . ARG B 2 59  ? -10.938 0.077   13.393  1.00 62.91 ? 59  ARG A NE    1 
ATOM   474  C CZ    . ARG B 2 59  ? -11.594 0.160   12.220  1.00 63.46 ? 59  ARG A CZ    1 
ATOM   475  N NH1   . ARG B 2 59  ? -12.888 0.541   12.269  1.00 64.10 ? 59  ARG A NH1   1 
ATOM   476  N NH2   . ARG B 2 59  ? -10.952 -0.105  11.076  1.00 63.23 ? 59  ARG A NH2   1 
ATOM   477  N N     . GLU B 2 60  ? -8.274  4.280   15.436  1.00 50.12 ? 60  GLU A N     1 
ATOM   478  C CA    . GLU B 2 60  ? -7.986  5.671   15.746  1.00 49.60 ? 60  GLU A CA    1 
ATOM   479  C C     . GLU B 2 60  ? -8.700  6.802   14.962  1.00 46.96 ? 60  GLU A C     1 
ATOM   480  O O     . GLU B 2 60  ? -8.494  8.031   15.154  1.00 45.95 ? 60  GLU A O     1 
ATOM   481  C CB    . GLU B 2 60  ? -6.486  5.959   15.422  1.00 51.27 ? 60  GLU A CB    1 
ATOM   482  C CG    . GLU B 2 60  ? -5.630  4.666   15.493  1.00 53.81 ? 60  GLU A CG    1 
ATOM   483  C CD    . GLU B 2 60  ? -4.322  5.091   16.154  1.00 55.44 ? 60  GLU A CD    1 
ATOM   484  O OE1   . GLU B 2 60  ? -3.902  6.169   15.613  1.00 56.39 ? 60  GLU A OE1   1 
ATOM   485  O OE2   . GLU B 2 60  ? -3.861  4.452   17.098  1.00 56.20 ? 60  GLU A OE2   1 
ATOM   486  N N     . GLY B 2 61  ? -9.520  6.353   14.018  1.00 44.35 ? 61  GLY A N     1 
ATOM   487  C CA    . GLY B 2 61  ? -10.363 7.071   13.094  1.00 40.20 ? 61  GLY A CA    1 
ATOM   488  C C     . GLY B 2 61  ? -9.795  8.243   12.372  1.00 37.30 ? 61  GLY A C     1 
ATOM   489  O O     . GLY B 2 61  ? -10.324 9.336   12.290  1.00 36.98 ? 61  GLY A O     1 
ATOM   490  N N     . LYS B 2 62  ? -8.662  8.062   11.782  1.00 36.24 ? 62  LYS A N     1 
ATOM   491  C CA    . LYS B 2 62  ? -7.888  9.021   10.977  1.00 35.83 ? 62  LYS A CA    1 
ATOM   492  C C     . LYS B 2 62  ? -8.505  9.086   9.569   1.00 34.26 ? 62  LYS A C     1 
ATOM   493  O O     . LYS B 2 62  ? -8.452  10.060  8.813   1.00 33.45 ? 62  LYS A O     1 
ATOM   494  C CB    . LYS B 2 62  ? -6.458  8.485   11.064  1.00 38.17 ? 62  LYS A CB    1 
ATOM   495  C CG    . LYS B 2 62  ? -6.447  6.934   10.989  1.00 40.28 ? 62  LYS A CG    1 
ATOM   496  C CD    . LYS B 2 62  ? -5.524  6.378   12.040  1.00 42.62 ? 62  LYS A CD    1 
ATOM   497  C CE    . LYS B 2 62  ? -4.041  6.679   11.781  1.00 44.19 ? 62  LYS A CE    1 
ATOM   498  N NZ    . LYS B 2 62  ? -3.186  5.624   12.450  1.00 45.36 ? 62  LYS A NZ    1 
ATOM   499  N N     . LEU B 2 63  ? -9.188  8.002   9.218   1.00 32.97 ? 63  LEU A N     1 
ATOM   500  C CA    . LEU B 2 63  ? -9.972  7.712   8.002   1.00 31.24 ? 63  LEU A CA    1 
ATOM   501  C C     . LEU B 2 63  ? -11.470 7.597   8.349   1.00 30.54 ? 63  LEU A C     1 
ATOM   502  O O     . LEU B 2 63  ? -11.847 7.034   9.369   1.00 29.82 ? 63  LEU A O     1 
ATOM   503  C CB    . LEU B 2 63  ? -9.499  6.422   7.282   1.00 29.44 ? 63  LEU A CB    1 
ATOM   504  C CG    . LEU B 2 63  ? -8.115  6.697   6.671   1.00 29.04 ? 63  LEU A CG    1 
ATOM   505  C CD1   . LEU B 2 63  ? -7.371  5.446   6.474   1.00 28.32 ? 63  LEU A CD1   1 
ATOM   506  C CD2   . LEU B 2 63  ? -8.103  7.876   5.750   1.00 28.68 ? 63  LEU A CD2   1 
ATOM   507  N N     . PRO B 2 64  ? -12.303 8.077   7.425   1.00 30.38 ? 64  PRO A N     1 
ATOM   508  C CA    . PRO B 2 64  ? -13.762 7.982   7.629   1.00 29.49 ? 64  PRO A CA    1 
ATOM   509  C C     . PRO B 2 64  ? -14.140 6.513   7.787   1.00 28.53 ? 64  PRO A C     1 
ATOM   510  O O     . PRO B 2 64  ? -13.672 5.668   7.008   1.00 28.58 ? 64  PRO A O     1 
ATOM   511  C CB    . PRO B 2 64  ? -14.293 8.664   6.378   1.00 29.57 ? 64  PRO A CB    1 
ATOM   512  C CG    . PRO B 2 64  ? -13.170 9.473   5.789   1.00 29.57 ? 64  PRO A CG    1 
ATOM   513  C CD    . PRO B 2 64  ? -11.928 8.712   6.142   1.00 29.37 ? 64  PRO A CD    1 
ATOM   514  N N     . GLY B 2 65  ? -14.969 6.190   8.743   1.00 27.75 ? 65  GLY A N     1 
ATOM   515  C CA    . GLY B 2 65  ? -15.438 4.856   9.018   1.00 28.16 ? 65  GLY A CA    1 
ATOM   516  C C     . GLY B 2 65  ? -16.921 4.694   8.655   1.00 28.78 ? 65  GLY A C     1 
ATOM   517  O O     . GLY B 2 65  ? -17.693 5.646   8.517   1.00 28.41 ? 65  GLY A O     1 
ATOM   518  N N     . LYS B 2 66  ? -17.314 3.446   8.445   1.00 29.68 ? 66  LYS A N     1 
ATOM   519  C CA    . LYS B 2 66  ? -18.671 2.996   8.151   1.00 31.02 ? 66  LYS A CA    1 
ATOM   520  C C     . LYS B 2 66  ? -18.635 1.577   8.733   1.00 30.80 ? 66  LYS A C     1 
ATOM   521  O O     . LYS B 2 66  ? -17.572 0.956   8.618   1.00 30.63 ? 66  LYS A O     1 
ATOM   522  C CB    . LYS B 2 66  ? -19.135 2.800   6.738   1.00 32.32 ? 66  LYS A CB    1 
ATOM   523  C CG    . LYS B 2 66  ? -19.810 3.920   5.992   1.00 34.34 ? 66  LYS A CG    1 
ATOM   524  C CD    . LYS B 2 66  ? -19.735 5.293   6.692   1.00 35.98 ? 66  LYS A CD    1 
ATOM   525  C CE    . LYS B 2 66  ? -20.343 6.328   5.691   1.00 36.88 ? 66  LYS A CE    1 
ATOM   526  N NZ    . LYS B 2 66  ? -20.657 5.586   4.404   1.00 36.70 ? 66  LYS A NZ    1 
ATOM   527  N N     . SER B 2 67  ? -19.725 1.170   9.298   1.00 30.93 ? 67  SER A N     1 
ATOM   528  C CA    . SER B 2 67  ? -19.749 -0.209  9.848   1.00 31.61 ? 67  SER A CA    1 
ATOM   529  C C     . SER B 2 67  ? -19.554 -1.190  8.699   1.00 32.14 ? 67  SER A C     1 
ATOM   530  O O     . SER B 2 67  ? -20.319 -1.123  7.691   1.00 33.89 ? 67  SER A O     1 
ATOM   531  C CB    . SER B 2 67  ? -21.122 -0.323  10.526  1.00 31.45 ? 67  SER A CB    1 
ATOM   532  O OG    . SER B 2 67  ? -21.317 -1.681  10.859  1.00 32.16 ? 67  SER A OG    1 
ATOM   533  N N     . GLY B 2 68  ? -18.641 -2.124  8.638   1.00 31.92 ? 68  GLY A N     1 
ATOM   534  C CA    . GLY B 2 68  ? -18.589 -2.978  7.428   1.00 31.60 ? 68  GLY A CA    1 
ATOM   535  C C     . GLY B 2 68  ? -17.524 -2.558  6.425   1.00 30.60 ? 68  GLY A C     1 
ATOM   536  O O     . GLY B 2 68  ? -17.258 -3.318  5.479   1.00 31.62 ? 68  GLY A O     1 
ATOM   537  N N     . ARG B 2 69  ? -16.908 -1.425  6.579   1.00 29.44 ? 69  ARG A N     1 
ATOM   538  C CA    . ARG B 2 69  ? -15.864 -0.928  5.658   1.00 28.73 ? 69  ARG A CA    1 
ATOM   539  C C     . ARG B 2 69  ? -14.510 -1.465  6.080   1.00 28.05 ? 69  ARG A C     1 
ATOM   540  O O     . ARG B 2 69  ? -14.172 -1.427  7.254   1.00 29.12 ? 69  ARG A O     1 
ATOM   541  C CB    . ARG B 2 69  ? -15.877 0.614   5.588   1.00 27.49 ? 69  ARG A CB    1 
ATOM   542  C CG    . ARG B 2 69  ? -14.657 1.144   4.798   1.00 26.40 ? 69  ARG A CG    1 
ATOM   543  C CD    . ARG B 2 69  ? -14.695 2.608   4.927   1.00 25.31 ? 69  ARG A CD    1 
ATOM   544  N NE    . ARG B 2 69  ? -15.773 3.236   4.182   1.00 25.22 ? 69  ARG A NE    1 
ATOM   545  C CZ    . ARG B 2 69  ? -16.204 4.504   4.245   1.00 24.41 ? 69  ARG A CZ    1 
ATOM   546  N NH1   . ARG B 2 69  ? -15.749 5.458   5.060   1.00 23.71 ? 69  ARG A NH1   1 
ATOM   547  N NH2   . ARG B 2 69  ? -17.219 4.859   3.424   1.00 24.70 ? 69  ARG A NH2   1 
ATOM   548  N N     . THR B 2 70  ? -13.674 -2.019  5.290   1.00 27.49 ? 70  THR A N     1 
ATOM   549  C CA    . THR B 2 70  ? -12.347 -2.486  5.652   1.00 27.84 ? 70  THR A CA    1 
ATOM   550  C C     . THR B 2 70  ? -11.340 -1.589  4.939   1.00 27.79 ? 70  THR A C     1 
ATOM   551  O O     . THR B 2 70  ? -11.619 -1.196  3.766   1.00 27.72 ? 70  THR A O     1 
ATOM   552  C CB    . THR B 2 70  ? -12.339 -3.953  5.159   1.00 28.70 ? 70  THR A CB    1 
ATOM   553  O OG1   . THR B 2 70  ? -13.203 -4.727  6.144   1.00 29.65 ? 70  THR A OG1   1 
ATOM   554  C CG2   . THR B 2 70  ? -10.942 -4.398  5.151   1.00 31.82 ? 70  THR A CG2   1 
ATOM   555  N N     . TRP B 2 71  ? -10.208 -1.236  5.559   1.00 25.96 ? 71  TRP A N     1 
ATOM   556  C CA    . TRP B 2 71  ? -9.203  -0.415  4.879   1.00 23.60 ? 71  TRP A CA    1 
ATOM   557  C C     . TRP B 2 71  ? -7.991  -1.277  4.560   1.00 23.95 ? 71  TRP A C     1 
ATOM   558  O O     . TRP B 2 71  ? -7.608  -2.181  5.309   1.00 23.69 ? 71  TRP A O     1 
ATOM   559  C CB    . TRP B 2 71  ? -8.786  0.787   5.678   1.00 22.17 ? 71  TRP A CB    1 
ATOM   560  C CG    . TRP B 2 71  ? -9.781  1.870   5.782   1.00 22.05 ? 71  TRP A CG    1 
ATOM   561  C CD1   . TRP B 2 71  ? -10.743 2.046   6.732   1.00 21.75 ? 71  TRP A CD1   1 
ATOM   562  C CD2   . TRP B 2 71  ? -9.982  2.928   4.818   1.00 22.31 ? 71  TRP A CD2   1 
ATOM   563  N NE1   . TRP B 2 71  ? -11.477 3.185   6.491   1.00 21.76 ? 71  TRP A NE1   1 
ATOM   564  C CE2   . TRP B 2 71  ? -11.026 3.756   5.323   1.00 22.24 ? 71  TRP A CE2   1 
ATOM   565  C CE3   . TRP B 2 71  ? -9.306  3.267   3.636   1.00 21.75 ? 71  TRP A CE3   1 
ATOM   566  C CZ2   . TRP B 2 71  ? -11.452 4.938   4.702   1.00 22.33 ? 71  TRP A CZ2   1 
ATOM   567  C CZ3   . TRP B 2 71  ? -9.750  4.452   3.038   1.00 23.01 ? 71  TRP A CZ3   1 
ATOM   568  C CH2   . TRP B 2 71  ? -10.834 5.290   3.515   1.00 22.29 ? 71  TRP A CH2   1 
ATOM   569  N N     . ARG B 2 72  ? -7.411  -0.961  3.386   1.00 24.47 ? 72  ARG A N     1 
ATOM   570  C CA    . ARG B 2 72  ? -6.176  -1.673  2.943   1.00 24.59 ? 72  ARG A CA    1 
ATOM   571  C C     . ARG B 2 72  ? -5.130  -0.608  2.572   1.00 24.00 ? 72  ARG A C     1 
ATOM   572  O O     . ARG B 2 72  ? -5.544  0.546   2.261   1.00 23.66 ? 72  ARG A O     1 
ATOM   573  C CB    . ARG B 2 72  ? -6.353  -2.694  1.830   1.00 24.84 ? 72  ARG A CB    1 
ATOM   574  C CG    . ARG B 2 72  ? -7.025  -3.923  2.464   1.00 26.16 ? 72  ARG A CG    1 
ATOM   575  C CD    . ARG B 2 72  ? -7.270  -4.880  1.371   1.00 28.09 ? 72  ARG A CD    1 
ATOM   576  N NE    . ARG B 2 72  ? -7.705  -6.154  1.874   1.00 29.89 ? 72  ARG A NE    1 
ATOM   577  C CZ    . ARG B 2 72  ? -8.950  -6.524  2.164   1.00 31.83 ? 72  ARG A CZ    1 
ATOM   578  N NH1   . ARG B 2 72  ? -10.024 -5.697  1.984   1.00 32.45 ? 72  ARG A NH1   1 
ATOM   579  N NH2   . ARG B 2 72  ? -9.027  -7.790  2.647   1.00 32.29 ? 72  ARG A NH2   1 
ATOM   580  N N     . GLU B 2 73  ? -3.861  -1.017  2.672   1.00 23.37 ? 73  GLU A N     1 
ATOM   581  C CA    . GLU B 2 73  ? -2.809  -0.021  2.330   1.00 23.33 ? 73  GLU A CA    1 
ATOM   582  C C     . GLU B 2 73  ? -1.864  -0.697  1.319   1.00 22.46 ? 73  GLU A C     1 
ATOM   583  O O     . GLU B 2 73  ? -1.824  -1.945  1.220   1.00 21.66 ? 73  GLU A O     1 
ATOM   584  C CB    . GLU B 2 73  ? -2.033  0.443   3.578   1.00 23.72 ? 73  GLU A CB    1 
ATOM   585  C CG    . GLU B 2 73  ? -1.588  -0.789  4.438   1.00 25.53 ? 73  GLU A CG    1 
ATOM   586  C CD    . GLU B 2 73  ? -0.588  -0.522  5.536   1.00 26.82 ? 73  GLU A CD    1 
ATOM   587  O OE1   . GLU B 2 73  ? 0.474   -0.012  5.168   1.00 27.10 ? 73  GLU A OE1   1 
ATOM   588  O OE2   . GLU B 2 73  ? -0.659  -0.724  6.735   1.00 27.85 ? 73  GLU A OE2   1 
ATOM   589  N N     . ALA B 2 74  ? -1.112  0.192   0.646   1.00 21.63 ? 74  ALA A N     1 
ATOM   590  C CA    . ALA B 2 74  ? -0.091  -0.217  -0.340  1.00 20.32 ? 74  ALA A CA    1 
ATOM   591  C C     . ALA B 2 74  ? 1.013   0.841   -0.242  1.00 19.68 ? 74  ALA A C     1 
ATOM   592  O O     . ALA B 2 74  ? 0.764   2.019   -0.051  1.00 19.60 ? 74  ALA A O     1 
ATOM   593  C CB    . ALA B 2 74  ? -0.623  -0.524  -1.730  1.00 19.23 ? 74  ALA A CB    1 
ATOM   594  N N     . ASP B 2 75  ? 2.242   0.376   -0.319  1.00 20.43 ? 75  ASP A N     1 
ATOM   595  C CA    . ASP B 2 75  ? 3.421   1.241   -0.310  1.00 21.65 ? 75  ASP A CA    1 
ATOM   596  C C     . ASP B 2 75  ? 3.496   1.914   -1.703  1.00 21.79 ? 75  ASP A C     1 
ATOM   597  O O     . ASP B 2 75  ? 3.287   1.203   -2.702  1.00 21.99 ? 75  ASP A O     1 
ATOM   598  C CB    . ASP B 2 75  ? 4.711   0.420   -0.279  1.00 22.17 ? 75  ASP A CB    1 
ATOM   599  C CG    . ASP B 2 75  ? 5.093   -0.005  1.139   1.00 23.37 ? 75  ASP A CG    1 
ATOM   600  O OD1   . ASP B 2 75  ? 4.083   -0.004  1.913   1.00 23.92 ? 75  ASP A OD1   1 
ATOM   601  O OD2   . ASP B 2 75  ? 6.271   -0.277  1.372   1.00 22.85 ? 75  ASP A OD2   1 
ATOM   602  N N     . ILE B 2 76  ? 3.836   3.149   -1.657  1.00 22.23 ? 76  ILE A N     1 
ATOM   603  C CA    . ILE B 2 76  ? 3.976   3.989   -2.848  1.00 23.71 ? 76  ILE A CA    1 
ATOM   604  C C     . ILE B 2 76  ? 5.404   4.507   -3.006  1.00 24.42 ? 76  ILE A C     1 
ATOM   605  O O     . ILE B 2 76  ? 6.133   4.878   -2.060  1.00 23.29 ? 76  ILE A O     1 
ATOM   606  C CB    . ILE B 2 76  ? 2.910   5.161   -2.812  1.00 24.22 ? 76  ILE A CB    1 
ATOM   607  C CG1   . ILE B 2 76  ? 1.447   4.561   -2.826  1.00 24.16 ? 76  ILE A CG1   1 
ATOM   608  C CG2   . ILE B 2 76  ? 3.106   6.184   -3.984  1.00 23.79 ? 76  ILE A CG2   1 
ATOM   609  C CD1   . ILE B 2 76  ? 1.052   3.938   -4.190  1.00 23.86 ? 76  ILE A CD1   1 
ATOM   610  N N     . ASN B 2 77  ? 5.802   4.555   -4.294  1.00 25.30 ? 77  ASN A N     1 
ATOM   611  C CA    . ASN B 2 77  ? 7.107   5.070   -4.687  1.00 25.79 ? 77  ASN A CA    1 
ATOM   612  C C     . ASN B 2 77  ? 8.232   4.127   -4.190  1.00 26.00 ? 77  ASN A C     1 
ATOM   613  O O     . ASN B 2 77  ? 9.282   4.758   -3.934  1.00 27.49 ? 77  ASN A O     1 
ATOM   614  C CB    . ASN B 2 77  ? 7.468   6.474   -4.191  1.00 25.66 ? 77  ASN A CB    1 
ATOM   615  C CG    . ASN B 2 77  ? 6.552   7.549   -4.643  1.00 26.41 ? 77  ASN A CG    1 
ATOM   616  O OD1   . ASN B 2 77  ? 6.072   7.484   -5.793  1.00 28.44 ? 77  ASN A OD1   1 
ATOM   617  N ND2   . ASN B 2 77  ? 6.181   8.572   -3.897  1.00 26.39 ? 77  ASN A ND2   1 
ATOM   618  N N     . TYR B 2 78  ? 8.012   2.851   -4.135  1.00 25.30 ? 78  TYR A N     1 
ATOM   619  C CA    . TYR B 2 78  ? 9.094   2.019   -3.643  1.00 25.42 ? 78  TYR A CA    1 
ATOM   620  C C     . TYR B 2 78  ? 9.931   1.443   -4.775  1.00 25.60 ? 78  TYR A C     1 
ATOM   621  O O     . TYR B 2 78  ? 9.245   0.920   -5.649  1.00 25.50 ? 78  TYR A O     1 
ATOM   622  C CB    . TYR B 2 78  ? 8.508   0.791   -2.888  1.00 24.74 ? 78  TYR A CB    1 
ATOM   623  C CG    . TYR B 2 78  ? 9.660   -0.086  -2.445  1.00 25.37 ? 78  TYR A CG    1 
ATOM   624  C CD1   . TYR B 2 78  ? 10.491  0.431   -1.396  1.00 25.56 ? 78  TYR A CD1   1 
ATOM   625  C CD2   . TYR B 2 78  ? 9.932   -1.346  -2.988  1.00 24.45 ? 78  TYR A CD2   1 
ATOM   626  C CE1   . TYR B 2 78  ? 11.548  -0.370  -0.929  1.00 25.79 ? 78  TYR A CE1   1 
ATOM   627  C CE2   . TYR B 2 78  ? 10.991  -2.116  -2.560  1.00 24.25 ? 78  TYR A CE2   1 
ATOM   628  C CZ    . TYR B 2 78  ? 11.798  -1.624  -1.539  1.00 25.57 ? 78  TYR A CZ    1 
ATOM   629  O OH    . TYR B 2 78  ? 12.876  -2.354  -1.090  1.00 25.39 ? 78  TYR A OH    1 
ATOM   630  N N     . THR B 2 79  ? 11.240  1.503   -4.659  1.00 25.83 ? 79  THR A N     1 
ATOM   631  C CA    . THR B 2 79  ? 12.098  0.903   -5.695  1.00 26.73 ? 79  THR A CA    1 
ATOM   632  C C     . THR B 2 79  ? 12.949  -0.189  -5.075  1.00 26.04 ? 79  THR A C     1 
ATOM   633  O O     . THR B 2 79  ? 12.994  -1.355  -5.526  1.00 26.50 ? 79  THR A O     1 
ATOM   634  C CB    . THR B 2 79  ? 13.093  1.996   -6.162  1.00 28.14 ? 79  THR A CB    1 
ATOM   635  O OG1   . THR B 2 79  ? 12.143  2.952   -6.601  1.00 30.39 ? 79  THR A OG1   1 
ATOM   636  C CG2   . THR B 2 79  ? 14.096  1.395   -7.120  1.00 30.64 ? 79  THR A CG2   1 
ATOM   637  N N     . SER B 2 80  ? 13.656  0.308   -4.042  1.00 25.50 ? 80  SER A N     1 
ATOM   638  C CA    . SER B 2 80  ? 14.493  -0.622  -3.243  1.00 25.44 ? 80  SER A CA    1 
ATOM   639  C C     . SER B 2 80  ? 14.952  0.048   -1.915  1.00 23.89 ? 80  SER A C     1 
ATOM   640  O O     . SER B 2 80  ? 14.839  1.259   -1.724  1.00 22.30 ? 80  SER A O     1 
ATOM   641  C CB    . SER B 2 80  ? 15.699  -1.220  -3.993  1.00 26.23 ? 80  SER A CB    1 
ATOM   642  O OG    . SER B 2 80  ? 16.639  -0.124  -4.150  1.00 27.54 ? 80  SER A OG    1 
ATOM   643  N N     . GLY B 2 81  ? 15.487  -0.894  -1.114  1.00 23.75 ? 81  GLY A N     1 
ATOM   644  C CA    . GLY B 2 81  ? 16.014  -0.405  0.213   1.00 23.97 ? 81  GLY A CA    1 
ATOM   645  C C     . GLY B 2 81  ? 14.926  -0.646  1.281   1.00 23.67 ? 81  GLY A C     1 
ATOM   646  O O     . GLY B 2 81  ? 14.051  -1.543  1.117   1.00 23.78 ? 81  GLY A O     1 
ATOM   647  N N     . PHE B 2 82  ? 15.080  0.125   2.331   1.00 23.26 ? 82  PHE A N     1 
ATOM   648  C CA    . PHE B 2 82  ? 14.193  0.152   3.518   1.00 22.81 ? 82  PHE A CA    1 
ATOM   649  C C     . PHE B 2 82  ? 12.884  0.774   3.006   1.00 22.07 ? 82  PHE A C     1 
ATOM   650  O O     . PHE B 2 82  ? 12.957  1.506   2.017   1.00 21.03 ? 82  PHE A O     1 
ATOM   651  C CB    . PHE B 2 82  ? 14.853  0.969   4.656   1.00 23.13 ? 82  PHE A CB    1 
ATOM   652  C CG    . PHE B 2 82  ? 15.788  0.111   5.426   1.00 24.55 ? 82  PHE A CG    1 
ATOM   653  C CD1   . PHE B 2 82  ? 15.302  -0.923  6.226   1.00 26.39 ? 82  PHE A CD1   1 
ATOM   654  C CD2   . PHE B 2 82  ? 17.162  0.238   5.287   1.00 25.28 ? 82  PHE A CD2   1 
ATOM   655  C CE1   . PHE B 2 82  ? 16.131  -1.844  6.930   1.00 26.77 ? 82  PHE A CE1   1 
ATOM   656  C CE2   . PHE B 2 82  ? 18.032  -0.645  5.949   1.00 25.47 ? 82  PHE A CE2   1 
ATOM   657  C CZ    . PHE B 2 82  ? 17.528  -1.652  6.770   1.00 25.91 ? 82  PHE A CZ    1 
ATOM   658  N N     . ARG B 2 83  ? 11.758  0.539   3.639   1.00 22.25 ? 83  ARG A N     1 
ATOM   659  C CA    . ARG B 2 83  ? 10.468  1.133   3.232   1.00 22.01 ? 83  ARG A CA    1 
ATOM   660  C C     . ARG B 2 83  ? 10.424  2.612   3.508   1.00 22.63 ? 83  ARG A C     1 
ATOM   661  O O     . ARG B 2 83  ? 11.060  3.043   4.490   1.00 23.72 ? 83  ARG A O     1 
ATOM   662  C CB    . ARG B 2 83  ? 9.245   0.389   3.816   1.00 21.38 ? 83  ARG A CB    1 
ATOM   663  C CG    . ARG B 2 83  ? 9.335   -1.069  3.345   1.00 20.73 ? 83  ARG A CG    1 
ATOM   664  C CD    . ARG B 2 83  ? 8.399   -2.060  3.907   1.00 20.47 ? 83  ARG A CD    1 
ATOM   665  N NE    . ARG B 2 83  ? 7.025   -1.571  3.836   1.00 19.83 ? 83  ARG A NE    1 
ATOM   666  C CZ    . ARG B 2 83  ? 6.132   -1.861  4.766   1.00 19.37 ? 83  ARG A CZ    1 
ATOM   667  N NH1   . ARG B 2 83  ? 6.532   -2.649  5.760   1.00 19.48 ? 83  ARG A NH1   1 
ATOM   668  N NH2   . ARG B 2 83  ? 4.936   -1.321  4.683   1.00 18.39 ? 83  ARG A NH2   1 
ATOM   669  N N     . ASN B 2 84  ? 9.698   3.400   2.726   1.00 22.15 ? 84  ASN A N     1 
ATOM   670  C CA    . ASN B 2 84  ? 9.592   4.853   2.894   1.00 22.11 ? 84  ASN A CA    1 
ATOM   671  C C     . ASN B 2 84  ? 8.340   5.231   3.657   1.00 21.41 ? 84  ASN A C     1 
ATOM   672  O O     . ASN B 2 84  ? 7.689   4.370   4.244   1.00 21.74 ? 84  ASN A O     1 
ATOM   673  C CB    . ASN B 2 84  ? 9.629   5.546   1.519   1.00 24.17 ? 84  ASN A CB    1 
ATOM   674  C CG    . ASN B 2 84  ? 8.526   5.064   0.552   1.00 25.90 ? 84  ASN A CG    1 
ATOM   675  O OD1   . ASN B 2 84  ? 7.479   4.528   1.045   1.00 25.88 ? 84  ASN A OD1   1 
ATOM   676  N ND2   . ASN B 2 84  ? 8.699   5.204   -0.788  1.00 25.34 ? 84  ASN A ND2   1 
ATOM   677  N N     . SER B 2 85  ? 7.946   6.491   3.628   1.00 21.62 ? 85  SER A N     1 
ATOM   678  C CA    . SER B 2 85  ? 6.747   6.963   4.333   1.00 22.51 ? 85  SER A CA    1 
ATOM   679  C C     . SER B 2 85  ? 5.466   7.101   3.501   1.00 22.06 ? 85  SER A C     1 
ATOM   680  O O     . SER B 2 85  ? 4.419   7.577   3.997   1.00 22.00 ? 85  SER A O     1 
ATOM   681  C CB    . SER B 2 85  ? 7.103   8.356   4.852   1.00 23.13 ? 85  SER A CB    1 
ATOM   682  O OG    . SER B 2 85  ? 8.274   8.328   5.662   1.00 24.31 ? 85  SER A OG    1 
ATOM   683  N N     . ASP B 2 86  ? 5.535   6.675   2.284   1.00 22.03 ? 86  ASP A N     1 
ATOM   684  C CA    . ASP B 2 86  ? 4.419   6.822   1.328   1.00 22.84 ? 86  ASP A CA    1 
ATOM   685  C C     . ASP B 2 86  ? 3.451   5.670   1.282   1.00 21.79 ? 86  ASP A C     1 
ATOM   686  O O     . ASP B 2 86  ? 3.932   4.544   1.099   1.00 21.99 ? 86  ASP A O     1 
ATOM   687  C CB    . ASP B 2 86  ? 5.010   7.128   -0.082  1.00 22.93 ? 86  ASP A CB    1 
ATOM   688  C CG    . ASP B 2 86  ? 5.755   8.439   -0.094  1.00 23.92 ? 86  ASP A CG    1 
ATOM   689  O OD1   . ASP B 2 86  ? 5.625   9.468   0.559   1.00 23.55 ? 86  ASP A OD1   1 
ATOM   690  O OD2   . ASP B 2 86  ? 6.692   8.433   -0.930  1.00 26.08 ? 86  ASP A OD2   1 
ATOM   691  N N     . ARG B 2 87  ? 2.201   6.030   1.450   1.00 21.03 ? 87  ARG A N     1 
ATOM   692  C CA    . ARG B 2 87  ? 1.154   5.027   1.410   1.00 22.16 ? 87  ARG A CA    1 
ATOM   693  C C     . ARG B 2 87  ? -0.170  5.520   0.787   1.00 21.44 ? 87  ARG A C     1 
ATOM   694  O O     . ARG B 2 87  ? -0.641  6.642   0.861   1.00 21.70 ? 87  ARG A O     1 
ATOM   695  C CB    . ARG B 2 87  ? 0.794   4.332   2.791   1.00 22.08 ? 87  ARG A CB    1 
ATOM   696  C CG    . ARG B 2 87  ? 1.977   3.811   3.616   1.00 20.90 ? 87  ARG A CG    1 
ATOM   697  C CD    . ARG B 2 87  ? 2.455   2.426   3.321   1.00 20.33 ? 87  ARG A CD    1 
ATOM   698  N NE    . ARG B 2 87  ? 3.614   2.130   4.194   1.00 20.02 ? 87  ARG A NE    1 
ATOM   699  C CZ    . ARG B 2 87  ? 4.871   2.519   4.106   1.00 20.00 ? 87  ARG A CZ    1 
ATOM   700  N NH1   . ARG B 2 87  ? 5.224   3.300   3.072   1.00 19.92 ? 87  ARG A NH1   1 
ATOM   701  N NH2   . ARG B 2 87  ? 5.776   2.119   4.971   1.00 18.79 ? 87  ARG A NH2   1 
ATOM   702  N N     . ILE B 2 88  ? -0.763  4.482   0.210   1.00 22.49 ? 88  ILE A N     1 
ATOM   703  C CA    . ILE B 2 88  ? -2.082  4.533   -0.413  1.00 23.81 ? 88  ILE A CA    1 
ATOM   704  C C     . ILE B 2 88  ? -2.991  3.649   0.487   1.00 22.60 ? 88  ILE A C     1 
ATOM   705  O O     . ILE B 2 88  ? -2.689  2.485   0.786   1.00 22.52 ? 88  ILE A O     1 
ATOM   706  C CB    . ILE B 2 88  ? -2.115  4.180   -1.955  1.00 24.69 ? 88  ILE A CB    1 
ATOM   707  C CG1   . ILE B 2 88  ? -3.362  4.932   -2.599  1.00 25.46 ? 88  ILE A CG1   1 
ATOM   708  C CG2   . ILE B 2 88  ? -2.087  2.680   -2.332  1.00 24.49 ? 88  ILE A CG2   1 
ATOM   709  C CD1   . ILE B 2 88  ? -3.445  4.908   -4.169  1.00 24.78 ? 88  ILE A CD1   1 
ATOM   710  N N     . LEU B 2 89  ? -4.071  4.307   0.838   1.00 22.75 ? 89  LEU A N     1 
ATOM   711  C CA    . LEU B 2 89  ? -5.141  3.740   1.668   1.00 23.68 ? 89  LEU A CA    1 
ATOM   712  C C     . LEU B 2 89  ? -6.409  3.621   0.801   1.00 23.87 ? 89  LEU A C     1 
ATOM   713  O O     . LEU B 2 89  ? -6.829  4.683   0.268   1.00 24.51 ? 89  LEU A O     1 
ATOM   714  C CB    . LEU B 2 89  ? -5.376  4.605   2.942   1.00 24.27 ? 89  LEU A CB    1 
ATOM   715  C CG    . LEU B 2 89  ? -4.505  4.323   4.177   1.00 24.02 ? 89  LEU A CG    1 
ATOM   716  C CD1   . LEU B 2 89  ? -4.744  2.862   4.562   1.00 24.47 ? 89  LEU A CD1   1 
ATOM   717  C CD2   . LEU B 2 89  ? -3.020  4.401   3.868   1.00 23.77 ? 89  LEU A CD2   1 
ATOM   718  N N     . TYR B 2 90  ? -6.952  2.413   0.733   1.00 23.13 ? 90  TYR A N     1 
ATOM   719  C CA    . TYR B 2 90  ? -8.206  2.181   -0.037  1.00 22.32 ? 90  TYR A CA    1 
ATOM   720  C C     . TYR B 2 90  ? -9.168  1.281   0.759   1.00 22.94 ? 90  TYR A C     1 
ATOM   721  O O     . TYR B 2 90  ? -8.833  0.311   1.483   1.00 22.69 ? 90  TYR A O     1 
ATOM   722  C CB    . TYR B 2 90  ? -7.952  1.648   -1.423  1.00 19.66 ? 90  TYR A CB    1 
ATOM   723  C CG    . TYR B 2 90  ? -7.241  0.335   -1.392  1.00 18.77 ? 90  TYR A CG    1 
ATOM   724  C CD1   . TYR B 2 90  ? -5.882  0.244   -1.117  1.00 19.22 ? 90  TYR A CD1   1 
ATOM   725  C CD2   . TYR B 2 90  ? -7.924  -0.825  -1.603  1.00 18.78 ? 90  TYR A CD2   1 
ATOM   726  C CE1   . TYR B 2 90  ? -5.188  -0.980  -1.121  1.00 18.99 ? 90  TYR A CE1   1 
ATOM   727  C CE2   . TYR B 2 90  ? -7.277  -2.060  -1.595  1.00 19.70 ? 90  TYR A CE2   1 
ATOM   728  C CZ    . TYR B 2 90  ? -5.901  -2.105  -1.361  1.00 19.51 ? 90  TYR A CZ    1 
ATOM   729  O OH    . TYR B 2 90  ? -5.311  -3.336  -1.408  1.00 21.33 ? 90  TYR A OH    1 
ATOM   730  N N     . SER B 2 91  ? -10.424 1.754   0.626   1.00 24.13 ? 91  SER A N     1 
ATOM   731  C CA    . SER B 2 91  ? -11.559 1.087   1.287   1.00 25.30 ? 91  SER A CA    1 
ATOM   732  C C     . SER B 2 91  ? -12.251 0.124   0.324   1.00 26.59 ? 91  SER A C     1 
ATOM   733  O O     . SER B 2 91  ? -12.107 0.068   -0.912  1.00 27.70 ? 91  SER A O     1 
ATOM   734  C CB    . SER B 2 91  ? -12.571 2.057   1.886   1.00 25.05 ? 91  SER A CB    1 
ATOM   735  O OG    . SER B 2 91  ? -13.311 2.697   0.869   1.00 24.46 ? 91  SER A OG    1 
ATOM   736  N N     . SER B 2 92  ? -13.048 -0.709  0.948   1.00 26.87 ? 92  SER A N     1 
ATOM   737  C CA    . SER B 2 92  ? -13.980 -1.752  0.586   1.00 26.91 ? 92  SER A CA    1 
ATOM   738  C C     . SER B 2 92  ? -14.877 -1.249  -0.559  1.00 27.71 ? 92  SER A C     1 
ATOM   739  O O     . SER B 2 92  ? -15.101 -1.910  -1.598  1.00 29.18 ? 92  SER A O     1 
ATOM   740  C CB    . SER B 2 92  ? -14.910 -1.850  1.856   1.00 26.26 ? 92  SER A CB    1 
ATOM   741  O OG    . SER B 2 92  ? -14.652 -3.147  2.259   1.00 28.69 ? 92  SER A OG    1 
ATOM   742  N N     . ASP B 2 93  ? -15.368 -0.043  -0.338  1.00 27.07 ? 93  ASP A N     1 
ATOM   743  C CA    . ASP B 2 93  ? -16.267 0.751   -1.147  1.00 26.59 ? 93  ASP A CA    1 
ATOM   744  C C     . ASP B 2 93  ? -15.530 1.832   -1.921  1.00 27.02 ? 93  ASP A C     1 
ATOM   745  O O     . ASP B 2 93  ? -16.081 2.879   -2.320  1.00 27.28 ? 93  ASP A O     1 
ATOM   746  C CB    . ASP B 2 93  ? -17.425 1.231   -0.293  1.00 26.46 ? 93  ASP A CB    1 
ATOM   747  C CG    . ASP B 2 93  ? -16.947 2.072   0.879   1.00 27.29 ? 93  ASP A CG    1 
ATOM   748  O OD1   . ASP B 2 93  ? -15.782 2.140   1.296   1.00 26.96 ? 93  ASP A OD1   1 
ATOM   749  O OD2   . ASP B 2 93  ? -17.794 2.818   1.404   1.00 27.57 ? 93  ASP A OD2   1 
ATOM   750  N N     . TRP B 2 94  ? -14.246 1.586   -2.174  1.00 26.68 ? 94  TRP A N     1 
ATOM   751  C CA    . TRP B 2 94  ? -13.372 2.407   -2.965  1.00 26.92 ? 94  TRP A CA    1 
ATOM   752  C C     . TRP B 2 94  ? -13.058 3.853   -2.741  1.00 27.23 ? 94  TRP A C     1 
ATOM   753  O O     . TRP B 2 94  ? -12.757 4.440   -3.792  1.00 27.29 ? 94  TRP A O     1 
ATOM   754  C CB    . TRP B 2 94  ? -13.670 2.183   -4.517  1.00 26.76 ? 94  TRP A CB    1 
ATOM   755  C CG    . TRP B 2 94  ? -13.793 0.696   -4.659  1.00 26.14 ? 94  TRP A CG    1 
ATOM   756  C CD1   . TRP B 2 94  ? -14.939 -0.035  -4.739  1.00 26.10 ? 94  TRP A CD1   1 
ATOM   757  C CD2   . TRP B 2 94  ? -12.717 -0.260  -4.583  1.00 26.70 ? 94  TRP A CD2   1 
ATOM   758  N NE1   . TRP B 2 94  ? -14.627 -1.381  -4.751  1.00 26.92 ? 94  TRP A NE1   1 
ATOM   759  C CE2   . TRP B 2 94  ? -13.284 -1.548  -4.653  1.00 26.67 ? 94  TRP A CE2   1 
ATOM   760  C CE3   . TRP B 2 94  ? -11.334 -0.132  -4.491  1.00 26.88 ? 94  TRP A CE3   1 
ATOM   761  C CZ2   . TRP B 2 94  ? -12.545 -2.695  -4.614  1.00 26.86 ? 94  TRP A CZ2   1 
ATOM   762  C CZ3   . TRP B 2 94  ? -10.562 -1.265  -4.466  1.00 26.74 ? 94  TRP A CZ3   1 
ATOM   763  C CH2   . TRP B 2 94  ? -11.160 -2.509  -4.506  1.00 27.50 ? 94  TRP A CH2   1 
ATOM   764  N N     . LEU B 2 95  ? -13.011 4.381   -1.543  1.00 27.47 ? 95  LEU A N     1 
ATOM   765  C CA    . LEU B 2 95  ? -12.564 5.751   -1.211  1.00 27.82 ? 95  LEU A CA    1 
ATOM   766  C C     . LEU B 2 95  ? -11.031 5.560   -1.207  1.00 27.62 ? 95  LEU A C     1 
ATOM   767  O O     . LEU B 2 95  ? -10.489 4.498   -0.757  1.00 28.85 ? 95  LEU A O     1 
ATOM   768  C CB    . LEU B 2 95  ? -13.038 6.221   0.163   1.00 29.40 ? 95  LEU A CB    1 
ATOM   769  C CG    . LEU B 2 95  ? -14.499 6.404   0.627   1.00 30.01 ? 95  LEU A CG    1 
ATOM   770  C CD1   . LEU B 2 95  ? -14.604 6.919   2.091   1.00 29.16 ? 95  LEU A CD1   1 
ATOM   771  C CD2   . LEU B 2 95  ? -14.865 7.658   -0.218  1.00 31.55 ? 95  LEU A CD2   1 
ATOM   772  N N     . ILE B 2 96  ? -10.250 6.467   -1.678  1.00 27.12 ? 96  ILE A N     1 
ATOM   773  C CA    . ILE B 2 96  ? -8.803  6.421   -1.785  1.00 26.60 ? 96  ILE A CA    1 
ATOM   774  C C     . ILE B 2 96  ? -8.144  7.641   -1.205  1.00 26.82 ? 96  ILE A C     1 
ATOM   775  O O     . ILE B 2 96  ? -8.489  8.794   -1.542  1.00 26.33 ? 96  ILE A O     1 
ATOM   776  C CB    . ILE B 2 96  ? -8.406  6.212   -3.285  1.00 27.21 ? 96  ILE A CB    1 
ATOM   777  C CG1   . ILE B 2 96  ? -9.277  5.029   -3.755  1.00 28.06 ? 96  ILE A CG1   1 
ATOM   778  C CG2   . ILE B 2 96  ? -6.895  5.917   -3.365  1.00 26.91 ? 96  ILE A CG2   1 
ATOM   779  C CD1   . ILE B 2 96  ? -9.323  4.523   -5.203  1.00 29.34 ? 96  ILE A CD1   1 
ATOM   780  N N     . TYR B 2 97  ? -7.230  7.316   -0.267  1.00 26.75 ? 97  TYR A N     1 
ATOM   781  C CA    . TYR B 2 97  ? -6.448  8.308   0.480   1.00 25.97 ? 97  TYR A CA    1 
ATOM   782  C C     . TYR B 2 97  ? -4.968  8.009   0.331   1.00 26.56 ? 97  TYR A C     1 
ATOM   783  O O     . TYR B 2 97  ? -4.382  6.944   -0.001  1.00 26.89 ? 97  TYR A O     1 
ATOM   784  C CB    . TYR B 2 97  ? -6.854  8.405   1.945   1.00 25.89 ? 97  TYR A CB    1 
ATOM   785  C CG    . TYR B 2 97  ? -8.139  9.112   2.307   1.00 26.47 ? 97  TYR A CG    1 
ATOM   786  C CD1   . TYR B 2 97  ? -9.387  8.529   1.996   1.00 27.18 ? 97  TYR A CD1   1 
ATOM   787  C CD2   . TYR B 2 97  ? -8.205  10.312  2.978   1.00 27.15 ? 97  TYR A CD2   1 
ATOM   788  C CE1   . TYR B 2 97  ? -10.609 9.110   2.287   1.00 27.37 ? 97  TYR A CE1   1 
ATOM   789  C CE2   . TYR B 2 97  ? -9.403  10.956  3.332   1.00 27.53 ? 97  TYR A CE2   1 
ATOM   790  C CZ    . TYR B 2 97  ? -10.590 10.336  2.967   1.00 28.30 ? 97  TYR A CZ    1 
ATOM   791  O OH    . TYR B 2 97  ? -11.802 10.917  3.325   1.00 29.90 ? 97  TYR A OH    1 
ATOM   792  N N     . LYS B 2 98  ? -4.296  9.140   0.635   1.00 27.63 ? 98  LYS A N     1 
ATOM   793  C CA    . LYS B 2 98  ? -2.808  9.071   0.576   1.00 28.42 ? 98  LYS A CA    1 
ATOM   794  C C     . LYS B 2 98  ? -2.204  9.713   1.819   1.00 27.77 ? 98  LYS A C     1 
ATOM   795  O O     . LYS B 2 98  ? -2.785  10.593  2.494   1.00 27.90 ? 98  LYS A O     1 
ATOM   796  C CB    . LYS B 2 98  ? -2.327  9.729   -0.704  1.00 28.96 ? 98  LYS A CB    1 
ATOM   797  C CG    . LYS B 2 98  ? -2.364  11.257  -0.680  1.00 31.28 ? 98  LYS A CG    1 
ATOM   798  C CD    . LYS B 2 98  ? -1.701  11.714  -1.958  1.00 33.65 ? 98  LYS A CD    1 
ATOM   799  C CE    . LYS B 2 98  ? -0.752  12.872  -1.771  1.00 36.11 ? 98  LYS A CE    1 
ATOM   800  N NZ    . LYS B 2 98  ? 0.176   12.762  -2.982  1.00 38.67 ? 98  LYS A NZ    1 
ATOM   801  N N     . THR B 2 99  ? -1.004  9.175   2.070   1.00 27.60 ? 99  THR A N     1 
ATOM   802  C CA    . THR B 2 99  ? -0.203  9.654   3.239   1.00 26.66 ? 99  THR A CA    1 
ATOM   803  C C     . THR B 2 99  ? 1.236   9.691   2.752   1.00 26.22 ? 99  THR A C     1 
ATOM   804  O O     . THR B 2 99  ? 1.614   8.744   2.074   1.00 26.21 ? 99  THR A O     1 
ATOM   805  C CB    . THR B 2 99  ? -0.327  8.873   4.609   1.00 25.92 ? 99  THR A CB    1 
ATOM   806  O OG1   . THR B 2 99  ? 0.505   9.475   5.654   1.00 25.99 ? 99  THR A OG1   1 
ATOM   807  C CG2   . THR B 2 99  ? -0.028  7.397   4.458   1.00 25.73 ? 99  THR A CG2   1 
ATOM   808  N N     . THR B 2 100 ? 1.884   10.776  3.107   1.00 26.70 ? 100 THR A N     1 
ATOM   809  C CA    . THR B 2 100 ? 3.314   10.867  2.752   1.00 27.29 ? 100 THR A CA    1 
ATOM   810  C C     . THR B 2 100 ? 4.076   10.979  4.055   1.00 26.72 ? 100 THR A C     1 
ATOM   811  O O     . THR B 2 100 ? 5.231   11.372  3.935   1.00 26.81 ? 100 THR A O     1 
ATOM   812  C CB    . THR B 2 100 ? 3.624   12.057  1.756   1.00 27.37 ? 100 THR A CB    1 
ATOM   813  O OG1   . THR B 2 100 ? 2.919   13.176  2.364   1.00 28.42 ? 100 THR A OG1   1 
ATOM   814  C CG2   . THR B 2 100 ? 2.802   11.842  0.453   1.00 28.52 ? 100 THR A CG2   1 
ATOM   815  N N     . ASP B 2 101 ? 3.423   10.702  5.194   1.00 26.89 ? 101 ASP A N     1 
ATOM   816  C CA    . ASP B 2 101 ? 4.223   10.890  6.437   1.00 25.70 ? 101 ASP A CA    1 
ATOM   817  C C     . ASP B 2 101 ? 3.964   9.792   7.426   1.00 25.11 ? 101 ASP A C     1 
ATOM   818  O O     . ASP B 2 101 ? 3.844   9.978   8.607   1.00 24.69 ? 101 ASP A O     1 
ATOM   819  C CB    . ASP B 2 101 ? 3.872   12.221  7.069   1.00 26.05 ? 101 ASP A CB    1 
ATOM   820  C CG    . ASP B 2 101 ? 2.367   12.290  7.273   1.00 26.77 ? 101 ASP A CG    1 
ATOM   821  O OD1   . ASP B 2 101 ? 1.623   11.340  7.037   1.00 27.61 ? 101 ASP A OD1   1 
ATOM   822  O OD2   . ASP B 2 101 ? 1.884   13.344  7.658   1.00 27.40 ? 101 ASP A OD2   1 
ATOM   823  N N     . HIS B 2 102 ? 3.844   8.637   6.898   1.00 25.75 ? 102 HIS A N     1 
ATOM   824  C CA    . HIS B 2 102 ? 3.654   7.366   7.629   1.00 26.62 ? 102 HIS A CA    1 
ATOM   825  C C     . HIS B 2 102 ? 2.468   7.482   8.546   1.00 28.38 ? 102 HIS A C     1 
ATOM   826  O O     . HIS B 2 102 ? 2.631   7.382   9.755   1.00 28.21 ? 102 HIS A O     1 
ATOM   827  C CB    . HIS B 2 102 ? 4.897   7.095   8.505   1.00 24.27 ? 102 HIS A CB    1 
ATOM   828  C CG    . HIS B 2 102 ? 4.944   5.609   8.735   1.00 23.74 ? 102 HIS A CG    1 
ATOM   829  N ND1   . HIS B 2 102 ? 4.639   5.075   9.982   1.00 23.36 ? 102 HIS A ND1   1 
ATOM   830  C CD2   . HIS B 2 102 ? 5.303   4.614   7.915   1.00 22.69 ? 102 HIS A CD2   1 
ATOM   831  C CE1   . HIS B 2 102 ? 4.802   3.766   9.875   1.00 23.96 ? 102 HIS A CE1   1 
ATOM   832  N NE2   . HIS B 2 102 ? 5.213   3.446   8.651   1.00 23.29 ? 102 HIS A NE2   1 
ATOM   833  N N     . TYR B 2 103 ? 1.327   7.717   7.896   1.00 30.26 ? 103 TYR A N     1 
ATOM   834  C CA    . TYR B 2 103 ? 0.026   7.844   8.561   1.00 31.24 ? 103 TYR A CA    1 
ATOM   835  C C     . TYR B 2 103 ? -0.120  9.022   9.555   1.00 32.53 ? 103 TYR A C     1 
ATOM   836  O O     . TYR B 2 103 ? -1.010  8.882   10.410  1.00 32.76 ? 103 TYR A O     1 
ATOM   837  C CB    . TYR B 2 103 ? -0.424  6.504   9.159   1.00 28.68 ? 103 TYR A CB    1 
ATOM   838  C CG    . TYR B 2 103 ? 0.011   5.275   8.428   1.00 27.88 ? 103 TYR A CG    1 
ATOM   839  C CD1   . TYR B 2 103 ? -0.623  4.726   7.328   1.00 27.29 ? 103 TYR A CD1   1 
ATOM   840  C CD2   . TYR B 2 103 ? 1.152   4.606   8.884   1.00 27.90 ? 103 TYR A CD2   1 
ATOM   841  C CE1   . TYR B 2 103 ? -0.150  3.532   6.763   1.00 26.62 ? 103 TYR A CE1   1 
ATOM   842  C CE2   . TYR B 2 103 ? 1.669   3.427   8.316   1.00 27.12 ? 103 TYR A CE2   1 
ATOM   843  C CZ    . TYR B 2 103 ? 0.976   2.920   7.225   1.00 26.71 ? 103 TYR A CZ    1 
ATOM   844  O OH    . TYR B 2 103 ? 1.406   1.737   6.670   1.00 27.55 ? 103 TYR A OH    1 
ATOM   845  N N     . GLN B 2 104 ? 0.659   10.050  9.382   1.00 34.03 ? 104 GLN A N     1 
ATOM   846  C CA    . GLN B 2 104 ? 0.477   11.173  10.327  1.00 37.29 ? 104 GLN A CA    1 
ATOM   847  C C     . GLN B 2 104 ? -0.759  11.909  9.775   1.00 36.84 ? 104 GLN A C     1 
ATOM   848  O O     . GLN B 2 104 ? -1.728  12.333  10.414  1.00 36.24 ? 104 GLN A O     1 
ATOM   849  C CB    . GLN B 2 104 ? 1.738   11.985  10.580  1.00 39.66 ? 104 GLN A CB    1 
ATOM   850  C CG    . GLN B 2 104 ? 2.843   11.436  11.415  1.00 44.30 ? 104 GLN A CG    1 
ATOM   851  C CD    . GLN B 2 104 ? 3.756   10.230  11.489  1.00 46.90 ? 104 GLN A CD    1 
ATOM   852  O OE1   . GLN B 2 104 ? 4.962   10.131  11.078  1.00 47.34 ? 104 GLN A OE1   1 
ATOM   853  N NE2   . GLN B 2 104 ? 3.269   9.098   12.115  1.00 47.76 ? 104 GLN A NE2   1 
ATOM   854  N N     . THR B 2 105 ? -0.769  12.107  8.478   1.00 36.68 ? 105 THR A N     1 
ATOM   855  C CA    . THR B 2 105 ? -1.862  12.818  7.791   1.00 36.07 ? 105 THR A CA    1 
ATOM   856  C C     . THR B 2 105 ? -2.189  12.117  6.474   1.00 35.65 ? 105 THR A C     1 
ATOM   857  O O     . THR B 2 105 ? -1.366  11.462  5.855   1.00 34.01 ? 105 THR A O     1 
ATOM   858  C CB    . THR B 2 105 ? -1.628  14.376  7.698   1.00 35.32 ? 105 THR A CB    1 
ATOM   859  O OG1   . THR B 2 105 ? -0.501  14.638  6.828   1.00 35.20 ? 105 THR A OG1   1 
ATOM   860  C CG2   . THR B 2 105 ? -1.650  15.139  8.994   1.00 35.12 ? 105 THR A CG2   1 
ATOM   861  N N     . PHE B 2 106 ? -3.463  12.302  6.109   1.00 36.68 ? 106 PHE A N     1 
ATOM   862  C CA    . PHE B 2 106 ? -4.011  11.715  4.866   1.00 37.44 ? 106 PHE A CA    1 
ATOM   863  C C     . PHE B 2 106 ? -4.796  12.731  4.062   1.00 39.14 ? 106 PHE A C     1 
ATOM   864  O O     . PHE B 2 106 ? -5.455  13.575  4.692   1.00 40.48 ? 106 PHE A O     1 
ATOM   865  C CB    . PHE B 2 106 ? -5.003  10.653  5.270   1.00 35.96 ? 106 PHE A CB    1 
ATOM   866  C CG    . PHE B 2 106 ? -4.523  9.583   6.203   1.00 34.51 ? 106 PHE A CG    1 
ATOM   867  C CD1   . PHE B 2 106 ? -3.940  8.450   5.619   1.00 33.79 ? 106 PHE A CD1   1 
ATOM   868  C CD2   . PHE B 2 106 ? -4.656  9.765   7.583   1.00 33.83 ? 106 PHE A CD2   1 
ATOM   869  C CE1   . PHE B 2 106 ? -3.526  7.440   6.477   1.00 34.07 ? 106 PHE A CE1   1 
ATOM   870  C CE2   . PHE B 2 106 ? -4.231  8.757   8.429   1.00 33.75 ? 106 PHE A CE2   1 
ATOM   871  C CZ    . PHE B 2 106 ? -3.677  7.582   7.873   1.00 34.11 ? 106 PHE A CZ    1 
ATOM   872  N N     . THR B 2 107 ? -4.761  12.567  2.776   1.00 40.84 ? 107 THR A N     1 
ATOM   873  C CA    . THR B 2 107 ? -5.433  13.410  1.764   1.00 41.72 ? 107 THR A CA    1 
ATOM   874  C C     . THR B 2 107 ? -6.310  12.520  0.868   1.00 41.78 ? 107 THR A C     1 
ATOM   875  O O     . THR B 2 107 ? -5.871  11.442  0.430   1.00 40.77 ? 107 THR A O     1 
ATOM   876  C CB    . THR B 2 107 ? -4.416  14.176  0.836   1.00 42.22 ? 107 THR A CB    1 
ATOM   877  O OG1   . THR B 2 107 ? -3.888  15.218  1.698   1.00 43.40 ? 107 THR A OG1   1 
ATOM   878  C CG2   . THR B 2 107 ? -4.806  14.741  -0.510  1.00 42.51 ? 107 THR A CG2   1 
ATOM   879  N N     . LYS B 2 108 ? -7.511  13.060  0.686   1.00 42.25 ? 108 LYS A N     1 
ATOM   880  C CA    . LYS B 2 108 ? -8.476  12.358  -0.163  1.00 42.97 ? 108 LYS A CA    1 
ATOM   881  C C     . LYS B 2 108 ? -7.937  12.429  -1.585  1.00 43.11 ? 108 LYS A C     1 
ATOM   882  O O     . LYS B 2 108 ? -7.428  13.486  -1.978  1.00 42.35 ? 108 LYS A O     1 
ATOM   883  C CB    . LYS B 2 108 ? -9.851  12.972  -0.039  1.00 44.25 ? 108 LYS A CB    1 
ATOM   884  C CG    . LYS B 2 108 ? -10.849 12.130  -0.878  1.00 46.64 ? 108 LYS A CG    1 
ATOM   885  C CD    . LYS B 2 108 ? -12.216 12.178  -0.204  1.00 48.29 ? 108 LYS A CD    1 
ATOM   886  C CE    . LYS B 2 108 ? -13.296 11.627  -1.136  1.00 50.05 ? 108 LYS A CE    1 
ATOM   887  N NZ    . LYS B 2 108 ? -14.226 10.819  -0.251  1.00 51.56 ? 108 LYS A NZ    1 
ATOM   888  N N     . ILE B 2 109 ? -7.996  11.354  -2.319  1.00 44.02 ? 109 ILE A N     1 
ATOM   889  C CA    . ILE B 2 109 ? -7.503  11.338  -3.702  1.00 45.79 ? 109 ILE A CA    1 
ATOM   890  C C     . ILE B 2 109 ? -8.787  11.030  -4.486  1.00 47.52 ? 109 ILE A C     1 
ATOM   891  O O     . ILE B 2 109 ? -9.153  11.642  -5.476  1.00 48.84 ? 109 ILE A O     1 
ATOM   892  C CB    . ILE B 2 109 ? -6.439  10.299  -4.084  1.00 45.29 ? 109 ILE A CB    1 
ATOM   893  C CG1   . ILE B 2 109 ? -5.036  10.147  -3.538  1.00 44.19 ? 109 ILE A CG1   1 
ATOM   894  C CG2   . ILE B 2 109 ? -6.718  9.540   -5.391  1.00 46.01 ? 109 ILE A CG2   1 
ATOM   895  C CD1   . ILE B 2 109 ? -4.333  8.813   -3.924  1.00 43.23 ? 109 ILE A CD1   1 
ATOM   896  N N     . ARG B 2 110 ? -9.424  10.028  -3.968  1.00 49.72 ? 110 ARG A N     1 
ATOM   897  C CA    . ARG B 2 110 ? -10.682 9.444   -4.471  1.00 52.00 ? 110 ARG A CA    1 
ATOM   898  C C     . ARG B 2 110 ? -11.581 9.138   -3.280  1.00 52.70 ? 110 ARG A C     1 
ATOM   899  O O     . ARG B 2 110 ? -11.279 8.179   -2.540  1.00 53.17 ? 110 ARG A O     1 
ATOM   900  C CB    . ARG B 2 110 ? -10.243 8.247   -5.317  1.00 53.40 ? 110 ARG A CB    1 
ATOM   901  C CG    . ARG B 2 110 ? -10.747 8.167   -6.764  1.00 54.48 ? 110 ARG A CG    1 
ATOM   902  C CD    . ARG B 2 110 ? -11.973 7.324   -6.704  1.00 56.14 ? 110 ARG A CD    1 
ATOM   903  N NE    . ARG B 2 110 ? -11.672 5.887   -6.886  1.00 57.70 ? 110 ARG A NE    1 
ATOM   904  C CZ    . ARG B 2 110 ? -12.681 5.184   -7.481  1.00 58.77 ? 110 ARG A CZ    1 
ATOM   905  N NH1   . ARG B 2 110 ? -13.839 5.848   -7.695  1.00 59.00 ? 110 ARG A NH1   1 
ATOM   906  N NH2   . ARG B 2 110 ? -12.541 3.911   -7.853  1.00 59.09 ? 110 ARG A NH2   1 
ATOM   907  O OXT   . ARG B 2 110 ? -12.583 9.804   -2.946  1.00 53.50 ? 110 ARG A OXT   1 
HETATM 908  S S     . SO4 C 3 .   ? 7.028   7.527   14.842  0.75 47.72 ? 150 SO4 C S     1 
HETATM 909  O O1    . SO4 C 3 .   ? 5.878   6.670   14.454  0.75 47.54 ? 150 SO4 C O1    1 
HETATM 910  O O2    . SO4 C 3 .   ? 6.531   8.564   15.841  0.75 48.78 ? 150 SO4 C O2    1 
HETATM 911  O O3    . SO4 C 3 .   ? 8.155   6.783   15.445  0.75 47.34 ? 150 SO4 C O3    1 
HETATM 912  O O4    . SO4 C 3 .   ? 7.463   8.363   13.674  0.75 48.10 ? 150 SO4 C O4    1 
HETATM 913  O O     . HOH D 4 .   ? 12.904  -3.477  5.012   1.00 25.96 ? 205 HOH C O     1 
HETATM 914  O O     . HOH D 4 .   ? 15.944  -1.744  11.449  1.00 51.28 ? 235 HOH C O     1 
HETATM 915  O O     . HOH D 4 .   ? 12.729  3.635   10.695  1.00 42.69 ? 240 HOH C O     1 
HETATM 916  O O     . HOH D 4 .   ? 5.333   3.421   15.464  1.00 54.82 ? 243 HOH C O     1 
HETATM 917  O O     . HOH D 4 .   ? 4.249   -0.845  11.790  1.00 37.78 ? 254 HOH C O     1 
HETATM 918  O O     . HOH D 4 .   ? 5.529   8.392   12.769  1.00 51.37 ? 257 HOH C O     1 
HETATM 919  O O     . HOH D 4 .   ? 4.352   9.463   14.793  1.00 47.87 ? 275 HOH C O     1 
HETATM 920  O O     . HOH D 4 .   ? 4.383   6.261   12.369  1.00 59.02 ? 322 HOH C O     1 
HETATM 921  O O     . HOH E 4 .   ? 1.651   -1.244  2.817   1.00 17.30 ? 200 HOH A O     1 
HETATM 922  O O     . HOH E 4 .   ? 0.353   -4.060  2.933   1.00 27.62 ? 201 HOH A O     1 
HETATM 923  O O     . HOH E 4 .   ? 10.876  -2.579  -6.374  1.00 42.00 ? 202 HOH A O     1 
HETATM 924  O O     . HOH E 4 .   ? -8.365  15.476  1.625   1.00 42.14 ? 203 HOH A O     1 
HETATM 925  O O     . HOH E 4 .   ? 16.702  -14.356 4.409   1.00 49.17 ? 204 HOH A O     1 
HETATM 926  O O     . HOH E 4 .   ? 5.727   1.339   -4.575  1.00 24.07 ? 206 HOH A O     1 
HETATM 927  O O     . HOH E 4 .   ? 7.422   -1.910  -0.522  1.00 20.24 ? 207 HOH A O     1 
HETATM 928  O O     . HOH E 4 .   ? 0.487   -10.125 4.983   1.00 34.01 ? 208 HOH A O     1 
HETATM 929  O O     . HOH E 4 .   ? 7.907   1.951   0.774   1.00 16.03 ? 209 HOH A O     1 
HETATM 930  O O     . HOH E 4 .   ? -13.354 -4.722  -12.758 1.00 45.13 ? 210 HOH A O     1 
HETATM 931  O O     . HOH E 4 .   ? -2.922  3.324   -13.429 1.00 32.74 ? 211 HOH A O     1 
HETATM 932  O O     . HOH E 4 .   ? -6.581  -7.674  2.825   1.00 41.86 ? 212 HOH A O     1 
HETATM 933  O O     . HOH E 4 .   ? -6.327  -5.588  -2.307  1.00 38.40 ? 213 HOH A O     1 
HETATM 934  O O     . HOH E 4 .   ? -10.131 -2.417  1.456   1.00 30.88 ? 214 HOH A O     1 
HETATM 935  O O     . HOH E 4 .   ? 1.511   10.269  -8.743  1.00 47.82 ? 215 HOH A O     1 
HETATM 936  O O     . HOH E 4 .   ? 4.299   -10.078 8.104   1.00 43.86 ? 216 HOH A O     1 
HETATM 937  O O     . HOH E 4 .   ? -13.908 -6.220  1.635   1.00 58.14 ? 218 HOH A O     1 
HETATM 938  O O     . HOH E 4 .   ? -12.492 13.395  3.832   1.00 48.69 ? 219 HOH A O     1 
HETATM 939  O O     . HOH E 4 .   ? 3.815   8.993   -6.600  1.00 31.19 ? 220 HOH A O     1 
HETATM 940  O O     . HOH E 4 .   ? -3.703  -8.171  6.378   1.00 50.22 ? 221 HOH A O     1 
HETATM 941  O O     . HOH E 4 .   ? -5.451  -6.606  -4.490  1.00 28.26 ? 222 HOH A O     1 
HETATM 942  O O     . HOH E 4 .   ? 9.221   -1.027  -7.488  1.00 28.38 ? 223 HOH A O     1 
HETATM 943  O O     . HOH E 4 .   ? 12.624  2.475   6.642   1.00 23.58 ? 225 HOH A O     1 
HETATM 944  O O     . HOH E 4 .   ? -9.934  -1.786  8.201   1.00 26.24 ? 226 HOH A O     1 
HETATM 945  O O     . HOH E 4 .   ? 13.398  -3.797  2.184   1.00 20.25 ? 227 HOH A O     1 
HETATM 946  O O     . HOH E 4 .   ? 0.427   12.977  4.565   1.00 53.94 ? 228 HOH A O     1 
HETATM 947  O O     . HOH E 4 .   ? 8.945   9.134   -1.072  1.00 34.04 ? 229 HOH A O     1 
HETATM 948  O O     . HOH E 4 .   ? -0.512  -5.461  -12.960 1.00 57.79 ? 230 HOH A O     1 
HETATM 949  O O     . HOH E 4 .   ? -4.994  13.910  8.201   1.00 38.60 ? 231 HOH A O     1 
HETATM 950  O O     . HOH E 4 .   ? -0.912  -7.626  -2.701  1.00 35.02 ? 232 HOH A O     1 
HETATM 951  O O     . HOH E 4 .   ? 6.945   -2.438  -7.396  1.00 26.79 ? 233 HOH A O     1 
HETATM 952  O O     . HOH E 4 .   ? 0.809   15.036  0.728   1.00 57.95 ? 236 HOH A O     1 
HETATM 953  O O     . HOH E 4 .   ? -7.179  2.798   -15.663 1.00 48.80 ? 237 HOH A O     1 
HETATM 954  O O     . HOH E 4 .   ? 7.084   10.986  1.858   1.00 38.59 ? 238 HOH A O     1 
HETATM 955  O O     . HOH E 4 .   ? -14.474 -1.503  -14.727 1.00 48.42 ? 239 HOH A O     1 
HETATM 956  O O     . HOH E 4 .   ? -14.000 1.602   8.738   1.00 36.84 ? 241 HOH A O     1 
HETATM 957  O O     . HOH E 4 .   ? -4.896  -7.365  -0.511  1.00 39.17 ? 242 HOH A O     1 
HETATM 958  O O     . HOH E 4 .   ? -10.970 -3.379  -1.458  1.00 43.59 ? 245 HOH A O     1 
HETATM 959  O O     . HOH E 4 .   ? 5.499   -15.863 5.250   1.00 43.88 ? 246 HOH A O     1 
HETATM 960  O O     . HOH E 4 .   ? 14.012  6.640   -4.429  1.00 52.41 ? 247 HOH A O     1 
HETATM 961  O O     . HOH E 4 .   ? -9.122  -8.118  -4.998  1.00 44.96 ? 248 HOH A O     1 
HETATM 962  O O     . HOH E 4 .   ? -3.045  -1.648  10.945  1.00 38.36 ? 249 HOH A O     1 
HETATM 963  O O     . HOH E 4 .   ? -14.510 10.710  2.226   1.00 42.60 ? 250 HOH A O     1 
HETATM 964  O O     . HOH E 4 .   ? -7.510  10.115  15.712  1.00 35.77 ? 251 HOH A O     1 
HETATM 965  O O     . HOH E 4 .   ? -16.297 9.979   3.816   1.00 44.49 ? 252 HOH A O     1 
HETATM 966  O O     . HOH E 4 .   ? 5.026   -12.315 -10.048 1.00 45.79 ? 253 HOH A O     1 
HETATM 967  O O     . HOH E 4 .   ? -7.003  0.854   -17.959 1.00 32.06 ? 255 HOH A O     1 
HETATM 968  O O     . HOH E 4 .   ? 10.260  6.991   -1.722  1.00 54.66 ? 256 HOH A O     1 
HETATM 969  O O     . HOH E 4 .   ? -3.715  -2.310  14.584  1.00 48.36 ? 258 HOH A O     1 
HETATM 970  O O     . HOH E 4 .   ? -0.397  -10.545 -3.563  1.00 44.13 ? 259 HOH A O     1 
HETATM 971  O O     . HOH E 4 .   ? -14.514 2.075   -8.625  1.00 39.04 ? 260 HOH A O     1 
HETATM 972  O O     . HOH E 4 .   ? -0.678  -13.438 2.767   1.00 50.69 ? 261 HOH A O     1 
HETATM 973  O O     . HOH E 4 .   ? 11.031  7.950   5.037   1.00 51.11 ? 262 HOH A O     1 
HETATM 974  O O     . HOH E 4 .   ? -17.375 7.841   4.539   1.00 44.75 ? 263 HOH A O     1 
HETATM 975  O O     . HOH E 4 .   ? 8.831   8.613   2.139   1.00 35.23 ? 264 HOH A O     1 
HETATM 976  O O     . HOH E 4 .   ? -18.744 6.623   2.455   1.00 45.48 ? 265 HOH A O     1 
HETATM 977  O O     . HOH E 4 .   ? -18.585 -2.832  -0.348  1.00 60.09 ? 266 HOH A O     1 
HETATM 978  O O     . HOH E 4 .   ? -20.905 1.647   0.858   1.00 51.57 ? 267 HOH A O     1 
HETATM 979  O O     . HOH E 4 .   ? -4.402  1.117   -19.838 1.00 48.73 ? 268 HOH A O     1 
HETATM 980  O O     . HOH E 4 .   ? -6.676  3.289   -20.590 1.00 55.73 ? 269 HOH A O     1 
HETATM 981  O O     . HOH E 4 .   ? 15.955  -3.683  -0.941  1.00 31.79 ? 270 HOH A O     1 
HETATM 982  O O     . HOH E 4 .   ? 12.441  -14.126 5.132   1.00 47.94 ? 271 HOH A O     1 
HETATM 983  O O     . HOH E 4 .   ? -23.037 0.527   7.164   1.00 46.17 ? 273 HOH A O     1 
HETATM 984  O O     . HOH E 4 .   ? 6.115   11.506  -2.107  1.00 45.87 ? 301 HOH A O     1 
HETATM 985  O O     . HOH E 4 .   ? -5.259  1.446   -15.090 1.00 80.53 ? 302 HOH A O     1 
HETATM 986  O O     . HOH E 4 .   ? -6.846  15.635  9.383   1.00 46.79 ? 303 HOH A O     1 
HETATM 987  O O     . HOH E 4 .   ? -5.246  9.923   -9.911  1.00 51.80 ? 304 HOH A O     1 
HETATM 988  O O     . HOH E 4 .   ? -1.609  -3.088  7.404   1.00 41.67 ? 305 HOH A O     1 
HETATM 989  O O     . HOH E 4 .   ? 19.576  -1.867  -0.235  1.00 46.36 ? 306 HOH A O     1 
HETATM 990  O O     . HOH E 4 .   ? -9.201  14.296  5.208   1.00 62.04 ? 307 HOH A O     1 
HETATM 991  O O     . HOH E 4 .   ? -1.063  13.721  1.676   1.00 57.14 ? 308 HOH A O     1 
HETATM 992  O O     . HOH E 4 .   ? -12.314 8.307   18.755  1.00 43.66 ? 309 HOH A O     1 
HETATM 993  O O     . HOH E 4 .   ? 2.038   9.288   -12.380 1.00 56.44 ? 310 HOH A O     1 
HETATM 994  O O     . HOH E 4 .   ? -6.641  7.564   19.188  1.00 55.54 ? 312 HOH A O     1 
HETATM 995  O O     . HOH E 4 .   ? -5.374  10.349  11.616  1.00 49.47 ? 313 HOH A O     1 
HETATM 996  O O     . HOH E 4 .   ? -3.124  10.283  13.176  1.00 60.61 ? 314 HOH A O     1 
HETATM 997  O O     . HOH E 4 .   ? -17.275 -2.246  2.469   1.00 48.26 ? 315 HOH A O     1 
HETATM 998  O O     . HOH E 4 .   ? 14.814  -16.851 1.242   1.00 65.69 ? 317 HOH A O     1 
HETATM 999  O O     . HOH E 4 .   ? -9.395  8.437   17.780  1.00 71.08 ? 318 HOH A O     1 
HETATM 1000 O O     . HOH E 4 .   ? -9.292  -4.173  9.953   1.00 87.95 ? 319 HOH A O     1 
HETATM 1001 O O     . HOH E 4 .   ? -13.998 6.008   11.987  1.00 41.43 ? 320 HOH A O     1 
HETATM 1002 O O     . HOH E 4 .   ? 20.121  -3.785  1.301   1.00 71.95 ? 324 HOH A O     1 
HETATM 1003 O O     . HOH E 4 .   ? -12.011 -6.807  -7.329  1.00 55.47 ? 325 HOH A O     1 
HETATM 1004 O O     . HOH E 4 .   ? 11.732  -5.043  -5.103  1.00 81.06 ? 328 HOH A O     1 
HETATM 1005 O O     . HOH E 4 .   ? -2.130  11.984  -6.752  1.00 50.41 ? 329 HOH A O     1 
HETATM 1006 O O     . HOH E 4 .   ? -11.563 13.124  -5.123  1.00 80.77 ? 330 HOH A O     1 
HETATM 1007 O O     . HOH E 4 .   ? 5.017   5.248   -15.510 1.00 79.90 ? 331 HOH A O     1 
HETATM 1008 O O     . HOH E 4 .   ? -15.443 -5.037  4.302   1.00 47.12 ? 332 HOH A O     1 
# 
